data_6ZNR
#
_entry.id   6ZNR
#
_cell.length_a   129.240
_cell.length_b   183.116
_cell.length_c   119.527
_cell.angle_alpha   90.000
_cell.angle_beta   117.080
_cell.angle_gamma   90.000
#
_symmetry.space_group_name_H-M   'C 1 2 1'
#
loop_
_entity.id
_entity.type
_entity.pdbx_description
1 polymer 'Malate dehydrogenase'
2 water water
#
_entity_poly.entity_id   1
_entity_poly.type   'polypeptide(L)'
_entity_poly.pdbx_seq_one_letter_code
;MGSSHHHHHHSSGLVPAGSHSKVFIRSAINRVHQNSAANGGELPRIVFPEGTSTKVLKALATLVEEKICQPILLGYPERV
KEKIKALDIPLLNDVSIVHPSSHPKYFSFVEKLYSLAQRKGINLGEAERLMADPNYFAAMMVNQGEADGMVSGSSINYAD
AVRPILQTIGVYKEGIPAGLNFVLLEDKFLVLADTTVNLNPTAEQCAQIALQAAKIVEYFGIEPRVAMLSYSNFSGAEGT
PRKMKKAAEIARSLRPDLMIEGDMQADTAVNPEIMERLFPFSGLKGGANVLVFPNLESSNIAYKLIQQIGKAEVIGPFLT
GVRRSANVLQRTTTVDGIVNSVVFTALEAQYIKEVLKSRGKK
;
_entity_poly.pdbx_strand_id   A,B,D,F,E,C
#
# COMPACT_ATOMS: atom_id res chain seq x y z
N SER A 21 33.34 35.66 9.70
CA SER A 21 32.63 36.11 10.91
C SER A 21 31.71 37.24 10.55
N LYS A 22 31.92 38.40 11.22
CA LYS A 22 31.22 39.64 10.84
C LYS A 22 31.84 40.29 9.60
N VAL A 23 32.98 39.79 9.12
CA VAL A 23 33.51 40.29 7.85
C VAL A 23 32.52 39.98 6.74
N PHE A 24 31.94 38.77 6.77
CA PHE A 24 30.97 38.38 5.76
C PHE A 24 29.73 39.27 5.84
N ILE A 25 29.32 39.67 7.05
CA ILE A 25 28.08 40.42 7.19
C ILE A 25 28.22 41.89 6.77
N ARG A 26 29.33 42.57 7.10
CA ARG A 26 29.45 43.96 6.63
C ARG A 26 29.83 44.01 5.15
N SER A 27 30.50 43.00 4.64
CA SER A 27 30.66 42.89 3.21
C SER A 27 29.29 42.92 2.53
N ALA A 28 28.32 42.21 3.11
CA ALA A 28 26.94 42.27 2.60
C ALA A 28 26.32 43.64 2.83
N ILE A 29 26.54 44.24 4.01
CA ILE A 29 26.02 45.58 4.28
C ILE A 29 26.58 46.58 3.27
N ASN A 30 27.86 46.47 2.94
CA ASN A 30 28.44 47.36 1.95
C ASN A 30 27.86 47.08 0.57
N ARG A 31 27.60 45.80 0.27
CA ARG A 31 27.04 45.49 -1.04
C ARG A 31 25.65 46.09 -1.19
N VAL A 32 24.88 46.18 -0.11
CA VAL A 32 23.59 46.87 -0.13
C VAL A 32 23.78 48.35 -0.41
N HIS A 33 24.79 48.96 0.23
CA HIS A 33 25.07 50.38 0.01
C HIS A 33 25.56 50.65 -1.40
N GLN A 34 26.48 49.82 -1.94
CA GLN A 34 26.92 50.13 -3.29
C GLN A 34 25.70 50.00 -4.20
N ASN A 35 24.78 49.08 -3.85
CA ASN A 35 23.60 48.82 -4.68
C ASN A 35 22.60 49.97 -4.65
N SER A 36 22.30 50.54 -3.47
CA SER A 36 21.39 51.69 -3.44
C SER A 36 21.98 52.84 -4.22
N ALA A 37 23.24 53.19 -3.89
CA ALA A 37 23.93 54.16 -4.72
C ALA A 37 24.04 53.59 -6.13
N ALA A 38 24.21 54.48 -7.12
CA ALA A 38 24.21 54.10 -8.54
C ALA A 38 22.86 53.57 -8.98
N ASN A 39 21.84 53.73 -8.14
CA ASN A 39 20.47 53.40 -8.44
C ASN A 39 19.55 54.55 -8.03
N GLY A 40 20.08 55.48 -7.24
CA GLY A 40 19.37 56.65 -6.76
C GLY A 40 19.42 56.84 -5.26
N GLY A 41 20.15 55.97 -4.55
CA GLY A 41 20.21 55.97 -3.09
C GLY A 41 19.00 55.42 -2.39
N GLU A 42 18.08 54.78 -3.11
CA GLU A 42 16.78 54.38 -2.56
C GLU A 42 17.04 53.16 -1.69
N LEU A 43 16.28 53.00 -0.65
CA LEU A 43 16.50 51.75 0.04
C LEU A 43 15.32 50.81 -0.20
N PRO A 44 15.55 49.50 -0.28
CA PRO A 44 14.42 48.59 -0.51
C PRO A 44 13.42 48.74 0.62
N ARG A 45 12.13 48.79 0.25
CA ARG A 45 11.06 48.80 1.21
C ARG A 45 10.81 47.38 1.69
N ILE A 46 11.02 47.14 2.98
CA ILE A 46 10.84 45.85 3.59
C ILE A 46 9.70 45.95 4.59
N VAL A 47 8.67 45.11 4.42
CA VAL A 47 7.53 45.09 5.33
C VAL A 47 7.73 44.04 6.42
N PHE A 48 7.37 44.36 7.65
CA PHE A 48 7.45 43.44 8.78
C PHE A 48 6.06 43.21 9.35
N PRO A 49 5.44 42.05 9.10
CA PRO A 49 4.08 41.81 9.60
C PRO A 49 3.94 41.93 11.10
N GLU A 50 5.00 41.63 11.85
CA GLU A 50 4.97 41.60 13.31
C GLU A 50 5.42 42.96 13.86
N GLY A 51 4.54 43.96 13.67
CA GLY A 51 4.90 45.33 14.02
C GLY A 51 5.18 45.58 15.49
N THR A 52 4.64 44.75 16.38
CA THR A 52 4.83 44.91 17.82
C THR A 52 5.86 43.95 18.40
N SER A 53 6.51 43.13 17.58
CA SER A 53 7.49 42.16 18.07
C SER A 53 8.72 42.86 18.68
N THR A 54 8.99 42.54 19.96
CA THR A 54 10.14 43.12 20.68
C THR A 54 11.44 42.89 19.91
N LYS A 55 11.67 41.64 19.51
CA LYS A 55 12.88 41.26 18.79
C LYS A 55 12.98 41.94 17.43
N VAL A 56 11.86 42.09 16.72
CA VAL A 56 11.90 42.79 15.44
C VAL A 56 12.25 44.27 15.65
N LEU A 57 11.67 44.90 16.68
CA LEU A 57 11.89 46.32 16.86
C LEU A 57 13.32 46.61 17.29
N LYS A 58 13.86 45.81 18.22
CA LYS A 58 15.25 45.97 18.66
C LYS A 58 16.21 45.75 17.49
N ALA A 59 15.92 44.80 16.62
CA ALA A 59 16.77 44.58 15.45
C ALA A 59 16.71 45.77 14.50
N LEU A 60 15.53 46.33 14.30
CA LEU A 60 15.39 47.43 13.36
C LEU A 60 16.13 48.68 13.85
N ALA A 61 16.26 48.84 15.17
CA ALA A 61 17.07 49.92 15.72
C ALA A 61 18.49 49.88 15.14
N THR A 62 19.14 48.73 15.22
CA THR A 62 20.46 48.54 14.62
C THR A 62 20.44 48.83 13.11
N LEU A 63 19.39 48.41 12.41
CA LEU A 63 19.41 48.45 10.95
C LEU A 63 19.16 49.83 10.33
N VAL A 64 18.54 50.77 11.04
CA VAL A 64 18.26 52.07 10.41
C VAL A 64 19.49 52.97 10.40
N GLU A 65 20.34 52.85 11.40
CA GLU A 65 21.69 53.43 11.39
C GLU A 65 22.47 53.02 10.15
N GLU A 66 22.42 51.73 9.83
CA GLU A 66 23.22 51.20 8.74
C GLU A 66 22.57 51.47 7.40
N LYS A 67 21.38 52.08 7.40
CA LYS A 67 20.68 52.46 6.19
C LYS A 67 20.56 51.27 5.24
N ILE A 68 19.94 50.22 5.78
CA ILE A 68 19.78 48.98 5.03
C ILE A 68 18.44 48.95 4.30
N CYS A 69 17.35 49.43 4.90
CA CYS A 69 16.03 49.34 4.29
C CYS A 69 15.10 50.40 4.87
N GLN A 70 14.01 50.70 4.14
CA GLN A 70 12.85 51.29 4.82
C GLN A 70 11.99 50.20 5.42
N PRO A 71 11.95 50.06 6.74
CA PRO A 71 10.99 49.11 7.33
C PRO A 71 9.59 49.69 7.23
N ILE A 72 8.64 48.83 6.88
CA ILE A 72 7.23 49.16 6.98
C ILE A 72 6.68 48.20 8.01
N LEU A 73 6.20 48.73 9.13
CA LEU A 73 5.65 47.90 10.18
C LEU A 73 4.15 47.77 9.99
N LEU A 74 3.63 46.57 10.22
CA LEU A 74 2.20 46.33 10.15
C LEU A 74 1.61 46.18 11.54
N GLY A 75 0.46 46.78 11.75
CA GLY A 75 -0.22 46.73 13.03
C GLY A 75 -1.08 47.97 13.19
N TYR A 76 -1.80 48.02 14.30
CA TYR A 76 -2.49 49.24 14.65
C TYR A 76 -1.47 50.31 15.06
N PRO A 77 -1.41 51.45 14.38
CA PRO A 77 -0.39 52.48 14.67
C PRO A 77 -0.19 52.77 16.15
N GLU A 78 -1.27 52.96 16.90
CA GLU A 78 -1.11 53.31 18.31
C GLU A 78 -0.41 52.19 19.09
N ARG A 79 -0.82 50.93 18.85
CA ARG A 79 -0.20 49.80 19.52
C ARG A 79 1.28 49.69 19.19
N VAL A 80 1.63 49.91 17.93
CA VAL A 80 3.02 49.80 17.51
C VAL A 80 3.86 50.92 18.13
N LYS A 81 3.32 52.14 18.15
CA LYS A 81 4.08 53.25 18.66
C LYS A 81 4.31 53.12 20.18
N GLU A 82 3.34 52.59 20.96
CA GLU A 82 3.59 52.57 22.41
C GLU A 82 4.65 51.52 22.69
N LYS A 83 4.69 50.43 21.88
CA LYS A 83 5.72 49.40 22.03
C LYS A 83 7.08 49.99 21.72
N ILE A 84 7.17 50.84 20.69
CA ILE A 84 8.42 51.53 20.39
C ILE A 84 8.80 52.43 21.57
N LYS A 85 7.80 53.08 22.17
CA LYS A 85 8.07 53.98 23.29
C LYS A 85 8.33 53.21 24.58
N ALA A 86 7.64 52.09 24.79
CA ALA A 86 7.93 51.22 25.94
C ALA A 86 9.39 50.74 25.92
N LEU A 87 9.86 50.32 24.76
CA LEU A 87 11.21 49.81 24.63
C LEU A 87 12.27 50.90 24.56
N ASP A 88 11.85 52.17 24.48
CA ASP A 88 12.77 53.30 24.41
C ASP A 88 13.74 53.16 23.23
N ILE A 89 13.17 53.15 22.03
CA ILE A 89 13.96 53.11 20.82
C ILE A 89 13.68 54.39 20.04
N PRO A 90 14.39 55.48 20.33
CA PRO A 90 13.99 56.78 19.78
C PRO A 90 14.09 56.82 18.27
N LEU A 91 14.92 55.97 17.69
CA LEU A 91 15.20 56.02 16.26
C LEU A 91 14.13 55.36 15.40
N LEU A 92 13.08 54.78 15.97
CA LEU A 92 12.02 54.25 15.13
C LEU A 92 10.79 55.17 15.12
N ASN A 93 10.91 56.40 15.64
CA ASN A 93 9.73 57.24 15.80
C ASN A 93 9.20 57.87 14.50
N ASP A 94 9.84 57.72 13.33
CA ASP A 94 9.08 58.01 12.12
C ASP A 94 9.15 56.90 11.06
N VAL A 95 9.38 55.64 11.46
CA VAL A 95 9.21 54.47 10.58
C VAL A 95 7.76 54.40 10.10
N SER A 96 7.56 53.99 8.86
CA SER A 96 6.20 53.92 8.35
C SER A 96 5.42 52.79 9.03
N ILE A 97 4.16 53.05 9.35
CA ILE A 97 3.30 52.05 10.00
C ILE A 97 2.00 51.95 9.22
N VAL A 98 1.59 50.72 8.89
CA VAL A 98 0.43 50.47 8.04
C VAL A 98 -0.50 49.48 8.73
N HIS A 99 -1.78 49.85 8.83
CA HIS A 99 -2.83 48.96 9.33
C HIS A 99 -3.57 48.33 8.16
N PRO A 100 -3.43 47.02 7.92
CA PRO A 100 -3.96 46.42 6.67
C PRO A 100 -5.38 46.80 6.28
N SER A 101 -6.35 46.62 7.17
CA SER A 101 -7.73 46.87 6.77
C SER A 101 -8.07 48.35 6.62
N SER A 102 -7.18 49.27 7.04
CA SER A 102 -7.39 50.70 6.77
C SER A 102 -6.66 51.18 5.53
N HIS A 103 -5.78 50.38 4.96
CA HIS A 103 -4.94 50.82 3.84
C HIS A 103 -5.79 51.01 2.58
N PRO A 104 -5.46 52.00 1.76
CA PRO A 104 -6.29 52.25 0.57
C PRO A 104 -6.37 51.05 -0.37
N LYS A 105 -5.34 50.20 -0.41
CA LYS A 105 -5.35 49.10 -1.36
C LYS A 105 -5.99 47.82 -0.81
N TYR A 106 -6.49 47.86 0.43
CA TYR A 106 -7.04 46.67 1.08
C TYR A 106 -8.12 46.01 0.25
N PHE A 107 -9.13 46.78 -0.16
CA PHE A 107 -10.25 46.18 -0.85
C PHE A 107 -9.80 45.53 -2.15
N SER A 108 -8.92 46.20 -2.89
CA SER A 108 -8.42 45.62 -4.13
C SER A 108 -7.59 44.37 -3.87
N PHE A 109 -6.84 44.35 -2.76
CA PHE A 109 -6.09 43.17 -2.36
C PHE A 109 -7.03 42.01 -2.01
N VAL A 110 -8.10 42.29 -1.26
CA VAL A 110 -9.06 41.26 -0.92
C VAL A 110 -9.57 40.59 -2.17
N GLU A 111 -9.97 41.41 -3.15
CA GLU A 111 -10.47 40.83 -4.38
C GLU A 111 -9.41 40.07 -5.20
N LYS A 112 -8.13 40.42 -5.15
CA LYS A 112 -7.19 39.62 -5.95
C LYS A 112 -7.02 38.24 -5.28
N LEU A 113 -6.97 38.23 -3.94
CA LEU A 113 -6.88 36.97 -3.23
C LEU A 113 -8.16 36.15 -3.42
N TYR A 114 -9.32 36.81 -3.39
CA TYR A 114 -10.57 36.08 -3.59
C TYR A 114 -10.61 35.41 -4.95
N SER A 115 -10.23 36.14 -6.00
CA SER A 115 -10.25 35.55 -7.33
C SER A 115 -9.29 34.36 -7.43
N LEU A 116 -8.15 34.41 -6.74
CA LEU A 116 -7.19 33.31 -6.76
C LEU A 116 -7.62 32.13 -5.91
N ALA A 117 -8.45 32.34 -4.89
CA ALA A 117 -8.69 31.34 -3.86
C ALA A 117 -10.14 30.88 -3.80
N GLN A 118 -11.02 31.40 -4.67
CA GLN A 118 -12.43 31.14 -4.53
C GLN A 118 -12.79 29.68 -4.88
N ARG A 119 -11.91 28.96 -5.57
CA ARG A 119 -12.11 27.53 -5.79
C ARG A 119 -11.18 26.68 -4.92
N LYS A 120 -10.55 27.30 -3.92
CA LYS A 120 -9.78 26.60 -2.91
C LYS A 120 -10.44 26.73 -1.54
N GLY A 121 -11.76 26.96 -1.53
CA GLY A 121 -12.56 26.90 -0.33
C GLY A 121 -12.60 28.20 0.45
N ILE A 122 -12.37 29.33 -0.19
CA ILE A 122 -12.25 30.61 0.50
C ILE A 122 -13.33 31.53 -0.05
N ASN A 123 -14.30 31.87 0.78
CA ASN A 123 -15.34 32.81 0.36
C ASN A 123 -14.86 34.25 0.61
N LEU A 124 -15.68 35.21 0.22
CA LEU A 124 -15.26 36.61 0.22
C LEU A 124 -14.99 37.12 1.63
N GLY A 125 -15.83 36.74 2.60
CA GLY A 125 -15.59 37.15 3.98
C GLY A 125 -14.28 36.61 4.52
N GLU A 126 -13.94 35.38 4.16
CA GLU A 126 -12.70 34.78 4.59
C GLU A 126 -11.50 35.40 3.87
N ALA A 127 -11.66 35.78 2.61
CA ALA A 127 -10.62 36.56 1.95
C ALA A 127 -10.40 37.91 2.68
N GLU A 128 -11.48 38.53 3.18
CA GLU A 128 -11.35 39.76 3.95
C GLU A 128 -10.58 39.53 5.24
N ARG A 129 -10.89 38.43 5.96
CA ARG A 129 -10.20 38.18 7.21
C ARG A 129 -8.73 37.82 6.97
N LEU A 130 -8.45 37.06 5.90
CA LEU A 130 -7.07 36.70 5.63
C LEU A 130 -6.25 37.93 5.28
N MET A 131 -6.82 38.81 4.44
CA MET A 131 -6.10 39.99 4.01
C MET A 131 -5.94 41.01 5.14
N ALA A 132 -6.78 40.93 6.18
CA ALA A 132 -6.57 41.76 7.35
C ALA A 132 -5.45 41.23 8.23
N ASP A 133 -5.07 39.99 8.05
CA ASP A 133 -3.92 39.44 8.77
C ASP A 133 -2.62 39.99 8.17
N PRO A 134 -1.72 40.52 8.99
CA PRO A 134 -0.50 41.14 8.45
C PRO A 134 0.34 40.25 7.55
N ASN A 135 0.43 38.93 7.84
CA ASN A 135 1.25 38.07 6.99
C ASN A 135 0.75 38.02 5.55
N TYR A 136 -0.58 37.93 5.35
CA TYR A 136 -1.14 37.94 4.02
C TYR A 136 -1.05 39.32 3.36
N PHE A 137 -1.37 40.38 4.12
CA PHE A 137 -1.23 41.72 3.55
C PHE A 137 0.21 41.98 3.13
N ALA A 138 1.19 41.56 3.95
CA ALA A 138 2.59 41.74 3.58
C ALA A 138 2.92 41.00 2.29
N ALA A 139 2.51 39.73 2.20
CA ALA A 139 2.78 38.97 0.98
C ALA A 139 2.13 39.65 -0.23
N MET A 140 0.89 40.13 -0.06
CA MET A 140 0.24 40.82 -1.17
C MET A 140 0.95 42.11 -1.52
N MET A 141 1.41 42.88 -0.52
CA MET A 141 2.19 44.10 -0.79
C MET A 141 3.43 43.78 -1.62
N VAL A 142 4.16 42.72 -1.26
CA VAL A 142 5.35 42.36 -2.01
C VAL A 142 4.97 41.88 -3.40
N ASN A 143 3.95 41.03 -3.49
CA ASN A 143 3.50 40.55 -4.79
C ASN A 143 3.11 41.70 -5.72
N GLN A 144 2.44 42.72 -5.18
CA GLN A 144 1.91 43.83 -5.99
C GLN A 144 2.87 44.99 -6.13
N GLY A 145 4.11 44.89 -5.66
CA GLY A 145 5.08 45.97 -5.84
C GLY A 145 4.93 47.15 -4.91
N GLU A 146 4.02 47.10 -3.95
CA GLU A 146 3.95 48.11 -2.90
C GLU A 146 5.08 48.00 -1.90
N ALA A 147 5.82 46.89 -1.90
CA ALA A 147 7.02 46.74 -1.09
C ALA A 147 7.98 45.84 -1.83
N ASP A 148 9.26 45.90 -1.45
CA ASP A 148 10.27 45.14 -2.17
C ASP A 148 10.59 43.80 -1.54
N GLY A 149 10.26 43.61 -0.26
CA GLY A 149 10.49 42.35 0.42
C GLY A 149 9.75 42.34 1.73
N MET A 150 9.74 41.17 2.36
CA MET A 150 9.13 41.03 3.67
C MET A 150 9.96 40.06 4.50
N VAL A 151 9.84 40.22 5.82
CA VAL A 151 10.50 39.37 6.80
C VAL A 151 9.49 39.09 7.89
N SER A 152 9.16 37.82 8.11
CA SER A 152 8.13 37.45 9.06
C SER A 152 8.58 36.22 9.83
N GLY A 153 7.78 35.82 10.81
CA GLY A 153 7.92 34.53 11.45
C GLY A 153 8.70 34.50 12.74
N SER A 154 9.05 35.66 13.30
CA SER A 154 9.68 35.70 14.62
C SER A 154 8.75 35.17 15.70
N SER A 155 7.44 35.29 15.50
CA SER A 155 6.45 35.02 16.54
C SER A 155 5.55 33.83 16.26
N ILE A 156 5.56 33.28 15.05
CA ILE A 156 4.73 32.13 14.73
C ILE A 156 5.57 31.03 14.11
N ASN A 157 4.99 29.84 14.07
CA ASN A 157 5.75 28.71 13.55
C ASN A 157 5.95 28.88 12.04
N TYR A 158 6.98 28.20 11.53
CA TYR A 158 7.44 28.45 10.19
C TYR A 158 6.37 28.12 9.15
N ALA A 159 5.62 27.03 9.35
CA ALA A 159 4.64 26.62 8.35
C ALA A 159 3.54 27.67 8.20
N ASP A 160 3.12 28.28 9.31
CA ASP A 160 2.08 29.28 9.30
C ASP A 160 2.58 30.58 8.67
N ALA A 161 3.87 30.90 8.86
CA ALA A 161 4.43 32.11 8.29
C ALA A 161 4.64 31.97 6.79
N VAL A 162 4.99 30.76 6.33
CA VAL A 162 5.37 30.60 4.94
C VAL A 162 4.16 30.32 4.04
N ARG A 163 3.05 29.88 4.61
CA ARG A 163 1.87 29.58 3.78
C ARG A 163 1.38 30.80 2.99
N PRO A 164 1.12 31.99 3.60
CA PRO A 164 0.75 33.15 2.77
C PRO A 164 1.77 33.46 1.69
N ILE A 165 3.05 33.30 1.98
CA ILE A 165 4.07 33.63 0.98
C ILE A 165 3.93 32.70 -0.21
N LEU A 166 3.78 31.39 0.05
CA LEU A 166 3.69 30.43 -1.04
C LEU A 166 2.38 30.57 -1.80
N GLN A 167 1.27 30.83 -1.09
CA GLN A 167 -0.02 30.96 -1.75
C GLN A 167 -0.15 32.28 -2.52
N THR A 168 0.60 33.32 -2.14
CA THR A 168 0.45 34.65 -2.74
C THR A 168 1.58 34.99 -3.70
N ILE A 169 2.83 34.81 -3.29
CA ILE A 169 3.95 35.14 -4.16
C ILE A 169 4.30 33.98 -5.08
N GLY A 170 4.32 32.77 -4.53
CA GLY A 170 4.54 31.57 -5.33
C GLY A 170 5.97 31.41 -5.79
N VAL A 171 6.20 30.32 -6.52
CA VAL A 171 7.54 29.94 -6.95
C VAL A 171 7.73 30.35 -8.40
N TYR A 172 8.97 30.70 -8.75
CA TYR A 172 9.22 30.90 -10.16
C TYR A 172 9.25 29.54 -10.87
N LYS A 173 9.22 29.58 -12.21
CA LYS A 173 8.97 28.34 -12.94
C LYS A 173 10.14 27.39 -12.77
N GLU A 174 9.80 26.12 -12.54
CA GLU A 174 10.72 25.03 -12.22
C GLU A 174 11.40 25.24 -10.87
N GLY A 175 11.01 26.28 -10.12
CA GLY A 175 11.56 26.47 -8.81
C GLY A 175 10.87 25.58 -7.79
N ILE A 176 11.54 25.44 -6.66
CA ILE A 176 10.96 24.73 -5.53
C ILE A 176 11.27 25.56 -4.29
N PRO A 177 10.31 25.76 -3.39
CA PRO A 177 10.59 26.53 -2.16
C PRO A 177 11.47 25.72 -1.20
N ALA A 178 12.55 26.34 -0.74
CA ALA A 178 13.54 25.63 0.06
C ALA A 178 14.26 26.61 0.98
N GLY A 179 14.32 26.26 2.26
CA GLY A 179 15.12 27.05 3.19
C GLY A 179 16.60 26.79 3.00
N LEU A 180 17.39 27.85 3.18
CA LEU A 180 18.82 27.78 2.97
C LEU A 180 19.54 28.50 4.11
N ASN A 181 20.61 27.89 4.63
CA ASN A 181 21.37 28.54 5.69
C ASN A 181 22.84 28.63 5.31
N PHE A 182 23.47 29.73 5.74
CA PHE A 182 24.91 29.92 5.58
C PHE A 182 25.59 29.53 6.88
N VAL A 183 26.64 28.73 6.78
CA VAL A 183 27.52 28.45 7.90
C VAL A 183 28.84 29.17 7.63
N LEU A 184 29.20 30.08 8.52
CA LEU A 184 30.36 30.96 8.33
C LEU A 184 31.51 30.43 9.17
N LEU A 185 32.51 29.86 8.49
CA LEU A 185 33.74 29.40 9.11
C LEU A 185 34.80 30.48 8.90
N GLU A 186 35.93 30.37 9.63
CA GLU A 186 37.02 31.32 9.46
C GLU A 186 37.38 31.59 7.99
N ASP A 187 37.84 30.55 7.25
CA ASP A 187 38.21 30.81 5.86
C ASP A 187 36.99 30.94 4.93
N LYS A 188 36.03 30.02 5.03
CA LYS A 188 35.03 29.78 4.00
C LYS A 188 33.63 29.80 4.61
N PHE A 189 32.61 29.82 3.75
CA PHE A 189 31.25 29.55 4.19
C PHE A 189 30.69 28.30 3.52
N LEU A 190 29.75 27.67 4.22
CA LEU A 190 28.93 26.58 3.74
C LEU A 190 27.48 27.02 3.52
N VAL A 191 26.81 26.37 2.58
CA VAL A 191 25.38 26.54 2.34
C VAL A 191 24.68 25.22 2.62
N LEU A 192 23.60 25.28 3.39
CA LEU A 192 22.79 24.12 3.75
C LEU A 192 21.37 24.27 3.23
N ALA A 193 20.81 23.24 2.61
CA ALA A 193 19.42 23.22 2.14
C ALA A 193 19.00 21.77 1.90
N ASP A 194 17.69 21.48 1.93
CA ASP A 194 16.58 22.36 2.32
C ASP A 194 16.28 22.27 3.80
N THR A 195 16.46 23.38 4.52
CA THR A 195 16.40 23.37 5.98
C THR A 195 15.01 23.62 6.56
N THR A 196 13.98 23.96 5.74
CA THR A 196 12.71 24.38 6.32
C THR A 196 11.43 23.87 5.66
N VAL A 197 11.40 23.54 4.36
CA VAL A 197 10.12 23.35 3.65
C VAL A 197 9.79 21.87 3.39
N ASN A 198 10.60 21.17 2.59
CA ASN A 198 10.22 19.87 2.06
C ASN A 198 10.60 18.73 3.00
N LEU A 199 9.59 17.94 3.41
CA LEU A 199 9.81 16.81 4.31
C LEU A 199 10.77 15.79 3.71
N ASN A 200 10.51 15.39 2.47
CA ASN A 200 11.16 14.24 1.88
C ASN A 200 11.29 14.48 0.37
N PRO A 201 12.19 15.38 0.02
CA PRO A 201 12.29 15.72 -1.41
C PRO A 201 12.68 14.51 -2.26
N THR A 202 12.13 14.44 -3.45
CA THR A 202 12.54 13.42 -4.41
C THR A 202 13.93 13.74 -4.95
N ALA A 203 14.46 12.83 -5.75
CA ALA A 203 15.74 13.09 -6.40
C ALA A 203 15.65 14.30 -7.33
N GLU A 204 14.55 14.44 -8.06
CA GLU A 204 14.36 15.58 -8.94
C GLU A 204 14.34 16.88 -8.13
N GLN A 205 13.59 16.89 -7.03
CA GLN A 205 13.52 18.07 -6.18
C GLN A 205 14.86 18.38 -5.53
N CYS A 206 15.59 17.33 -5.11
CA CYS A 206 16.90 17.56 -4.50
C CYS A 206 17.87 18.19 -5.49
N ALA A 207 17.79 17.80 -6.75
CA ALA A 207 18.62 18.42 -7.75
C ALA A 207 18.26 19.89 -7.92
N GLN A 208 16.96 20.19 -7.93
CA GLN A 208 16.53 21.58 -8.07
C GLN A 208 16.96 22.42 -6.88
N ILE A 209 16.86 21.86 -5.67
CA ILE A 209 17.35 22.56 -4.50
C ILE A 209 18.83 22.86 -4.66
N ALA A 210 19.59 21.91 -5.22
CA ALA A 210 21.02 22.13 -5.45
C ALA A 210 21.26 23.25 -6.45
N LEU A 211 20.46 23.31 -7.52
CA LEU A 211 20.63 24.36 -8.52
C LEU A 211 20.36 25.73 -7.90
N GLN A 212 19.26 25.86 -7.16
CA GLN A 212 18.98 27.11 -6.46
C GLN A 212 20.10 27.45 -5.48
N ALA A 213 20.55 26.47 -4.69
CA ALA A 213 21.63 26.74 -3.74
C ALA A 213 22.90 27.20 -4.46
N ALA A 214 23.21 26.59 -5.61
CA ALA A 214 24.46 26.93 -6.29
C ALA A 214 24.47 28.37 -6.79
N LYS A 215 23.34 28.85 -7.32
CA LYS A 215 23.32 30.22 -7.83
C LYS A 215 23.47 31.24 -6.70
N ILE A 216 22.91 30.95 -5.52
CA ILE A 216 23.15 31.86 -4.38
C ILE A 216 24.65 31.95 -4.10
N VAL A 217 25.35 30.82 -4.14
CA VAL A 217 26.79 30.83 -3.91
C VAL A 217 27.52 31.62 -5.00
N GLU A 218 27.09 31.49 -6.24
CA GLU A 218 27.73 32.22 -7.33
C GLU A 218 27.58 33.72 -7.17
N TYR A 219 26.45 34.18 -6.61
CA TYR A 219 26.25 35.61 -6.38
C TYR A 219 27.36 36.21 -5.54
N PHE A 220 27.95 35.45 -4.63
CA PHE A 220 29.06 35.91 -3.82
C PHE A 220 30.42 35.63 -4.45
N GLY A 221 30.47 35.30 -5.74
CA GLY A 221 31.72 35.04 -6.42
C GLY A 221 32.45 33.80 -5.94
N ILE A 222 31.73 32.80 -5.45
CA ILE A 222 32.33 31.54 -5.00
C ILE A 222 31.95 30.43 -5.95
N GLU A 223 32.89 29.53 -6.20
CA GLU A 223 32.63 28.33 -6.99
C GLU A 223 31.80 27.35 -6.17
N PRO A 224 30.59 26.98 -6.61
CA PRO A 224 29.80 26.00 -5.87
C PRO A 224 30.32 24.59 -6.11
N ARG A 225 30.46 23.83 -5.04
CA ARG A 225 30.85 22.42 -5.08
C ARG A 225 29.83 21.67 -4.23
N VAL A 226 29.03 20.83 -4.87
CA VAL A 226 27.78 20.35 -4.30
C VAL A 226 27.92 18.89 -3.88
N ALA A 227 27.52 18.60 -2.64
CA ALA A 227 27.44 17.26 -2.10
C ALA A 227 26.00 16.91 -1.73
N MET A 228 25.52 15.77 -2.23
CA MET A 228 24.22 15.21 -1.84
C MET A 228 24.45 14.26 -0.67
N LEU A 229 23.94 14.62 0.50
CA LEU A 229 24.30 13.95 1.75
C LEU A 229 23.43 12.72 2.00
N SER A 230 24.05 11.73 2.64
CA SER A 230 23.43 10.48 3.00
C SER A 230 24.13 9.95 4.24
N TYR A 231 23.66 8.81 4.74
CA TYR A 231 24.39 8.11 5.78
C TYR A 231 25.39 7.13 5.21
N SER A 232 25.53 7.11 3.89
CA SER A 232 26.33 6.14 3.16
C SER A 232 27.32 6.88 2.27
N ASN A 233 28.47 6.23 2.01
CA ASN A 233 29.44 6.71 1.05
C ASN A 233 29.37 5.88 -0.22
N PHE A 234 28.82 6.47 -1.29
CA PHE A 234 28.85 5.92 -2.64
C PHE A 234 28.41 4.46 -2.69
N SER A 235 27.26 4.19 -2.06
CA SER A 235 26.69 2.85 -2.09
C SER A 235 25.53 2.72 -3.06
N GLY A 236 24.71 3.76 -3.24
CA GLY A 236 23.58 3.66 -4.14
C GLY A 236 22.54 2.63 -3.74
N ALA A 237 22.59 2.15 -2.49
CA ALA A 237 21.60 1.19 -2.02
C ALA A 237 20.22 1.85 -1.99
N GLU A 238 19.21 0.99 -1.92
CA GLU A 238 17.82 1.43 -1.97
C GLU A 238 17.51 2.43 -0.86
N GLY A 239 16.65 3.37 -1.19
CA GLY A 239 16.26 4.42 -0.25
C GLY A 239 17.05 5.68 -0.48
N THR A 240 17.55 6.30 0.59
CA THR A 240 18.16 7.63 0.39
C THR A 240 19.51 7.55 -0.32
N PRO A 241 20.34 6.51 -0.12
CA PRO A 241 21.58 6.44 -0.92
C PRO A 241 21.31 6.51 -2.43
N ARG A 242 20.38 5.71 -2.93
CA ARG A 242 20.02 5.77 -4.34
C ARG A 242 19.38 7.10 -4.71
N LYS A 243 18.53 7.64 -3.83
CA LYS A 243 17.90 8.92 -4.16
C LYS A 243 18.95 10.02 -4.34
N MET A 244 19.92 10.10 -3.41
CA MET A 244 20.93 11.16 -3.47
C MET A 244 21.93 10.89 -4.58
N LYS A 245 22.18 9.63 -4.90
CA LYS A 245 23.03 9.33 -6.04
C LYS A 245 22.34 9.76 -7.33
N LYS A 246 21.02 9.55 -7.41
CA LYS A 246 20.29 9.99 -8.59
C LYS A 246 20.21 11.52 -8.66
N ALA A 247 20.03 12.19 -7.51
CA ALA A 247 19.96 13.64 -7.49
C ALA A 247 21.23 14.27 -8.06
N ALA A 248 22.39 13.74 -7.65
CA ALA A 248 23.66 14.21 -8.22
C ALA A 248 23.68 14.04 -9.74
N GLU A 249 23.23 12.89 -10.24
CA GLU A 249 23.22 12.67 -11.68
C GLU A 249 22.31 13.67 -12.38
N ILE A 250 21.10 13.89 -11.84
CA ILE A 250 20.20 14.86 -12.46
C ILE A 250 20.84 16.24 -12.43
N ALA A 251 21.41 16.63 -11.28
CA ALA A 251 22.05 17.94 -11.18
C ALA A 251 23.21 18.09 -12.16
N ARG A 252 24.04 17.04 -12.31
CA ARG A 252 25.19 17.16 -13.21
C ARG A 252 24.75 17.36 -14.65
N SER A 253 23.65 16.71 -15.05
CA SER A 253 23.16 16.86 -16.41
C SER A 253 22.59 18.26 -16.65
N LEU A 254 21.99 18.85 -15.62
CA LEU A 254 21.42 20.19 -15.73
C LEU A 254 22.46 21.29 -15.55
N ARG A 255 23.70 20.96 -15.19
CA ARG A 255 24.75 21.97 -15.01
C ARG A 255 26.12 21.30 -15.09
N PRO A 256 26.56 20.90 -16.28
CA PRO A 256 27.78 20.09 -16.39
C PRO A 256 29.05 20.81 -16.00
N ASP A 257 28.98 22.10 -15.65
CA ASP A 257 30.17 22.85 -15.29
C ASP A 257 30.49 22.80 -13.80
N LEU A 258 29.60 22.24 -12.99
CA LEU A 258 29.74 22.23 -11.54
C LEU A 258 30.18 20.87 -11.02
N MET A 259 30.99 20.89 -9.97
CA MET A 259 31.26 19.69 -9.18
C MET A 259 30.03 19.37 -8.35
N ILE A 260 29.37 18.25 -8.67
CA ILE A 260 28.21 17.75 -7.94
C ILE A 260 28.42 16.26 -7.74
N GLU A 261 28.28 15.79 -6.50
CA GLU A 261 28.63 14.42 -6.20
C GLU A 261 27.75 13.90 -5.07
N GLY A 262 27.53 12.58 -5.09
CA GLY A 262 26.75 11.91 -4.07
C GLY A 262 26.44 10.51 -4.58
N ASP A 263 25.93 9.65 -3.70
CA ASP A 263 25.67 9.89 -2.26
C ASP A 263 26.94 9.82 -1.41
N MET A 264 27.04 10.65 -0.38
CA MET A 264 28.21 10.60 0.51
C MET A 264 27.84 11.06 1.90
N GLN A 265 28.68 10.67 2.87
CA GLN A 265 28.50 11.13 4.24
C GLN A 265 28.96 12.59 4.40
N ALA A 266 28.54 13.18 5.52
CA ALA A 266 28.79 14.59 5.75
C ALA A 266 30.27 14.88 5.94
N ASP A 267 31.00 14.04 6.69
CA ASP A 267 32.42 14.32 6.86
C ASP A 267 33.18 14.10 5.56
N THR A 268 32.78 13.09 4.79
CA THR A 268 33.34 12.95 3.45
C THR A 268 33.16 14.23 2.64
N ALA A 269 31.97 14.82 2.72
CA ALA A 269 31.62 15.96 1.88
C ALA A 269 32.47 17.18 2.20
N VAL A 270 32.63 17.51 3.48
CA VAL A 270 33.28 18.78 3.80
C VAL A 270 34.80 18.65 3.86
N ASN A 271 35.33 17.46 4.16
CA ASN A 271 36.76 17.30 4.37
C ASN A 271 37.47 16.87 3.08
N PRO A 272 38.29 17.71 2.48
CA PRO A 272 38.92 17.31 1.21
C PRO A 272 39.94 16.20 1.38
N GLU A 273 40.58 16.09 2.53
CA GLU A 273 41.58 15.03 2.72
C GLU A 273 40.91 13.66 2.85
N ILE A 274 39.77 13.60 3.53
CA ILE A 274 39.04 12.34 3.65
C ILE A 274 38.56 11.85 2.30
N MET A 275 37.97 12.76 1.51
CA MET A 275 37.47 12.41 0.19
C MET A 275 38.59 11.86 -0.70
N GLU A 276 39.72 12.55 -0.75
CA GLU A 276 40.82 12.14 -1.62
C GLU A 276 41.38 10.79 -1.21
N ARG A 277 41.45 10.54 0.10
CA ARG A 277 42.04 9.30 0.60
C ARG A 277 41.13 8.10 0.36
N LEU A 278 39.82 8.26 0.56
CA LEU A 278 38.94 7.10 0.52
C LEU A 278 38.22 6.94 -0.80
N PHE A 279 37.99 8.04 -1.51
CA PHE A 279 37.17 8.02 -2.71
C PHE A 279 37.81 8.87 -3.79
N PRO A 280 39.01 8.51 -4.26
CA PRO A 280 39.72 9.35 -5.24
C PRO A 280 39.02 9.46 -6.59
N PHE A 281 38.14 8.53 -6.94
CA PHE A 281 37.37 8.60 -8.18
C PHE A 281 36.35 9.73 -8.17
N SER A 282 36.07 10.32 -7.01
CA SER A 282 34.99 11.29 -6.89
C SER A 282 35.29 12.55 -7.69
N GLY A 283 34.25 13.13 -8.27
CA GLY A 283 34.38 14.35 -9.03
C GLY A 283 34.40 15.62 -8.20
N LEU A 284 34.37 15.49 -6.88
CA LEU A 284 34.32 16.62 -5.97
C LEU A 284 35.65 16.75 -5.24
N LYS A 285 36.45 17.75 -5.64
CA LYS A 285 37.74 18.05 -5.03
C LYS A 285 37.70 19.40 -4.34
N GLY A 286 38.48 19.52 -3.27
CA GLY A 286 38.58 20.77 -2.54
C GLY A 286 37.51 20.98 -1.48
N GLY A 287 36.66 19.99 -1.21
CA GLY A 287 35.62 20.09 -0.21
C GLY A 287 34.34 20.75 -0.69
N ALA A 288 33.19 20.22 -0.27
CA ALA A 288 31.92 20.80 -0.66
C ALA A 288 31.64 22.07 0.13
N ASN A 289 31.05 23.06 -0.54
CA ASN A 289 30.52 24.22 0.16
C ASN A 289 29.02 24.35 0.01
N VAL A 290 28.37 23.40 -0.69
CA VAL A 290 26.93 23.30 -0.78
C VAL A 290 26.53 21.90 -0.36
N LEU A 291 25.72 21.79 0.70
CA LEU A 291 25.29 20.53 1.26
C LEU A 291 23.79 20.38 1.09
N VAL A 292 23.36 19.45 0.24
CA VAL A 292 21.94 19.18 0.00
C VAL A 292 21.53 17.97 0.84
N PHE A 293 20.44 18.12 1.56
CA PHE A 293 20.06 17.13 2.55
C PHE A 293 18.95 16.20 2.02
N PRO A 294 18.85 14.97 2.52
CA PRO A 294 17.84 14.04 1.99
C PRO A 294 16.46 14.21 2.61
N ASN A 295 16.35 14.81 3.79
CA ASN A 295 15.04 15.02 4.41
C ASN A 295 15.12 16.20 5.37
N LEU A 296 13.93 16.64 5.79
CA LEU A 296 13.85 17.85 6.59
C LEU A 296 14.36 17.64 8.00
N GLU A 297 14.18 16.45 8.57
CA GLU A 297 14.74 16.15 9.88
C GLU A 297 16.25 16.40 9.89
N SER A 298 16.94 15.93 8.86
CA SER A 298 18.40 16.00 8.89
C SER A 298 18.88 17.43 8.67
N SER A 299 18.27 18.15 7.74
CA SER A 299 18.65 19.53 7.47
C SER A 299 18.36 20.42 8.67
N ASN A 300 17.17 20.29 9.23
CA ASN A 300 16.74 21.20 10.29
C ASN A 300 17.53 20.95 11.56
N ILE A 301 17.78 19.69 11.90
CA ILE A 301 18.55 19.37 13.10
C ILE A 301 20.00 19.81 12.91
N ALA A 302 20.52 19.65 11.70
CA ALA A 302 21.93 19.95 11.46
C ALA A 302 22.20 21.44 11.65
N TYR A 303 21.45 22.32 10.97
CA TYR A 303 21.80 23.73 11.11
C TYR A 303 21.55 24.21 12.53
N LYS A 304 20.56 23.66 13.21
CA LYS A 304 20.30 24.11 14.57
C LYS A 304 21.37 23.62 15.55
N LEU A 305 21.88 22.39 15.38
CA LEU A 305 22.93 21.93 16.29
C LEU A 305 24.22 22.70 16.06
N ILE A 306 24.59 22.91 14.78
CA ILE A 306 25.79 23.70 14.47
C ILE A 306 25.68 25.09 15.08
N GLN A 307 24.52 25.72 14.93
CA GLN A 307 24.33 27.06 15.46
C GLN A 307 24.48 27.10 16.97
N GLN A 308 24.01 26.06 17.67
CA GLN A 308 24.03 26.12 19.13
C GLN A 308 25.36 25.65 19.73
N ILE A 309 25.95 24.59 19.19
CA ILE A 309 27.15 24.02 19.79
C ILE A 309 28.37 24.21 18.91
N GLY A 310 28.23 24.24 17.60
CA GLY A 310 29.39 24.46 16.74
C GLY A 310 29.83 25.89 17.07
N LYS A 311 31.04 26.38 16.71
CA LYS A 311 31.26 27.75 17.19
C LYS A 311 31.51 28.68 16.06
N ALA A 312 30.58 28.65 15.14
CA ALA A 312 30.47 29.42 13.91
C ALA A 312 29.12 30.09 13.88
N GLU A 313 29.06 31.23 13.21
CA GLU A 313 27.77 31.90 12.97
C GLU A 313 26.99 31.19 11.87
N VAL A 314 25.68 31.03 12.10
CA VAL A 314 24.77 30.49 11.09
C VAL A 314 23.71 31.54 10.79
N ILE A 315 23.58 31.90 9.51
CA ILE A 315 22.60 32.89 9.09
C ILE A 315 21.53 32.23 8.24
N GLY A 316 20.30 32.69 8.40
CA GLY A 316 19.15 32.14 7.74
C GLY A 316 18.16 31.66 8.77
N PRO A 317 17.14 30.88 8.34
CA PRO A 317 17.01 30.37 6.96
C PRO A 317 16.47 31.40 5.97
N PHE A 318 16.87 31.25 4.71
CA PHE A 318 16.42 32.09 3.62
C PHE A 318 15.58 31.27 2.65
N LEU A 319 14.43 31.82 2.26
CA LEU A 319 13.49 31.13 1.39
C LEU A 319 13.92 31.29 -0.07
N THR A 320 14.37 30.21 -0.70
CA THR A 320 14.72 30.21 -2.11
C THR A 320 13.59 29.63 -2.96
N GLY A 321 13.67 29.90 -4.27
CA GLY A 321 12.69 29.35 -5.19
C GLY A 321 11.44 30.19 -5.40
N VAL A 322 11.30 31.33 -4.72
CA VAL A 322 10.07 32.10 -4.74
C VAL A 322 10.28 33.35 -5.59
N ARG A 323 9.19 33.83 -6.20
CA ARG A 323 9.27 34.90 -7.22
C ARG A 323 9.75 36.24 -6.66
N ARG A 324 9.45 36.56 -5.41
CA ARG A 324 9.91 37.82 -4.82
C ARG A 324 10.55 37.55 -3.47
N SER A 325 11.21 38.57 -2.95
CA SER A 325 12.01 38.45 -1.75
C SER A 325 11.10 38.36 -0.53
N ALA A 326 11.13 37.22 0.16
CA ALA A 326 10.32 37.04 1.35
C ALA A 326 11.02 36.00 2.20
N ASN A 327 11.42 36.35 3.41
CA ASN A 327 12.12 35.37 4.24
C ASN A 327 11.43 35.24 5.59
N VAL A 328 11.40 34.00 6.09
CA VAL A 328 10.77 33.68 7.35
C VAL A 328 11.88 33.41 8.35
N LEU A 329 11.87 34.16 9.44
CA LEU A 329 12.78 33.94 10.54
C LEU A 329 12.40 32.64 11.26
N GLN A 330 13.41 31.95 11.79
CA GLN A 330 13.11 30.85 12.70
C GLN A 330 12.59 31.39 14.03
N ARG A 331 11.65 30.63 14.60
CA ARG A 331 10.99 31.07 15.82
C ARG A 331 11.99 31.21 16.95
N THR A 332 13.08 30.45 16.91
CA THR A 332 14.16 30.51 17.91
C THR A 332 15.16 31.64 17.68
N THR A 333 14.93 32.56 16.75
CA THR A 333 15.96 33.54 16.39
C THR A 333 16.26 34.49 17.54
N THR A 334 17.47 35.05 17.51
CA THR A 334 17.86 36.14 18.38
C THR A 334 17.67 37.48 17.65
N VAL A 335 17.85 38.60 18.39
CA VAL A 335 17.79 39.91 17.75
C VAL A 335 18.87 40.00 16.69
N ASP A 336 20.02 39.45 17.02
CA ASP A 336 21.20 39.46 16.17
C ASP A 336 20.93 38.70 14.87
N GLY A 337 20.35 37.51 14.97
CA GLY A 337 19.88 36.78 13.77
C GLY A 337 18.92 37.57 12.90
N ILE A 338 17.92 38.22 13.52
CA ILE A 338 17.00 39.04 12.74
C ILE A 338 17.75 40.11 11.97
N VAL A 339 18.78 40.71 12.58
CA VAL A 339 19.57 41.72 11.86
C VAL A 339 20.22 41.10 10.64
N ASN A 340 20.89 39.95 10.84
CA ASN A 340 21.52 39.26 9.72
C ASN A 340 20.51 38.94 8.62
N SER A 341 19.31 38.47 8.98
CA SER A 341 18.35 38.08 7.95
C SER A 341 17.87 39.27 7.15
N VAL A 342 17.63 40.41 7.81
CA VAL A 342 17.16 41.58 7.08
C VAL A 342 18.20 42.05 6.07
N VAL A 343 19.48 42.03 6.45
CA VAL A 343 20.53 42.44 5.53
C VAL A 343 20.49 41.62 4.24
N PHE A 344 20.41 40.29 4.37
CA PHE A 344 20.38 39.49 3.16
C PHE A 344 19.03 39.57 2.44
N THR A 345 17.93 39.78 3.18
CA THR A 345 16.67 40.10 2.49
C THR A 345 16.78 41.38 1.67
N ALA A 346 17.48 42.39 2.19
CA ALA A 346 17.66 43.63 1.42
C ALA A 346 18.47 43.38 0.15
N LEU A 347 19.56 42.62 0.27
CA LEU A 347 20.32 42.24 -0.92
C LEU A 347 19.44 41.52 -1.93
N GLU A 348 18.63 40.55 -1.44
CA GLU A 348 17.74 39.80 -2.32
C GLU A 348 16.71 40.71 -2.97
N ALA A 349 16.11 41.63 -2.20
CA ALA A 349 15.17 42.57 -2.81
C ALA A 349 15.85 43.40 -3.91
N GLN A 350 17.09 43.85 -3.66
CA GLN A 350 17.82 44.61 -4.68
C GLN A 350 18.07 43.77 -5.92
N TYR A 351 18.48 42.51 -5.74
CA TYR A 351 18.73 41.66 -6.88
C TYR A 351 17.46 41.42 -7.68
N ILE A 352 16.37 41.05 -7.00
CA ILE A 352 15.11 40.79 -7.69
C ILE A 352 14.61 42.07 -8.36
N LYS A 353 14.95 43.24 -7.80
CA LYS A 353 14.46 44.47 -8.40
C LYS A 353 15.22 44.82 -9.66
N GLU A 354 16.41 44.26 -9.83
CA GLU A 354 17.16 44.38 -11.08
C GLU A 354 16.67 43.40 -12.13
N VAL A 355 16.29 42.18 -11.72
CA VAL A 355 15.74 41.19 -12.66
C VAL A 355 14.40 41.66 -13.24
N LEU A 356 13.52 42.18 -12.39
CA LEU A 356 12.20 42.65 -12.81
C LEU A 356 12.29 43.75 -13.86
N LYS A 357 13.43 44.40 -13.91
CA LYS A 357 13.82 45.45 -14.84
C LYS A 357 14.22 44.81 -16.18
N SER A 358 13.18 44.21 -16.78
CA SER A 358 13.19 43.67 -18.13
C SER A 358 12.39 44.59 -19.03
N SER B 21 37.20 17.68 25.38
CA SER B 21 38.57 18.10 25.66
C SER B 21 39.42 16.91 26.11
N LYS B 22 40.60 17.22 26.63
CA LYS B 22 41.45 16.17 27.19
C LYS B 22 41.03 15.72 28.58
N VAL B 23 40.19 16.47 29.27
CA VAL B 23 39.78 16.08 30.62
C VAL B 23 38.91 14.83 30.60
N PHE B 24 37.97 14.77 29.66
CA PHE B 24 37.02 13.66 29.68
C PHE B 24 37.72 12.32 29.39
N ILE B 25 38.65 12.32 28.42
CA ILE B 25 39.27 11.06 28.00
C ILE B 25 40.29 10.60 29.03
N ARG B 26 40.99 11.57 29.63
CA ARG B 26 41.93 11.28 30.71
C ARG B 26 41.20 10.77 31.95
N SER B 27 40.05 11.37 32.28
CA SER B 27 39.21 10.79 33.34
C SER B 27 38.79 9.36 32.99
N ALA B 28 38.45 9.08 31.73
CA ALA B 28 38.07 7.73 31.36
C ALA B 28 39.22 6.74 31.51
N ILE B 29 40.42 7.14 31.07
CA ILE B 29 41.62 6.31 31.22
C ILE B 29 41.88 6.00 32.70
N ASN B 30 41.66 6.98 33.58
CA ASN B 30 41.84 6.74 35.01
C ASN B 30 40.82 5.74 35.55
N ARG B 31 39.57 5.84 35.08
CA ARG B 31 38.52 4.90 35.50
C ARG B 31 38.84 3.47 35.07
N VAL B 32 39.50 3.30 33.92
CA VAL B 32 39.97 1.98 33.53
C VAL B 32 41.03 1.47 34.52
N HIS B 33 41.93 2.35 34.95
CA HIS B 33 42.95 1.94 35.92
C HIS B 33 42.33 1.60 37.27
N GLN B 34 41.34 2.39 37.73
CA GLN B 34 40.67 2.05 38.98
C GLN B 34 40.00 0.68 38.88
N ASN B 35 39.38 0.37 37.73
CA ASN B 35 38.74 -0.94 37.55
C ASN B 35 39.78 -2.05 37.53
N SER B 36 40.90 -1.82 36.84
CA SER B 36 41.97 -2.82 36.77
C SER B 36 42.59 -3.08 38.14
N ALA B 37 43.00 -2.03 38.85
CA ALA B 37 43.58 -2.18 40.19
C ALA B 37 42.64 -2.93 41.13
N ALA B 38 41.33 -2.80 40.92
CA ALA B 38 40.33 -3.45 41.76
C ALA B 38 40.02 -4.86 41.27
N ASN B 39 40.76 -5.36 40.30
CA ASN B 39 40.66 -6.74 39.87
C ASN B 39 42.03 -7.36 39.73
N GLY B 40 42.95 -7.00 40.62
CA GLY B 40 44.25 -7.61 40.58
C GLY B 40 45.16 -7.15 39.46
N GLY B 41 44.94 -5.95 38.91
CA GLY B 41 45.78 -5.47 37.85
C GLY B 41 45.43 -6.02 36.49
N GLU B 42 44.27 -6.72 36.36
CA GLU B 42 43.92 -7.21 35.04
C GLU B 42 43.52 -6.13 34.05
N LEU B 43 43.93 -6.34 32.80
CA LEU B 43 43.53 -5.51 31.68
C LEU B 43 42.67 -6.29 30.71
N PRO B 44 41.64 -5.67 30.16
CA PRO B 44 40.76 -6.35 29.20
C PRO B 44 41.50 -6.76 27.94
N ARG B 45 41.21 -7.96 27.45
CA ARG B 45 41.72 -8.40 26.15
C ARG B 45 40.82 -7.91 25.03
N ILE B 46 41.38 -7.11 24.12
CA ILE B 46 40.63 -6.48 23.05
C ILE B 46 41.19 -7.00 21.74
N VAL B 47 40.31 -7.59 20.89
CA VAL B 47 40.72 -8.12 19.59
C VAL B 47 40.59 -7.02 18.56
N PHE B 48 41.58 -6.94 17.69
CA PHE B 48 41.56 -6.05 16.53
C PHE B 48 41.61 -6.91 15.28
N PRO B 49 40.51 -7.07 14.56
CA PRO B 49 40.54 -7.87 13.32
C PRO B 49 41.51 -7.31 12.29
N GLU B 50 41.73 -6.00 12.27
CA GLU B 50 42.54 -5.39 11.23
C GLU B 50 43.99 -5.29 11.70
N GLY B 51 44.60 -6.48 11.84
CA GLY B 51 45.94 -6.60 12.41
C GLY B 51 47.03 -5.88 11.65
N THR B 52 46.83 -5.61 10.36
CA THR B 52 47.81 -4.88 9.55
C THR B 52 47.44 -3.42 9.30
N SER B 53 46.34 -2.94 9.87
CA SER B 53 45.91 -1.56 9.65
C SER B 53 46.92 -0.56 10.19
N THR B 54 47.35 0.36 9.31
CA THR B 54 48.26 1.43 9.70
C THR B 54 47.70 2.23 10.87
N LYS B 55 46.45 2.70 10.75
CA LYS B 55 45.88 3.54 11.80
C LYS B 55 45.65 2.75 13.09
N VAL B 56 45.28 1.47 13.00
CA VAL B 56 45.09 0.66 14.20
C VAL B 56 46.42 0.46 14.92
N LEU B 57 47.48 0.15 14.17
CA LEU B 57 48.77 -0.13 14.79
C LEU B 57 49.36 1.14 15.40
N LYS B 58 49.23 2.29 14.71
CA LYS B 58 49.71 3.53 15.30
C LYS B 58 48.94 3.88 16.57
N ALA B 59 47.62 3.65 16.56
CA ALA B 59 46.83 3.91 17.78
C ALA B 59 47.28 3.02 18.92
N LEU B 60 47.60 1.76 18.65
CA LEU B 60 47.99 0.84 19.71
C LEU B 60 49.31 1.23 20.36
N ALA B 61 50.22 1.84 19.61
CA ALA B 61 51.43 2.40 20.22
C ALA B 61 51.08 3.36 21.35
N THR B 62 50.16 4.29 21.10
CA THR B 62 49.71 5.17 22.18
C THR B 62 49.11 4.38 23.34
N LEU B 63 48.29 3.39 23.05
CA LEU B 63 47.53 2.72 24.10
C LEU B 63 48.33 1.68 24.87
N VAL B 64 49.52 1.27 24.38
CA VAL B 64 50.22 0.22 25.11
C VAL B 64 50.91 0.82 26.33
N GLU B 65 51.51 2.02 26.17
CA GLU B 65 52.00 2.80 27.33
C GLU B 65 50.95 3.02 28.40
N GLU B 66 49.72 3.34 28.00
CA GLU B 66 48.80 3.74 29.02
C GLU B 66 48.20 2.54 29.75
N LYS B 67 48.55 1.33 29.31
CA LYS B 67 48.13 0.10 29.95
C LYS B 67 46.62 0.07 30.14
N ILE B 68 45.90 0.24 29.04
CA ILE B 68 44.44 0.20 29.06
C ILE B 68 43.94 -1.19 28.66
N CYS B 69 44.63 -1.85 27.75
CA CYS B 69 44.16 -3.16 27.32
C CYS B 69 45.35 -4.01 26.92
N GLN B 70 45.14 -5.34 26.94
CA GLN B 70 45.94 -6.29 26.18
C GLN B 70 45.40 -6.45 24.76
N PRO B 71 46.08 -5.90 23.78
CA PRO B 71 45.62 -6.06 22.39
C PRO B 71 45.91 -7.46 21.84
N ILE B 72 44.95 -7.99 21.09
CA ILE B 72 45.15 -9.19 20.28
C ILE B 72 44.93 -8.80 18.82
N LEU B 73 45.97 -8.92 18.02
CA LEU B 73 45.86 -8.61 16.60
C LEU B 73 45.53 -9.87 15.82
N LEU B 74 44.65 -9.75 14.83
CA LEU B 74 44.31 -10.89 13.98
C LEU B 74 45.02 -10.77 12.64
N GLY B 75 45.55 -11.87 12.17
CA GLY B 75 46.21 -11.86 10.88
C GLY B 75 47.30 -12.91 10.83
N TYR B 76 47.94 -12.98 9.68
CA TYR B 76 49.13 -13.79 9.52
C TYR B 76 50.23 -13.19 10.37
N PRO B 77 50.75 -13.89 11.38
CA PRO B 77 51.81 -13.34 12.21
C PRO B 77 52.90 -12.64 11.42
N GLU B 78 53.37 -13.20 10.30
CA GLU B 78 54.46 -12.47 9.69
C GLU B 78 54.01 -11.15 9.07
N ARG B 79 52.92 -11.11 8.27
CA ARG B 79 52.66 -9.83 7.62
C ARG B 79 52.40 -8.75 8.67
N VAL B 80 51.85 -9.15 9.82
CA VAL B 80 51.58 -8.19 10.90
C VAL B 80 52.88 -7.66 11.48
N LYS B 81 53.87 -8.53 11.73
CA LYS B 81 55.17 -8.11 12.25
C LYS B 81 55.96 -7.30 11.22
N GLU B 82 55.84 -7.71 9.95
CA GLU B 82 56.44 -7.02 8.81
C GLU B 82 55.99 -5.56 8.76
N LYS B 83 54.70 -5.35 8.94
CA LYS B 83 54.08 -4.03 9.00
C LYS B 83 54.48 -3.28 10.28
N ILE B 84 54.57 -3.98 11.40
CA ILE B 84 55.00 -3.34 12.64
C ILE B 84 56.41 -2.81 12.47
N LYS B 85 57.26 -3.58 11.77
CA LYS B 85 58.62 -3.14 11.56
C LYS B 85 58.69 -2.05 10.47
N ALA B 86 57.82 -2.12 9.47
CA ALA B 86 57.73 -1.02 8.49
C ALA B 86 57.36 0.29 9.17
N LEU B 87 56.35 0.25 10.05
CA LEU B 87 55.90 1.43 10.77
C LEU B 87 56.82 1.77 11.90
N ASP B 88 57.76 0.88 12.19
CA ASP B 88 58.88 1.15 13.06
C ASP B 88 58.37 1.66 14.43
N ILE B 89 57.56 0.79 15.03
CA ILE B 89 56.86 0.94 16.32
C ILE B 89 57.32 -0.10 17.34
N PRO B 90 58.31 0.22 18.17
CA PRO B 90 58.93 -0.84 19.01
C PRO B 90 58.04 -1.39 20.12
N LEU B 91 57.10 -0.62 20.70
CA LEU B 91 56.44 -1.20 21.86
C LEU B 91 55.42 -2.27 21.48
N LEU B 92 55.29 -2.56 20.20
CA LEU B 92 54.44 -3.68 19.82
C LEU B 92 55.24 -4.95 19.56
N ASN B 93 56.49 -5.07 20.05
CA ASN B 93 57.23 -6.28 19.72
C ASN B 93 56.55 -7.52 20.28
N ASP B 94 55.93 -7.38 21.45
CA ASP B 94 55.41 -8.52 22.21
C ASP B 94 53.92 -8.74 22.03
N VAL B 95 53.23 -7.90 21.25
CA VAL B 95 51.77 -8.01 21.15
C VAL B 95 51.37 -9.37 20.57
N SER B 96 50.33 -9.98 21.15
CA SER B 96 49.85 -11.28 20.72
C SER B 96 49.22 -11.18 19.33
N ILE B 97 49.53 -12.17 18.47
CA ILE B 97 49.04 -12.19 17.09
C ILE B 97 48.45 -13.56 16.80
N VAL B 98 47.22 -13.58 16.28
CA VAL B 98 46.47 -14.82 16.09
C VAL B 98 46.00 -14.92 14.65
N HIS B 99 46.32 -16.04 14.01
CA HIS B 99 45.78 -16.38 12.69
C HIS B 99 44.53 -17.22 12.89
N PRO B 100 43.35 -16.71 12.52
CA PRO B 100 42.08 -17.44 12.81
C PRO B 100 42.04 -18.92 12.41
N SER B 101 42.35 -19.25 11.16
CA SER B 101 42.20 -20.67 10.79
C SER B 101 43.32 -21.54 11.34
N SER B 102 44.37 -20.96 11.95
CA SER B 102 45.38 -21.73 12.66
C SER B 102 45.13 -21.84 14.16
N HIS B 103 44.19 -21.07 14.71
CA HIS B 103 43.96 -21.06 16.16
C HIS B 103 43.38 -22.42 16.59
N PRO B 104 43.76 -22.91 17.77
CA PRO B 104 43.26 -24.25 18.18
C PRO B 104 41.74 -24.35 18.29
N LYS B 105 41.04 -23.24 18.56
CA LYS B 105 39.58 -23.27 18.72
C LYS B 105 38.84 -23.08 17.40
N TYR B 106 39.55 -22.94 16.28
CA TYR B 106 38.91 -22.59 15.01
C TYR B 106 37.73 -23.50 14.70
N PHE B 107 37.99 -24.83 14.66
CA PHE B 107 36.96 -25.77 14.23
C PHE B 107 35.77 -25.78 15.18
N SER B 108 36.00 -25.66 16.49
CA SER B 108 34.85 -25.55 17.39
C SER B 108 34.06 -24.24 17.16
N PHE B 109 34.76 -23.15 16.84
CA PHE B 109 34.06 -21.91 16.51
C PHE B 109 33.23 -22.09 15.24
N VAL B 110 33.81 -22.78 14.24
CA VAL B 110 33.12 -23.05 13.00
C VAL B 110 31.84 -23.84 13.27
N GLU B 111 31.95 -24.87 14.12
CA GLU B 111 30.77 -25.67 14.44
C GLU B 111 29.73 -24.82 15.14
N LYS B 112 30.17 -23.90 15.99
CA LYS B 112 29.23 -23.06 16.72
C LYS B 112 28.51 -22.10 15.79
N LEU B 113 29.23 -21.49 14.85
CA LEU B 113 28.58 -20.60 13.90
C LEU B 113 27.66 -21.39 12.98
N TYR B 114 28.09 -22.58 12.53
CA TYR B 114 27.23 -23.42 11.70
C TYR B 114 25.92 -23.70 12.41
N SER B 115 26.00 -24.08 13.68
CA SER B 115 24.82 -24.45 14.43
C SER B 115 23.86 -23.26 14.58
N LEU B 116 24.39 -22.06 14.81
CA LEU B 116 23.52 -20.90 14.97
C LEU B 116 22.96 -20.39 13.64
N ALA B 117 23.58 -20.74 12.51
CA ALA B 117 23.27 -20.11 11.23
C ALA B 117 22.80 -21.10 10.16
N GLN B 118 22.66 -22.39 10.47
CA GLN B 118 22.38 -23.39 9.42
C GLN B 118 20.96 -23.29 8.86
N ARG B 119 20.04 -22.63 9.57
CA ARG B 119 18.71 -22.34 9.06
C ARG B 119 18.57 -20.89 8.65
N LYS B 120 19.69 -20.19 8.53
CA LYS B 120 19.77 -18.84 8.01
C LYS B 120 20.54 -18.82 6.70
N GLY B 121 20.65 -19.95 6.03
CA GLY B 121 21.20 -20.01 4.69
C GLY B 121 22.70 -20.16 4.59
N ILE B 122 23.33 -20.76 5.62
CA ILE B 122 24.79 -20.87 5.73
C ILE B 122 25.13 -22.35 5.85
N ASN B 123 25.83 -22.91 4.83
CA ASN B 123 26.26 -24.30 4.91
C ASN B 123 27.62 -24.38 5.61
N LEU B 124 28.10 -25.62 5.84
CA LEU B 124 29.31 -25.81 6.65
C LEU B 124 30.52 -25.19 5.98
N GLY B 125 30.66 -25.36 4.66
CA GLY B 125 31.76 -24.72 3.95
C GLY B 125 31.72 -23.21 4.06
N GLU B 126 30.52 -22.62 4.01
CA GLU B 126 30.43 -21.18 4.18
C GLU B 126 30.69 -20.77 5.63
N ALA B 127 30.27 -21.58 6.61
CA ALA B 127 30.62 -21.30 8.00
C ALA B 127 32.14 -21.30 8.19
N GLU B 128 32.84 -22.18 7.48
CA GLU B 128 34.29 -22.23 7.54
C GLU B 128 34.91 -20.96 6.98
N ARG B 129 34.40 -20.47 5.84
CA ARG B 129 34.99 -19.27 5.26
C ARG B 129 34.73 -18.05 6.13
N LEU B 130 33.55 -17.97 6.73
CA LEU B 130 33.24 -16.84 7.59
C LEU B 130 34.13 -16.84 8.84
N MET B 131 34.32 -18.01 9.45
CA MET B 131 35.12 -18.07 10.66
C MET B 131 36.60 -17.84 10.38
N ALA B 132 37.07 -18.05 9.14
CA ALA B 132 38.41 -17.63 8.77
C ALA B 132 38.53 -16.13 8.58
N ASP B 133 37.41 -15.43 8.42
CA ASP B 133 37.44 -13.97 8.34
C ASP B 133 37.71 -13.39 9.71
N PRO B 134 38.69 -12.48 9.84
CA PRO B 134 39.01 -11.92 11.16
C PRO B 134 37.82 -11.32 11.90
N ASN B 135 36.90 -10.64 11.20
CA ASN B 135 35.76 -10.00 11.86
C ASN B 135 34.85 -11.00 12.56
N TYR B 136 34.51 -12.12 11.89
CA TYR B 136 33.73 -13.16 12.54
C TYR B 136 34.54 -13.87 13.61
N PHE B 137 35.80 -14.17 13.32
CA PHE B 137 36.62 -14.80 14.36
C PHE B 137 36.71 -13.90 15.59
N ALA B 138 36.86 -12.59 15.40
CA ALA B 138 36.90 -11.69 16.55
C ALA B 138 35.60 -11.77 17.34
N ALA B 139 34.45 -11.68 16.65
CA ALA B 139 33.17 -11.70 17.35
C ALA B 139 32.99 -12.99 18.11
N MET B 140 33.38 -14.12 17.51
CA MET B 140 33.25 -15.39 18.23
C MET B 140 34.18 -15.45 19.43
N MET B 141 35.40 -14.93 19.31
CA MET B 141 36.31 -14.86 20.47
C MET B 141 35.66 -14.10 21.62
N VAL B 142 35.04 -12.95 21.31
CA VAL B 142 34.39 -12.18 22.36
C VAL B 142 33.21 -12.97 22.92
N ASN B 143 32.41 -13.58 22.03
CA ASN B 143 31.27 -14.37 22.49
C ASN B 143 31.70 -15.49 23.43
N GLN B 144 32.80 -16.17 23.10
CA GLN B 144 33.28 -17.35 23.79
C GLN B 144 34.25 -17.05 24.93
N GLY B 145 34.49 -15.78 25.25
CA GLY B 145 35.36 -15.49 26.37
C GLY B 145 36.86 -15.60 26.12
N GLU B 146 37.29 -15.86 24.89
CA GLU B 146 38.72 -15.73 24.57
C GLU B 146 39.17 -14.28 24.50
N ALA B 147 38.23 -13.34 24.49
CA ALA B 147 38.55 -11.93 24.61
C ALA B 147 37.38 -11.24 25.29
N ASP B 148 37.66 -10.04 25.79
CA ASP B 148 36.68 -9.25 26.52
C ASP B 148 35.99 -8.22 25.65
N GLY B 149 36.56 -7.86 24.51
CA GLY B 149 35.95 -6.90 23.61
C GLY B 149 36.71 -6.92 22.30
N MET B 150 36.14 -6.20 21.33
CA MET B 150 36.73 -6.08 20.01
C MET B 150 36.49 -4.68 19.46
N VAL B 151 37.36 -4.29 18.54
CA VAL B 151 37.27 -3.02 17.84
C VAL B 151 37.57 -3.27 16.38
N SER B 152 36.65 -2.92 15.50
CA SER B 152 36.83 -3.19 14.09
C SER B 152 36.28 -2.05 13.26
N GLY B 153 36.51 -2.14 11.95
CA GLY B 153 35.84 -1.30 10.98
C GLY B 153 36.61 -0.10 10.49
N SER B 154 37.89 0.03 10.84
CA SER B 154 38.69 1.11 10.29
C SER B 154 38.80 0.99 8.77
N SER B 155 38.74 -0.22 8.24
CA SER B 155 39.04 -0.47 6.83
C SER B 155 37.84 -0.92 6.00
N ILE B 156 36.71 -1.27 6.61
CA ILE B 156 35.51 -1.69 5.87
C ILE B 156 34.34 -0.85 6.30
N ASN B 157 33.28 -0.85 5.47
CA ASN B 157 32.16 0.00 5.77
C ASN B 157 31.39 -0.53 6.98
N TYR B 158 30.62 0.37 7.60
CA TYR B 158 30.02 0.08 8.89
C TYR B 158 29.10 -1.14 8.85
N ALA B 159 28.27 -1.26 7.79
CA ALA B 159 27.31 -2.36 7.78
C ALA B 159 28.05 -3.71 7.76
N ASP B 160 29.14 -3.79 7.01
CA ASP B 160 29.91 -5.03 6.94
C ASP B 160 30.62 -5.31 8.26
N ALA B 161 31.10 -4.28 8.95
CA ALA B 161 31.80 -4.55 10.20
C ALA B 161 30.83 -4.99 11.30
N VAL B 162 29.60 -4.48 11.30
CA VAL B 162 28.70 -4.76 12.40
C VAL B 162 27.89 -6.05 12.21
N ARG B 163 27.76 -6.53 10.98
CA ARG B 163 26.97 -7.75 10.74
C ARG B 163 27.48 -8.96 11.54
N PRO B 164 28.77 -9.34 11.52
CA PRO B 164 29.24 -10.44 12.39
C PRO B 164 28.94 -10.21 13.86
N ILE B 165 29.02 -8.97 14.33
CA ILE B 165 28.75 -8.69 15.73
C ILE B 165 27.29 -8.97 16.05
N LEU B 166 26.38 -8.46 15.24
CA LEU B 166 24.98 -8.69 15.51
C LEU B 166 24.63 -10.16 15.34
N GLN B 167 25.25 -10.85 14.38
CA GLN B 167 24.90 -12.26 14.14
C GLN B 167 25.52 -13.22 15.16
N THR B 168 26.63 -12.86 15.78
CA THR B 168 27.36 -13.76 16.68
C THR B 168 27.14 -13.38 18.13
N ILE B 169 27.32 -12.11 18.46
CA ILE B 169 27.16 -11.69 19.84
C ILE B 169 25.70 -11.39 20.15
N GLY B 170 25.01 -10.69 19.25
CA GLY B 170 23.60 -10.41 19.43
C GLY B 170 23.31 -9.29 20.44
N VAL B 171 22.01 -9.05 20.63
CA VAL B 171 21.54 -8.00 21.53
C VAL B 171 21.10 -8.65 22.83
N TYR B 172 21.23 -7.92 23.93
CA TYR B 172 20.62 -8.40 25.17
C TYR B 172 19.10 -8.24 25.11
N LYS B 173 18.43 -8.75 26.16
CA LYS B 173 16.98 -8.89 26.12
C LYS B 173 16.31 -7.53 26.05
N GLU B 174 15.39 -7.39 25.10
CA GLU B 174 14.66 -6.16 24.80
C GLU B 174 15.57 -4.99 24.39
N GLY B 175 16.86 -5.23 24.22
CA GLY B 175 17.76 -4.20 23.76
C GLY B 175 17.64 -4.00 22.27
N ILE B 176 18.19 -2.90 21.79
CA ILE B 176 18.24 -2.62 20.36
C ILE B 176 19.64 -2.15 20.01
N PRO B 177 20.23 -2.64 18.92
CA PRO B 177 21.55 -2.16 18.52
C PRO B 177 21.46 -0.71 18.02
N ALA B 178 22.31 0.14 18.56
CA ALA B 178 22.21 1.57 18.30
C ALA B 178 23.56 2.22 18.49
N GLY B 179 23.99 3.00 17.51
CA GLY B 179 25.24 3.74 17.63
C GLY B 179 25.10 4.98 18.50
N LEU B 180 26.13 5.26 19.27
CA LEU B 180 26.06 6.37 20.19
C LEU B 180 27.35 7.17 20.11
N ASN B 181 27.23 8.49 20.09
CA ASN B 181 28.38 9.38 20.04
C ASN B 181 28.31 10.40 21.16
N PHE B 182 29.48 10.77 21.69
CA PHE B 182 29.63 11.82 22.69
C PHE B 182 30.10 13.10 22.01
N VAL B 183 29.43 14.20 22.31
CA VAL B 183 29.90 15.52 21.93
C VAL B 183 30.43 16.17 23.19
N LEU B 184 31.71 16.54 23.19
CA LEU B 184 32.36 17.03 24.41
C LEU B 184 32.45 18.54 24.36
N LEU B 185 31.65 19.20 25.21
CA LEU B 185 31.65 20.65 25.39
C LEU B 185 32.48 21.03 26.64
N GLU B 186 32.76 22.33 26.82
CA GLU B 186 33.55 22.78 27.97
C GLU B 186 32.91 22.29 29.29
N ASP B 187 31.60 22.58 29.45
CA ASP B 187 30.83 22.26 30.66
C ASP B 187 30.57 20.78 30.79
N LYS B 188 30.09 20.27 29.68
CA LYS B 188 29.16 19.18 29.59
C LYS B 188 29.59 18.28 28.44
N PHE B 189 29.00 17.10 28.39
CA PHE B 189 29.00 16.33 27.16
C PHE B 189 27.54 16.12 26.76
N LEU B 190 27.33 15.96 25.47
CA LEU B 190 26.08 15.49 24.91
C LEU B 190 26.26 14.09 24.37
N VAL B 191 25.20 13.31 24.41
CA VAL B 191 25.14 11.99 23.80
C VAL B 191 24.14 12.03 22.65
N LEU B 192 24.54 11.48 21.50
CA LEU B 192 23.77 11.45 20.27
C LEU B 192 23.47 10.01 19.91
N ALA B 193 22.22 9.70 19.56
CA ALA B 193 21.88 8.33 19.16
C ALA B 193 20.55 8.32 18.42
N ASP B 194 20.30 7.32 17.57
CA ASP B 194 21.16 6.25 17.07
C ASP B 194 21.85 6.73 15.81
N THR B 195 23.18 6.81 15.85
CA THR B 195 23.95 7.43 14.78
C THR B 195 24.36 6.46 13.67
N THR B 196 24.11 5.15 13.83
CA THR B 196 24.70 4.21 12.87
C THR B 196 23.80 3.05 12.42
N VAL B 197 22.80 2.61 13.19
CA VAL B 197 22.19 1.32 12.86
C VAL B 197 20.81 1.45 12.18
N ASN B 198 19.82 2.01 12.87
CA ASN B 198 18.41 1.94 12.42
C ASN B 198 18.04 3.09 11.49
N LEU B 199 17.56 2.75 10.28
CA LEU B 199 17.16 3.76 9.31
C LEU B 199 16.04 4.65 9.85
N ASN B 200 15.01 4.04 10.41
CA ASN B 200 13.75 4.73 10.73
C ASN B 200 13.13 4.12 11.92
N PRO B 201 13.68 4.28 13.13
CA PRO B 201 13.18 3.61 14.29
C PRO B 201 11.75 4.05 14.60
N THR B 202 10.93 3.12 15.07
CA THR B 202 9.58 3.43 15.52
C THR B 202 9.65 4.23 16.80
N ALA B 203 8.48 4.69 17.26
CA ALA B 203 8.43 5.38 18.54
C ALA B 203 8.92 4.46 19.66
N GLU B 204 8.55 3.17 19.60
CA GLU B 204 9.00 2.20 20.61
C GLU B 204 10.51 2.05 20.57
N GLN B 205 11.09 1.96 19.37
CA GLN B 205 12.52 1.83 19.24
C GLN B 205 13.24 3.09 19.70
N CYS B 206 12.66 4.26 19.45
CA CYS B 206 13.29 5.52 19.86
C CYS B 206 13.32 5.61 21.37
N ALA B 207 12.26 5.15 22.03
CA ALA B 207 12.26 5.12 23.49
C ALA B 207 13.32 4.16 24.00
N GLN B 208 13.45 2.99 23.36
CA GLN B 208 14.44 2.03 23.82
C GLN B 208 15.84 2.57 23.62
N ILE B 209 16.09 3.24 22.48
CA ILE B 209 17.38 3.90 22.27
C ILE B 209 17.63 4.95 23.34
N ALA B 210 16.60 5.71 23.74
CA ALA B 210 16.79 6.72 24.78
C ALA B 210 17.17 6.07 26.11
N LEU B 211 16.54 4.95 26.43
CA LEU B 211 16.83 4.25 27.68
C LEU B 211 18.27 3.78 27.71
N GLN B 212 18.76 3.20 26.61
CA GLN B 212 20.15 2.75 26.55
C GLN B 212 21.11 3.93 26.70
N ALA B 213 20.84 5.02 25.98
CA ALA B 213 21.67 6.22 26.09
C ALA B 213 21.62 6.79 27.51
N ALA B 214 20.46 6.75 28.15
CA ALA B 214 20.34 7.29 29.49
C ALA B 214 21.19 6.54 30.50
N LYS B 215 21.26 5.20 30.40
CA LYS B 215 22.07 4.43 31.34
C LYS B 215 23.56 4.72 31.16
N ILE B 216 24.00 4.91 29.92
CA ILE B 216 25.41 5.27 29.70
C ILE B 216 25.74 6.59 30.37
N VAL B 217 24.84 7.56 30.25
CA VAL B 217 25.06 8.87 30.87
C VAL B 217 25.12 8.76 32.38
N GLU B 218 24.25 7.92 32.97
CA GLU B 218 24.25 7.76 34.41
C GLU B 218 25.56 7.14 34.88
N TYR B 219 26.13 6.24 34.08
CA TYR B 219 27.37 5.58 34.46
C TYR B 219 28.46 6.59 34.76
N PHE B 220 28.44 7.74 34.08
CA PHE B 220 29.40 8.80 34.31
C PHE B 220 28.95 9.74 35.42
N GLY B 221 27.97 9.34 36.22
CA GLY B 221 27.49 10.15 37.32
C GLY B 221 26.79 11.42 36.90
N ILE B 222 26.16 11.43 35.72
CA ILE B 222 25.41 12.56 35.19
C ILE B 222 23.93 12.22 35.16
N GLU B 223 23.09 13.21 35.43
CA GLU B 223 21.64 13.10 35.28
C GLU B 223 21.24 13.13 33.81
N PRO B 224 20.62 12.09 33.25
CA PRO B 224 20.19 12.15 31.84
C PRO B 224 18.95 13.02 31.67
N ARG B 225 19.00 13.88 30.65
CA ARG B 225 17.88 14.74 30.25
C ARG B 225 17.71 14.56 28.75
N VAL B 226 16.58 13.95 28.36
CA VAL B 226 16.39 13.38 27.04
C VAL B 226 15.42 14.21 26.22
N ALA B 227 15.85 14.58 25.02
CA ALA B 227 15.04 15.26 24.04
C ALA B 227 14.83 14.36 22.84
N MET B 228 13.58 14.17 22.43
CA MET B 228 13.25 13.47 21.20
C MET B 228 13.17 14.49 20.06
N LEU B 229 14.14 14.45 19.15
CA LEU B 229 14.34 15.54 18.21
C LEU B 229 13.44 15.43 16.98
N SER B 230 13.09 16.59 16.45
CA SER B 230 12.23 16.69 15.31
C SER B 230 12.59 17.97 14.56
N TYR B 231 11.87 18.22 13.49
CA TYR B 231 11.92 19.54 12.85
C TYR B 231 10.84 20.48 13.41
N SER B 232 10.11 20.08 14.45
CA SER B 232 8.96 20.79 15.00
C SER B 232 9.14 20.98 16.48
N ASN B 233 8.51 22.03 17.02
CA ASN B 233 8.43 22.27 18.45
C ASN B 233 7.01 21.97 18.91
N PHE B 234 6.84 20.85 19.60
CA PHE B 234 5.60 20.50 20.27
C PHE B 234 4.37 20.68 19.38
N SER B 235 4.44 20.14 18.17
CA SER B 235 3.28 20.15 17.28
C SER B 235 2.53 18.83 17.30
N GLY B 236 3.24 17.71 17.42
CA GLY B 236 2.62 16.41 17.44
C GLY B 236 1.89 16.03 16.16
N ALA B 237 2.14 16.76 15.09
CA ALA B 237 1.57 16.50 13.79
C ALA B 237 2.03 15.15 13.26
N GLU B 238 1.31 14.66 12.24
CA GLU B 238 1.53 13.36 11.64
C GLU B 238 2.96 13.20 11.11
N GLY B 239 3.52 12.00 11.28
CA GLY B 239 4.88 11.72 10.81
C GLY B 239 5.88 11.86 11.94
N THR B 240 7.05 12.50 11.71
CA THR B 240 8.00 12.44 12.82
C THR B 240 7.60 13.25 14.07
N PRO B 241 6.94 14.42 13.98
CA PRO B 241 6.52 15.08 15.23
C PRO B 241 5.72 14.16 16.16
N ARG B 242 4.72 13.45 15.61
CA ARG B 242 3.94 12.55 16.44
C ARG B 242 4.78 11.37 16.93
N LYS B 243 5.67 10.83 16.08
CA LYS B 243 6.50 9.71 16.49
C LYS B 243 7.40 10.12 17.67
N MET B 244 8.03 11.29 17.57
CA MET B 244 8.93 11.70 18.65
C MET B 244 8.15 12.11 19.88
N LYS B 245 6.94 12.62 19.72
CA LYS B 245 6.12 12.89 20.89
C LYS B 245 5.70 11.60 21.57
N LYS B 246 5.33 10.58 20.79
CA LYS B 246 4.96 9.29 21.37
C LYS B 246 6.16 8.60 21.99
N ALA B 247 7.33 8.71 21.36
CA ALA B 247 8.55 8.15 21.91
C ALA B 247 8.84 8.73 23.29
N ALA B 248 8.73 10.05 23.43
CA ALA B 248 8.92 10.67 24.73
C ALA B 248 7.94 10.10 25.75
N GLU B 249 6.66 9.95 25.37
CA GLU B 249 5.66 9.39 26.27
C GLU B 249 5.97 7.95 26.65
N ILE B 250 6.36 7.12 25.69
CA ILE B 250 6.70 5.73 26.02
C ILE B 250 7.85 5.70 27.01
N ALA B 251 8.91 6.48 26.72
CA ALA B 251 10.08 6.50 27.61
C ALA B 251 9.72 6.95 29.02
N ARG B 252 8.86 7.96 29.14
CA ARG B 252 8.49 8.47 30.46
C ARG B 252 7.76 7.41 31.27
N SER B 253 6.96 6.58 30.62
CA SER B 253 6.26 5.52 31.35
C SER B 253 7.23 4.44 31.80
N LEU B 254 8.28 4.19 31.02
CA LEU B 254 9.30 3.21 31.37
C LEU B 254 10.36 3.76 32.31
N ARG B 255 10.34 5.06 32.61
CA ARG B 255 11.36 5.68 33.45
C ARG B 255 10.83 6.99 34.03
N PRO B 256 9.88 6.92 34.96
CA PRO B 256 9.18 8.13 35.42
C PRO B 256 10.06 9.09 36.20
N ASP B 257 11.33 8.74 36.44
CA ASP B 257 12.19 9.63 37.21
C ASP B 257 12.98 10.60 36.33
N LEU B 258 12.99 10.38 35.02
CA LEU B 258 13.85 11.13 34.11
C LEU B 258 13.06 12.23 33.40
N MET B 259 13.73 13.38 33.17
CA MET B 259 13.22 14.41 32.28
C MET B 259 13.34 13.93 30.83
N ILE B 260 12.20 13.69 30.19
CA ILE B 260 12.13 13.25 28.81
C ILE B 260 11.04 14.04 28.10
N GLU B 261 11.36 14.60 26.93
CA GLU B 261 10.44 15.52 26.31
C GLU B 261 10.60 15.41 24.79
N GLY B 262 9.52 15.75 24.09
CA GLY B 262 9.48 15.82 22.64
C GLY B 262 8.02 15.88 22.20
N ASP B 263 7.81 16.17 20.92
CA ASP B 263 8.82 16.50 19.91
C ASP B 263 9.35 17.94 20.02
N MET B 264 10.65 18.17 19.76
CA MET B 264 11.19 19.53 19.78
C MET B 264 12.36 19.68 18.81
N GLN B 265 12.63 20.92 18.42
CA GLN B 265 13.77 21.19 17.55
C GLN B 265 15.09 21.08 18.32
N ALA B 266 16.17 20.97 17.56
CA ALA B 266 17.48 20.73 18.16
C ALA B 266 17.92 21.91 19.02
N ASP B 267 17.70 23.15 18.56
CA ASP B 267 18.13 24.28 19.38
C ASP B 267 17.30 24.41 20.64
N THR B 268 15.99 24.16 20.55
CA THR B 268 15.14 24.11 21.73
C THR B 268 15.66 23.12 22.74
N ALA B 269 16.12 21.95 22.27
CA ALA B 269 16.55 20.88 23.16
C ALA B 269 17.80 21.27 23.95
N VAL B 270 18.81 21.81 23.28
CA VAL B 270 20.10 21.99 23.95
C VAL B 270 20.19 23.32 24.69
N ASN B 271 19.44 24.33 24.26
CA ASN B 271 19.53 25.66 24.84
C ASN B 271 18.44 25.84 25.91
N PRO B 272 18.79 25.91 27.19
CA PRO B 272 17.76 26.06 28.24
C PRO B 272 17.05 27.39 28.20
N GLU B 273 17.72 28.43 27.70
CA GLU B 273 17.07 29.72 27.64
C GLU B 273 15.97 29.73 26.58
N ILE B 274 16.22 29.07 25.44
CA ILE B 274 15.19 28.96 24.40
C ILE B 274 13.99 28.17 24.93
N MET B 275 14.25 27.06 25.61
CA MET B 275 13.17 26.25 26.16
C MET B 275 12.34 27.06 27.15
N GLU B 276 12.98 27.67 28.14
CA GLU B 276 12.23 28.38 29.18
C GLU B 276 11.43 29.54 28.60
N ARG B 277 12.01 30.24 27.62
CA ARG B 277 11.34 31.41 27.05
C ARG B 277 10.17 31.00 26.17
N LEU B 278 10.31 29.93 25.37
CA LEU B 278 9.31 29.61 24.36
C LEU B 278 8.37 28.48 24.76
N PHE B 279 8.82 27.57 25.62
CA PHE B 279 8.04 26.36 25.96
C PHE B 279 8.12 26.10 27.44
N PRO B 280 7.61 27.01 28.28
CA PRO B 280 7.75 26.89 29.74
C PRO B 280 7.01 25.72 30.36
N PHE B 281 6.00 25.17 29.67
CA PHE B 281 5.28 23.99 30.15
C PHE B 281 6.14 22.73 30.07
N SER B 282 7.28 22.79 29.37
CA SER B 282 8.08 21.60 29.12
C SER B 282 8.63 20.98 30.41
N GLY B 283 8.70 19.65 30.43
CA GLY B 283 9.26 18.94 31.56
C GLY B 283 10.76 18.82 31.55
N LEU B 284 11.41 19.43 30.56
CA LEU B 284 12.86 19.36 30.38
C LEU B 284 13.44 20.74 30.68
N LYS B 285 14.11 20.87 31.82
CA LYS B 285 14.77 22.10 32.22
C LYS B 285 16.28 21.89 32.29
N GLY B 286 17.02 22.97 32.03
CA GLY B 286 18.47 22.91 32.12
C GLY B 286 19.16 22.41 30.87
N GLY B 287 18.42 22.16 29.78
CA GLY B 287 19.04 21.69 28.56
C GLY B 287 19.21 20.18 28.51
N ALA B 288 19.00 19.58 27.34
CA ALA B 288 19.18 18.14 27.18
C ALA B 288 20.65 17.75 27.02
N ASN B 289 21.01 16.62 27.61
CA ASN B 289 22.31 16.02 27.33
C ASN B 289 22.18 14.67 26.64
N VAL B 290 20.96 14.22 26.35
CA VAL B 290 20.71 13.03 25.54
C VAL B 290 19.77 13.43 24.40
N LEU B 291 20.26 13.30 23.17
CA LEU B 291 19.55 13.69 21.96
C LEU B 291 19.27 12.44 21.12
N VAL B 292 18.01 12.05 21.04
CA VAL B 292 17.57 10.90 20.26
C VAL B 292 17.02 11.40 18.94
N PHE B 293 17.48 10.83 17.84
CA PHE B 293 17.18 11.35 16.53
C PHE B 293 16.03 10.57 15.87
N PRO B 294 15.30 11.17 14.93
CA PRO B 294 14.15 10.47 14.33
C PRO B 294 14.50 9.50 13.19
N ASN B 295 15.65 9.66 12.55
CA ASN B 295 16.04 8.77 11.46
C ASN B 295 17.56 8.81 11.34
N LEU B 296 18.07 7.87 10.54
CA LEU B 296 19.51 7.69 10.46
C LEU B 296 20.17 8.81 9.68
N GLU B 297 19.48 9.34 8.67
CA GLU B 297 19.99 10.51 7.96
C GLU B 297 20.31 11.64 8.94
N SER B 298 19.41 11.92 9.87
CA SER B 298 19.62 13.10 10.70
C SER B 298 20.74 12.85 11.73
N SER B 299 20.75 11.68 12.36
CA SER B 299 21.78 11.38 13.35
C SER B 299 23.16 11.31 12.71
N ASN B 300 23.29 10.58 11.61
CA ASN B 300 24.60 10.36 11.01
C ASN B 300 25.17 11.63 10.42
N ILE B 301 24.36 12.42 9.73
CA ILE B 301 24.86 13.69 9.20
C ILE B 301 25.23 14.62 10.35
N ALA B 302 24.43 14.63 11.43
CA ALA B 302 24.67 15.62 12.49
C ALA B 302 26.01 15.38 13.19
N TYR B 303 26.28 14.14 13.64
CA TYR B 303 27.52 13.98 14.40
C TYR B 303 28.73 14.19 13.49
N LYS B 304 28.61 13.85 12.21
CA LYS B 304 29.74 14.06 11.33
C LYS B 304 29.96 15.54 11.04
N LEU B 305 28.90 16.33 10.89
CA LEU B 305 29.08 17.76 10.67
C LEU B 305 29.62 18.43 11.92
N ILE B 306 29.07 18.10 13.08
CA ILE B 306 29.60 18.61 14.33
C ILE B 306 31.08 18.25 14.45
N GLN B 307 31.44 17.01 14.11
CA GLN B 307 32.82 16.59 14.26
C GLN B 307 33.74 17.41 13.37
N GLN B 308 33.29 17.73 12.15
CA GLN B 308 34.17 18.43 11.22
C GLN B 308 34.13 19.94 11.42
N ILE B 309 32.96 20.49 11.77
CA ILE B 309 32.70 21.93 11.85
C ILE B 309 32.51 22.32 13.29
N GLY B 310 33.14 23.41 13.71
CA GLY B 310 33.00 23.79 15.10
C GLY B 310 33.95 22.94 15.93
N LYS B 311 34.52 23.47 17.00
CA LYS B 311 35.42 22.66 17.80
C LYS B 311 34.79 22.16 19.10
N ALA B 312 34.22 20.97 18.89
CA ALA B 312 33.87 19.99 19.88
C ALA B 312 34.53 18.69 19.44
N GLU B 313 35.08 17.95 20.42
CA GLU B 313 35.54 16.59 20.20
C GLU B 313 34.29 15.73 20.06
N VAL B 314 34.26 14.83 19.09
CA VAL B 314 33.19 13.85 19.04
C VAL B 314 33.85 12.49 19.11
N ILE B 315 33.45 11.68 20.09
CA ILE B 315 34.00 10.33 20.22
C ILE B 315 32.89 9.31 19.95
N GLY B 316 33.30 8.21 19.33
CA GLY B 316 32.39 7.18 18.90
C GLY B 316 32.47 6.99 17.40
N PRO B 317 31.50 6.27 16.83
CA PRO B 317 30.29 5.78 17.51
C PRO B 317 30.53 4.52 18.33
N PHE B 318 29.75 4.35 19.40
CA PHE B 318 29.80 3.16 20.23
C PHE B 318 28.49 2.39 20.08
N LEU B 319 28.63 1.07 19.88
CA LEU B 319 27.49 0.18 19.62
C LEU B 319 26.85 -0.22 20.95
N THR B 320 25.66 0.31 21.23
CA THR B 320 24.90 -0.03 22.41
C THR B 320 23.89 -1.13 22.07
N GLY B 321 23.33 -1.73 23.11
CA GLY B 321 22.33 -2.75 22.95
C GLY B 321 22.84 -4.17 22.77
N VAL B 322 24.16 -4.39 22.77
CA VAL B 322 24.74 -5.70 22.46
C VAL B 322 25.31 -6.34 23.72
N ARG B 323 25.30 -7.68 23.72
CA ARG B 323 25.56 -8.48 24.91
C ARG B 323 27.00 -8.36 25.38
N ARG B 324 27.94 -8.17 24.47
CA ARG B 324 29.33 -8.03 24.87
C ARG B 324 29.91 -6.81 24.19
N SER B 325 31.06 -6.40 24.66
CA SER B 325 31.67 -5.14 24.25
C SER B 325 32.24 -5.29 22.84
N ALA B 326 31.67 -4.56 21.88
CA ALA B 326 32.15 -4.62 20.51
C ALA B 326 31.78 -3.31 19.85
N ASN B 327 32.77 -2.56 19.40
CA ASN B 327 32.48 -1.28 18.75
C ASN B 327 33.09 -1.26 17.36
N VAL B 328 32.41 -0.59 16.43
CA VAL B 328 32.86 -0.43 15.07
C VAL B 328 33.31 1.02 14.89
N LEU B 329 34.55 1.21 14.47
CA LEU B 329 35.03 2.52 14.09
C LEU B 329 34.33 3.00 12.83
N GLN B 330 34.08 4.31 12.76
CA GLN B 330 33.68 4.89 11.49
C GLN B 330 34.87 4.83 10.54
N ARG B 331 34.57 4.60 9.26
CA ARG B 331 35.64 4.41 8.30
C ARG B 331 36.48 5.67 8.14
N THR B 332 35.86 6.84 8.34
CA THR B 332 36.52 8.13 8.25
C THR B 332 37.37 8.48 9.49
N THR B 333 37.60 7.55 10.41
CA THR B 333 38.24 7.84 11.69
C THR B 333 39.69 8.29 11.51
N THR B 334 40.20 9.00 12.51
CA THR B 334 41.62 9.30 12.65
C THR B 334 42.28 8.32 13.62
N VAL B 335 43.60 8.47 13.77
CA VAL B 335 44.36 7.67 14.73
C VAL B 335 43.93 7.99 16.16
N ASP B 336 43.73 9.28 16.48
CA ASP B 336 43.25 9.64 17.81
C ASP B 336 41.83 9.15 18.06
N GLY B 337 40.95 9.25 17.05
CA GLY B 337 39.62 8.65 17.17
C GLY B 337 39.67 7.20 17.60
N ILE B 338 40.52 6.41 16.96
CA ILE B 338 40.65 5.00 17.33
C ILE B 338 41.09 4.87 18.78
N VAL B 339 42.01 5.74 19.21
CA VAL B 339 42.52 5.71 20.57
C VAL B 339 41.38 5.95 21.56
N ASN B 340 40.59 7.00 21.31
CA ASN B 340 39.41 7.27 22.12
C ASN B 340 38.47 6.08 22.14
N SER B 341 38.29 5.42 21.00
CA SER B 341 37.34 4.32 20.95
C SER B 341 37.85 3.13 21.76
N VAL B 342 39.16 2.85 21.70
CA VAL B 342 39.68 1.72 22.45
C VAL B 342 39.54 1.96 23.94
N VAL B 343 39.77 3.20 24.38
CA VAL B 343 39.61 3.54 25.80
C VAL B 343 38.21 3.20 26.29
N PHE B 344 37.19 3.63 25.56
CA PHE B 344 35.82 3.41 26.02
C PHE B 344 35.37 1.97 25.80
N THR B 345 35.91 1.29 24.78
CA THR B 345 35.68 -0.16 24.67
C THR B 345 36.27 -0.91 25.87
N ALA B 346 37.42 -0.47 26.39
CA ALA B 346 37.99 -1.13 27.57
C ALA B 346 37.10 -0.95 28.80
N LEU B 347 36.63 0.27 29.02
CA LEU B 347 35.72 0.53 30.14
C LEU B 347 34.47 -0.31 30.01
N GLU B 348 33.92 -0.41 28.80
CA GLU B 348 32.73 -1.22 28.56
C GLU B 348 33.02 -2.70 28.85
N ALA B 349 34.16 -3.21 28.38
CA ALA B 349 34.51 -4.61 28.67
C ALA B 349 34.57 -4.86 30.17
N GLN B 350 35.19 -3.94 30.91
CA GLN B 350 35.25 -4.09 32.37
C GLN B 350 33.86 -4.05 33.00
N TYR B 351 33.01 -3.13 32.55
CA TYR B 351 31.67 -3.06 33.12
C TYR B 351 30.89 -4.35 32.85
N ILE B 352 30.91 -4.84 31.60
CA ILE B 352 30.20 -6.07 31.26
C ILE B 352 30.80 -7.27 32.00
N LYS B 353 32.10 -7.24 32.33
CA LYS B 353 32.66 -8.38 33.03
C LYS B 353 32.26 -8.36 34.51
N GLU B 354 31.88 -7.20 35.04
CA GLU B 354 31.33 -7.14 36.41
C GLU B 354 29.89 -7.61 36.43
N VAL B 355 29.11 -7.25 35.42
CA VAL B 355 27.74 -7.74 35.34
C VAL B 355 27.74 -9.26 35.20
N LEU B 356 28.65 -9.81 34.39
CA LEU B 356 28.67 -11.25 34.16
C LEU B 356 28.98 -12.02 35.45
N LYS B 357 29.68 -11.39 36.41
CA LYS B 357 29.96 -11.98 37.72
C LYS B 357 28.71 -11.75 38.58
N SER B 358 27.76 -12.68 38.48
CA SER B 358 26.56 -12.69 39.34
C SER B 358 25.90 -14.06 39.36
N SER C 19 -1.14 -49.76 -13.44
CA SER C 19 -0.26 -50.77 -12.82
C SER C 19 -0.05 -50.47 -11.32
N HIS C 20 0.76 -49.44 -11.02
CA HIS C 20 0.93 -49.03 -9.63
C HIS C 20 -0.37 -48.48 -9.10
N SER C 21 -1.15 -47.82 -9.93
CA SER C 21 -2.55 -47.56 -9.56
C SER C 21 -3.26 -48.82 -9.19
N LYS C 22 -3.15 -49.84 -10.04
CA LYS C 22 -3.96 -51.03 -9.87
C LYS C 22 -3.66 -51.74 -8.55
N VAL C 23 -2.42 -51.80 -8.09
CA VAL C 23 -2.18 -52.33 -6.75
C VAL C 23 -2.73 -51.38 -5.68
N PHE C 24 -2.50 -50.08 -5.84
CA PHE C 24 -2.96 -49.11 -4.84
C PHE C 24 -4.48 -49.00 -4.80
N ILE C 25 -5.13 -48.99 -5.97
CA ILE C 25 -6.57 -48.86 -6.00
C ILE C 25 -7.23 -50.16 -5.55
N ARG C 26 -6.61 -51.31 -5.86
CA ARG C 26 -7.19 -52.57 -5.42
C ARG C 26 -7.17 -52.70 -3.92
N SER C 27 -6.07 -52.26 -3.29
CA SER C 27 -6.05 -52.19 -1.84
C SER C 27 -7.15 -51.27 -1.32
N ALA C 28 -7.33 -50.11 -1.96
CA ALA C 28 -8.39 -49.19 -1.56
C ALA C 28 -9.77 -49.82 -1.76
N ILE C 29 -9.98 -50.48 -2.90
CA ILE C 29 -11.25 -51.18 -3.11
C ILE C 29 -11.46 -52.25 -2.05
N ASN C 30 -10.39 -52.95 -1.64
CA ASN C 30 -10.57 -53.95 -0.59
C ASN C 30 -10.95 -53.30 0.75
N ARG C 31 -10.35 -52.15 1.06
CA ARG C 31 -10.70 -51.44 2.29
C ARG C 31 -12.14 -50.94 2.28
N VAL C 32 -12.68 -50.57 1.11
CA VAL C 32 -14.10 -50.26 1.02
C VAL C 32 -14.92 -51.51 1.36
N HIS C 33 -14.52 -52.66 0.82
CA HIS C 33 -15.25 -53.90 1.10
C HIS C 33 -15.12 -54.32 2.57
N GLN C 34 -13.93 -54.19 3.15
CA GLN C 34 -13.81 -54.46 4.57
C GLN C 34 -14.70 -53.54 5.38
N ASN C 35 -14.85 -52.28 4.94
CA ASN C 35 -15.68 -51.31 5.65
C ASN C 35 -17.18 -51.61 5.51
N SER C 36 -17.66 -51.95 4.31
CA SER C 36 -19.09 -52.25 4.18
C SER C 36 -19.44 -53.46 5.03
N ALA C 37 -18.72 -54.55 4.82
CA ALA C 37 -18.82 -55.67 5.74
C ALA C 37 -18.43 -55.15 7.12
N ALA C 38 -19.05 -55.69 8.16
CA ALA C 38 -18.93 -55.19 9.54
C ALA C 38 -19.73 -53.92 9.66
N ASN C 39 -20.49 -53.56 8.62
CA ASN C 39 -21.51 -52.55 8.71
C ASN C 39 -22.77 -53.05 8.03
N GLY C 40 -23.03 -54.35 8.08
CA GLY C 40 -24.24 -54.93 7.52
C GLY C 40 -24.26 -55.10 6.02
N GLY C 41 -23.27 -54.54 5.33
CA GLY C 41 -23.25 -54.63 3.87
C GLY C 41 -23.71 -53.33 3.26
N GLU C 42 -23.78 -52.29 4.07
CA GLU C 42 -24.18 -50.96 3.55
C GLU C 42 -23.05 -50.42 2.70
N LEU C 43 -23.37 -50.04 1.48
CA LEU C 43 -22.46 -49.42 0.50
C LEU C 43 -22.84 -47.96 0.49
N PRO C 44 -21.92 -46.79 0.56
CA PRO C 44 -22.15 -45.34 0.59
C PRO C 44 -22.96 -44.91 -0.62
N ARG C 45 -23.94 -44.04 -0.37
CA ARG C 45 -24.69 -43.40 -1.44
C ARG C 45 -23.93 -42.17 -1.95
N ILE C 46 -23.57 -42.19 -3.24
CA ILE C 46 -22.81 -41.12 -3.87
C ILE C 46 -23.68 -40.48 -4.96
N VAL C 47 -23.86 -39.14 -4.88
CA VAL C 47 -24.60 -38.38 -5.89
C VAL C 47 -23.66 -37.92 -6.99
N PHE C 48 -24.11 -38.02 -8.22
CA PHE C 48 -23.37 -37.52 -9.37
C PHE C 48 -24.23 -36.45 -10.05
N PRO C 49 -23.91 -35.17 -9.89
CA PRO C 49 -24.75 -34.11 -10.52
C PRO C 49 -24.79 -34.20 -12.03
N GLU C 50 -23.73 -34.72 -12.67
CA GLU C 50 -23.66 -34.79 -14.13
C GLU C 50 -24.20 -36.15 -14.59
N GLY C 51 -25.52 -36.30 -14.41
CA GLY C 51 -26.19 -37.55 -14.68
C GLY C 51 -26.14 -38.00 -16.12
N THR C 52 -25.89 -37.09 -17.05
CA THR C 52 -25.81 -37.42 -18.47
C THR C 52 -24.38 -37.51 -18.98
N SER C 53 -23.39 -37.31 -18.12
CA SER C 53 -22.00 -37.36 -18.57
C SER C 53 -21.64 -38.75 -19.05
N THR C 54 -21.14 -38.82 -20.29
CA THR C 54 -20.73 -40.11 -20.85
C THR C 54 -19.68 -40.77 -19.95
N LYS C 55 -18.66 -40.02 -19.57
CA LYS C 55 -17.57 -40.60 -18.77
C LYS C 55 -18.03 -41.03 -17.38
N VAL C 56 -18.97 -40.30 -16.77
CA VAL C 56 -19.46 -40.71 -15.46
C VAL C 56 -20.21 -42.04 -15.55
N LEU C 57 -21.08 -42.17 -16.55
CA LEU C 57 -21.89 -43.38 -16.66
C LEU C 57 -21.04 -44.59 -17.02
N LYS C 58 -20.08 -44.43 -17.90
CA LYS C 58 -19.19 -45.52 -18.23
C LYS C 58 -18.38 -45.95 -17.01
N ALA C 59 -17.90 -44.99 -16.21
CA ALA C 59 -17.20 -45.32 -14.98
C ALA C 59 -18.11 -46.03 -14.00
N LEU C 60 -19.39 -45.65 -13.96
CA LEU C 60 -20.33 -46.29 -13.04
C LEU C 60 -20.57 -47.75 -13.37
N ALA C 61 -20.45 -48.14 -14.64
CA ALA C 61 -20.54 -49.56 -14.99
C ALA C 61 -19.57 -50.37 -14.13
N THR C 62 -18.31 -49.92 -14.09
CA THR C 62 -17.29 -50.53 -13.26
C THR C 62 -17.65 -50.47 -11.76
N LEU C 63 -18.27 -49.36 -11.32
CA LEU C 63 -18.41 -49.09 -9.90
C LEU C 63 -19.51 -49.89 -9.20
N VAL C 64 -20.59 -50.27 -9.91
CA VAL C 64 -21.62 -51.12 -9.32
C VAL C 64 -21.21 -52.60 -9.45
N GLU C 65 -20.57 -52.94 -10.58
CA GLU C 65 -19.92 -54.24 -10.78
C GLU C 65 -19.03 -54.59 -9.58
N GLU C 66 -18.26 -53.61 -9.12
CA GLU C 66 -17.28 -53.75 -8.06
C GLU C 66 -17.82 -53.50 -6.66
N LYS C 67 -19.10 -53.14 -6.51
CA LYS C 67 -19.73 -52.93 -5.19
C LYS C 67 -19.02 -51.84 -4.37
N ILE C 68 -18.83 -50.68 -4.99
CA ILE C 68 -18.18 -49.56 -4.33
C ILE C 68 -19.22 -48.60 -3.73
N CYS C 69 -20.31 -48.34 -4.43
CA CYS C 69 -21.32 -47.39 -3.96
C CYS C 69 -22.66 -47.68 -4.64
N GLN C 70 -23.76 -47.22 -4.03
CA GLN C 70 -25.01 -46.90 -4.73
C GLN C 70 -24.96 -45.58 -5.41
N PRO C 71 -24.86 -45.48 -6.70
CA PRO C 71 -24.87 -44.21 -7.41
C PRO C 71 -26.28 -43.63 -7.42
N ILE C 72 -26.36 -42.34 -7.18
CA ILE C 72 -27.56 -41.55 -7.37
C ILE C 72 -27.22 -40.55 -8.47
N LEU C 73 -27.90 -40.65 -9.60
CA LEU C 73 -27.68 -39.76 -10.72
C LEU C 73 -28.68 -38.61 -10.68
N LEU C 74 -28.23 -37.40 -10.98
CA LEU C 74 -29.12 -36.25 -11.06
C LEU C 74 -29.37 -35.90 -12.52
N GLY C 75 -30.63 -35.62 -12.83
CA GLY C 75 -31.03 -35.27 -14.18
C GLY C 75 -32.49 -35.58 -14.42
N TYR C 76 -32.95 -35.21 -15.61
CA TYR C 76 -34.29 -35.61 -16.06
C TYR C 76 -34.27 -37.11 -16.29
N PRO C 77 -35.09 -37.90 -15.57
CA PRO C 77 -35.02 -39.36 -15.71
C PRO C 77 -34.93 -39.90 -17.14
N GLU C 78 -35.84 -39.51 -18.03
CA GLU C 78 -35.80 -40.03 -19.39
C GLU C 78 -34.58 -39.50 -20.13
N ARG C 79 -34.19 -38.28 -19.85
CA ARG C 79 -32.95 -37.70 -20.36
C ARG C 79 -31.77 -38.57 -19.99
N VAL C 80 -31.77 -39.09 -18.75
CA VAL C 80 -30.67 -39.92 -18.25
C VAL C 80 -30.72 -41.33 -18.82
N LYS C 81 -31.90 -41.95 -18.77
CA LYS C 81 -32.05 -43.35 -19.16
C LYS C 81 -31.78 -43.55 -20.65
N GLU C 82 -32.25 -42.63 -21.49
CA GLU C 82 -32.05 -42.82 -22.91
C GLU C 82 -30.56 -42.62 -23.27
N LYS C 83 -29.82 -41.86 -22.45
CA LYS C 83 -28.35 -41.81 -22.59
C LYS C 83 -27.70 -43.13 -22.20
N ILE C 84 -28.23 -43.80 -21.16
CA ILE C 84 -27.69 -45.08 -20.71
C ILE C 84 -27.89 -46.16 -21.78
N LYS C 85 -29.07 -46.19 -22.39
CA LYS C 85 -29.41 -47.21 -23.38
C LYS C 85 -28.78 -46.90 -24.73
N ALA C 86 -28.52 -45.63 -25.02
CA ALA C 86 -27.73 -45.24 -26.19
C ALA C 86 -26.33 -45.86 -26.13
N LEU C 87 -25.71 -45.75 -24.97
CA LEU C 87 -24.38 -46.37 -24.75
C LEU C 87 -24.59 -47.84 -24.36
N ASP C 88 -25.81 -48.17 -23.96
CA ASP C 88 -26.21 -49.56 -23.64
C ASP C 88 -25.26 -50.15 -22.59
N ILE C 89 -24.86 -49.42 -21.56
CA ILE C 89 -24.02 -50.07 -20.52
C ILE C 89 -25.10 -50.59 -19.60
N PRO C 90 -25.50 -52.02 -19.58
CA PRO C 90 -26.65 -52.76 -19.03
C PRO C 90 -26.86 -52.58 -17.53
N LEU C 91 -25.87 -52.83 -16.70
CA LEU C 91 -26.17 -52.95 -15.28
C LEU C 91 -26.45 -51.63 -14.54
N LEU C 92 -26.52 -50.48 -15.26
CA LEU C 92 -27.07 -49.25 -14.66
C LEU C 92 -28.57 -49.24 -14.82
N ASN C 93 -29.07 -50.45 -14.65
CA ASN C 93 -30.38 -50.95 -15.01
C ASN C 93 -31.48 -50.27 -14.21
N ASP C 94 -31.18 -49.97 -12.95
CA ASP C 94 -32.15 -49.62 -11.94
C ASP C 94 -31.59 -48.57 -11.00
N VAL C 95 -30.38 -48.09 -11.28
CA VAL C 95 -29.70 -47.12 -10.45
C VAL C 95 -30.56 -45.87 -10.27
N SER C 96 -30.44 -45.27 -9.09
CA SER C 96 -31.30 -44.16 -8.71
C SER C 96 -31.12 -42.95 -9.61
N ILE C 97 -32.23 -42.33 -9.98
CA ILE C 97 -32.22 -41.11 -10.76
C ILE C 97 -33.16 -40.11 -10.12
N VAL C 98 -32.66 -38.92 -9.85
CA VAL C 98 -33.43 -37.89 -9.17
C VAL C 98 -33.35 -36.62 -10.01
N HIS C 99 -34.51 -36.04 -10.32
CA HIS C 99 -34.59 -34.73 -10.94
C HIS C 99 -34.74 -33.71 -9.83
N PRO C 100 -33.77 -32.82 -9.60
CA PRO C 100 -33.79 -31.95 -8.42
C PRO C 100 -35.12 -31.25 -8.11
N SER C 101 -35.68 -30.52 -9.07
CA SER C 101 -36.89 -29.74 -8.78
C SER C 101 -38.16 -30.59 -8.69
N SER C 102 -38.11 -31.88 -9.04
CA SER C 102 -39.23 -32.80 -8.83
C SER C 102 -39.13 -33.56 -7.52
N HIS C 103 -38.00 -33.47 -6.84
CA HIS C 103 -37.80 -34.24 -5.62
C HIS C 103 -38.70 -33.73 -4.50
N PRO C 104 -39.21 -34.61 -3.63
CA PRO C 104 -40.10 -34.16 -2.55
C PRO C 104 -39.46 -33.16 -1.60
N LYS C 105 -38.13 -33.23 -1.40
CA LYS C 105 -37.42 -32.38 -0.44
C LYS C 105 -36.95 -31.07 -1.06
N TYR C 106 -37.25 -30.83 -2.34
CA TYR C 106 -36.81 -29.62 -3.03
C TYR C 106 -37.18 -28.38 -2.24
N PHE C 107 -38.44 -28.28 -1.82
CA PHE C 107 -38.88 -27.08 -1.13
C PHE C 107 -38.11 -26.88 0.19
N SER C 108 -37.91 -27.96 0.95
CA SER C 108 -37.13 -27.87 2.17
C SER C 108 -35.66 -27.55 1.87
N PHE C 109 -35.14 -28.07 0.77
CA PHE C 109 -33.76 -27.73 0.40
C PHE C 109 -33.64 -26.24 0.05
N VAL C 110 -34.61 -25.72 -0.71
CA VAL C 110 -34.59 -24.30 -1.06
C VAL C 110 -34.58 -23.44 0.19
N GLU C 111 -35.46 -23.74 1.16
CA GLU C 111 -35.46 -22.89 2.35
C GLU C 111 -34.15 -22.99 3.10
N LYS C 112 -33.54 -24.17 3.18
CA LYS C 112 -32.27 -24.20 3.89
C LYS C 112 -31.17 -23.42 3.17
N LEU C 113 -31.11 -23.46 1.84
CA LEU C 113 -30.08 -22.67 1.15
C LEU C 113 -30.37 -21.17 1.29
N TYR C 114 -31.64 -20.79 1.18
CA TYR C 114 -32.02 -19.40 1.41
C TYR C 114 -31.60 -18.95 2.80
N SER C 115 -31.88 -19.78 3.81
CA SER C 115 -31.52 -19.40 5.17
C SER C 115 -30.01 -19.23 5.30
N LEU C 116 -29.23 -20.02 4.56
CA LEU C 116 -27.77 -19.92 4.62
C LEU C 116 -27.24 -18.68 3.91
N ALA C 117 -27.95 -18.19 2.88
CA ALA C 117 -27.36 -17.24 1.95
C ALA C 117 -28.13 -15.94 1.82
N GLN C 118 -29.19 -15.74 2.59
CA GLN C 118 -30.05 -14.58 2.38
C GLN C 118 -29.36 -13.27 2.77
N ARG C 119 -28.25 -13.35 3.51
CA ARG C 119 -27.41 -12.21 3.83
C ARG C 119 -26.12 -12.22 3.02
N LYS C 120 -26.05 -13.07 2.00
CA LYS C 120 -24.96 -13.09 1.04
C LYS C 120 -25.45 -12.75 -0.37
N GLY C 121 -26.59 -12.07 -0.47
CA GLY C 121 -27.07 -11.54 -1.74
C GLY C 121 -27.90 -12.50 -2.56
N ILE C 122 -28.56 -13.45 -1.91
CA ILE C 122 -29.28 -14.53 -2.57
C ILE C 122 -30.73 -14.42 -2.14
N ASN C 123 -31.62 -14.07 -3.07
CA ASN C 123 -33.06 -14.03 -2.75
C ASN C 123 -33.72 -15.38 -3.00
N LEU C 124 -35.01 -15.47 -2.66
CA LEU C 124 -35.71 -16.75 -2.69
C LEU C 124 -35.72 -17.34 -4.09
N GLY C 125 -35.96 -16.51 -5.11
CA GLY C 125 -35.96 -16.99 -6.48
C GLY C 125 -34.61 -17.54 -6.93
N GLU C 126 -33.51 -16.88 -6.56
CA GLU C 126 -32.20 -17.44 -6.93
C GLU C 126 -31.86 -18.65 -6.06
N ALA C 127 -32.28 -18.67 -4.80
CA ALA C 127 -32.16 -19.86 -3.99
C ALA C 127 -32.90 -21.02 -4.65
N GLU C 128 -34.06 -20.74 -5.26
CA GLU C 128 -34.78 -21.75 -6.03
C GLU C 128 -34.01 -22.14 -7.28
N ARG C 129 -33.45 -21.15 -7.99
CA ARG C 129 -32.71 -21.44 -9.21
C ARG C 129 -31.42 -22.19 -8.89
N LEU C 130 -30.76 -21.85 -7.79
CA LEU C 130 -29.51 -22.53 -7.43
C LEU C 130 -29.79 -23.98 -7.09
N MET C 131 -30.84 -24.23 -6.32
CA MET C 131 -31.19 -25.58 -5.87
C MET C 131 -31.68 -26.46 -7.01
N ALA C 132 -32.13 -25.87 -8.11
CA ALA C 132 -32.47 -26.63 -9.30
C ALA C 132 -31.22 -27.01 -10.09
N ASP C 133 -30.09 -26.36 -9.81
CA ASP C 133 -28.82 -26.79 -10.38
C ASP C 133 -28.36 -28.05 -9.67
N PRO C 134 -28.02 -29.11 -10.39
CA PRO C 134 -27.62 -30.36 -9.74
C PRO C 134 -26.47 -30.23 -8.75
N ASN C 135 -25.50 -29.34 -9.00
CA ASN C 135 -24.36 -29.25 -8.09
C ASN C 135 -24.80 -28.81 -6.70
N TYR C 136 -25.70 -27.83 -6.62
CA TYR C 136 -26.21 -27.39 -5.32
C TYR C 136 -27.10 -28.44 -4.71
N PHE C 137 -27.97 -29.05 -5.53
CA PHE C 137 -28.82 -30.12 -5.03
C PHE C 137 -27.98 -31.26 -4.48
N ALA C 138 -26.92 -31.65 -5.19
CA ALA C 138 -26.08 -32.74 -4.67
C ALA C 138 -25.47 -32.35 -3.33
N ALA C 139 -24.92 -31.13 -3.25
CA ALA C 139 -24.27 -30.72 -2.00
C ALA C 139 -25.26 -30.72 -0.85
N MET C 140 -26.49 -30.24 -1.08
CA MET C 140 -27.49 -30.25 -0.03
C MET C 140 -27.90 -31.68 0.33
N MET C 141 -28.01 -32.57 -0.66
CA MET C 141 -28.32 -33.97 -0.36
C MET C 141 -27.28 -34.55 0.59
N VAL C 142 -26.00 -34.29 0.32
CA VAL C 142 -24.95 -34.80 1.19
C VAL C 142 -25.04 -34.17 2.57
N ASN C 143 -25.20 -32.85 2.62
CA ASN C 143 -25.27 -32.17 3.91
C ASN C 143 -26.42 -32.69 4.75
N GLN C 144 -27.57 -32.95 4.12
CA GLN C 144 -28.78 -33.35 4.84
C GLN C 144 -28.90 -34.85 5.05
N GLY C 145 -27.89 -35.63 4.69
CA GLY C 145 -27.96 -37.07 4.91
C GLY C 145 -28.78 -37.83 3.89
N GLU C 146 -29.26 -37.19 2.84
CA GLU C 146 -29.85 -37.97 1.76
C GLU C 146 -28.79 -38.71 0.97
N ALA C 147 -27.52 -38.36 1.14
CA ALA C 147 -26.43 -39.12 0.54
C ALA C 147 -25.19 -38.98 1.40
N ASP C 148 -24.25 -39.88 1.15
CA ASP C 148 -23.01 -39.92 1.91
C ASP C 148 -21.88 -39.17 1.24
N GLY C 149 -21.99 -38.92 -0.06
CA GLY C 149 -20.94 -38.20 -0.74
C GLY C 149 -21.39 -37.80 -2.13
N MET C 150 -20.54 -37.01 -2.78
CA MET C 150 -20.78 -36.59 -4.14
C MET C 150 -19.45 -36.53 -4.88
N VAL C 151 -19.55 -36.63 -6.19
CA VAL C 151 -18.44 -36.49 -7.12
C VAL C 151 -18.97 -35.66 -8.28
N SER C 152 -18.34 -34.51 -8.52
CA SER C 152 -18.82 -33.57 -9.51
C SER C 152 -17.62 -33.02 -10.27
N GLY C 153 -17.90 -32.24 -11.31
CA GLY C 153 -16.89 -31.44 -11.95
C GLY C 153 -16.30 -32.04 -13.21
N SER C 154 -16.93 -33.09 -13.75
CA SER C 154 -16.53 -33.66 -15.03
C SER C 154 -16.63 -32.65 -16.15
N SER C 155 -17.65 -31.76 -16.08
CA SER C 155 -18.00 -30.90 -17.19
C SER C 155 -17.78 -29.42 -16.92
N ILE C 156 -17.52 -29.02 -15.67
CA ILE C 156 -17.36 -27.61 -15.34
C ILE C 156 -16.04 -27.38 -14.63
N ASN C 157 -15.60 -26.12 -14.63
CA ASN C 157 -14.32 -25.78 -14.05
C ASN C 157 -14.37 -25.88 -12.53
N TYR C 158 -13.17 -25.97 -11.94
CA TYR C 158 -13.03 -26.40 -10.55
C TYR C 158 -13.68 -25.45 -9.57
N ALA C 159 -13.43 -24.14 -9.72
CA ALA C 159 -13.94 -23.19 -8.75
C ALA C 159 -15.46 -23.15 -8.77
N ASP C 160 -16.05 -23.31 -9.95
CA ASP C 160 -17.51 -23.36 -10.03
C ASP C 160 -18.04 -24.64 -9.42
N ALA C 161 -17.34 -25.76 -9.61
CA ALA C 161 -17.81 -27.01 -9.04
C ALA C 161 -17.66 -27.02 -7.53
N VAL C 162 -16.64 -26.34 -7.00
CA VAL C 162 -16.37 -26.42 -5.56
C VAL C 162 -17.14 -25.40 -4.76
N ARG C 163 -17.62 -24.30 -5.37
CA ARG C 163 -18.37 -23.29 -4.65
C ARG C 163 -19.61 -23.84 -3.94
N PRO C 164 -20.52 -24.58 -4.62
CA PRO C 164 -21.64 -25.20 -3.86
C PRO C 164 -21.18 -26.07 -2.70
N ILE C 165 -20.07 -26.78 -2.86
CA ILE C 165 -19.58 -27.65 -1.79
C ILE C 165 -19.17 -26.81 -0.56
N LEU C 166 -18.39 -25.75 -0.76
CA LEU C 166 -17.92 -24.99 0.40
C LEU C 166 -19.05 -24.23 1.10
N GLN C 167 -19.95 -23.59 0.35
CA GLN C 167 -20.99 -22.86 1.10
C GLN C 167 -22.16 -23.72 1.56
N THR C 168 -22.32 -24.94 1.06
CA THR C 168 -23.36 -25.81 1.59
C THR C 168 -22.82 -26.81 2.60
N ILE C 169 -21.76 -27.57 2.24
CA ILE C 169 -21.21 -28.57 3.15
C ILE C 169 -20.21 -27.94 4.12
N GLY C 170 -19.34 -27.07 3.62
CA GLY C 170 -18.46 -26.29 4.47
C GLY C 170 -17.30 -27.10 5.02
N VAL C 171 -16.46 -26.42 5.85
CA VAL C 171 -15.27 -27.03 6.43
C VAL C 171 -15.55 -27.35 7.90
N TYR C 172 -14.87 -28.38 8.41
CA TYR C 172 -14.91 -28.75 9.83
C TYR C 172 -14.06 -27.78 10.64
N LYS C 173 -14.06 -27.91 11.97
CA LYS C 173 -13.48 -26.79 12.67
C LYS C 173 -11.98 -26.72 12.41
N GLU C 174 -11.47 -25.51 12.27
CA GLU C 174 -10.06 -25.24 12.04
C GLU C 174 -9.54 -25.89 10.77
N GLY C 175 -10.39 -26.55 9.99
CA GLY C 175 -9.97 -27.15 8.75
C GLY C 175 -9.85 -26.13 7.65
N ILE C 176 -9.16 -26.52 6.60
CA ILE C 176 -9.00 -25.65 5.44
C ILE C 176 -9.25 -26.49 4.21
N PRO C 177 -10.02 -26.00 3.24
CA PRO C 177 -10.23 -26.76 2.00
C PRO C 177 -8.95 -26.77 1.19
N ALA C 178 -8.50 -27.96 0.80
CA ALA C 178 -7.22 -28.10 0.11
C ALA C 178 -7.25 -29.34 -0.77
N GLY C 179 -6.90 -29.17 -2.04
CA GLY C 179 -6.78 -30.31 -2.93
C GLY C 179 -5.52 -31.12 -2.66
N LEU C 180 -5.63 -32.43 -2.82
CA LEU C 180 -4.54 -33.35 -2.50
C LEU C 180 -4.40 -34.37 -3.61
N ASN C 181 -3.16 -34.67 -3.99
CA ASN C 181 -2.87 -35.65 -5.03
C ASN C 181 -1.88 -36.67 -4.53
N PHE C 182 -2.06 -37.93 -4.97
CA PHE C 182 -1.12 -39.00 -4.72
C PHE C 182 -0.28 -39.23 -5.97
N VAL C 183 1.04 -39.29 -5.78
CA VAL C 183 1.98 -39.75 -6.81
C VAL C 183 2.40 -41.16 -6.38
N LEU C 184 2.16 -42.14 -7.24
CA LEU C 184 2.33 -43.55 -6.90
C LEU C 184 3.64 -44.07 -7.48
N LEU C 185 4.60 -44.34 -6.63
CA LEU C 185 5.93 -44.86 -6.96
C LEU C 185 6.02 -46.36 -6.66
N GLU C 186 7.13 -46.95 -7.08
CA GLU C 186 7.44 -48.35 -6.83
C GLU C 186 7.30 -48.73 -5.33
N ASP C 187 8.02 -48.07 -4.41
CA ASP C 187 7.96 -48.51 -3.02
C ASP C 187 6.82 -47.85 -2.31
N LYS C 188 6.69 -46.54 -2.56
CA LYS C 188 6.05 -45.55 -1.72
C LYS C 188 4.99 -44.83 -2.56
N PHE C 189 4.17 -44.03 -1.88
CA PHE C 189 3.47 -42.96 -2.58
C PHE C 189 3.86 -41.62 -1.95
N LEU C 190 3.75 -40.55 -2.73
CA LEU C 190 3.88 -39.18 -2.27
C LEU C 190 2.53 -38.49 -2.25
N VAL C 191 2.36 -37.58 -1.32
CA VAL C 191 1.19 -36.71 -1.23
C VAL C 191 1.63 -35.28 -1.51
N LEU C 192 0.89 -34.61 -2.40
CA LEU C 192 1.09 -33.22 -2.79
C LEU C 192 -0.14 -32.42 -2.40
N ALA C 193 0.05 -31.26 -1.78
CA ALA C 193 -1.03 -30.35 -1.41
C ALA C 193 -0.42 -28.98 -1.13
N ASP C 194 -1.22 -27.92 -1.25
CA ASP C 194 -2.58 -27.84 -1.77
C ASP C 194 -2.60 -27.58 -3.27
N THR C 195 -3.10 -28.55 -4.05
CA THR C 195 -3.01 -28.49 -5.51
C THR C 195 -4.16 -27.76 -6.21
N THR C 196 -5.22 -27.33 -5.52
CA THR C 196 -6.37 -26.80 -6.28
C THR C 196 -7.05 -25.55 -5.74
N VAL C 197 -6.98 -25.24 -4.45
CA VAL C 197 -7.89 -24.25 -3.84
C VAL C 197 -7.18 -22.95 -3.54
N ASN C 198 -6.19 -22.92 -2.66
CA ASN C 198 -5.67 -21.68 -2.09
C ASN C 198 -4.54 -21.09 -2.93
N LEU C 199 -4.72 -19.83 -3.38
CA LEU C 199 -3.73 -19.14 -4.20
C LEU C 199 -2.38 -19.01 -3.49
N ASN C 200 -2.41 -18.54 -2.24
CA ASN C 200 -1.19 -18.13 -1.53
C ASN C 200 -1.40 -18.31 -0.07
N PRO C 201 -1.41 -19.56 0.45
CA PRO C 201 -1.71 -19.81 1.85
C PRO C 201 -0.67 -19.17 2.76
N THR C 202 -1.14 -18.71 3.91
CA THR C 202 -0.28 -18.20 4.95
C THR C 202 0.51 -19.36 5.57
N ALA C 203 1.47 -19.02 6.43
CA ALA C 203 2.19 -20.04 7.16
C ALA C 203 1.26 -20.88 8.03
N GLU C 204 0.27 -20.23 8.67
CA GLU C 204 -0.70 -20.98 9.48
C GLU C 204 -1.51 -21.94 8.62
N GLN C 205 -1.99 -21.45 7.47
CA GLN C 205 -2.74 -22.30 6.57
C GLN C 205 -1.87 -23.42 6.02
N CYS C 206 -0.59 -23.13 5.75
CA CYS C 206 0.27 -24.19 5.25
C CYS C 206 0.44 -25.28 6.31
N ALA C 207 0.46 -24.89 7.57
CA ALA C 207 0.55 -25.87 8.64
C ALA C 207 -0.71 -26.71 8.70
N GLN C 208 -1.87 -26.08 8.52
CA GLN C 208 -3.13 -26.82 8.52
C GLN C 208 -3.23 -27.76 7.32
N ILE C 209 -2.81 -27.31 6.13
CA ILE C 209 -2.81 -28.23 4.99
C ILE C 209 -1.92 -29.43 5.27
N ALA C 210 -0.74 -29.19 5.87
CA ALA C 210 0.18 -30.30 6.16
C ALA C 210 -0.44 -31.28 7.15
N LEU C 211 -1.14 -30.76 8.16
CA LEU C 211 -1.76 -31.65 9.13
C LEU C 211 -2.83 -32.50 8.47
N GLN C 212 -3.67 -31.89 7.63
CA GLN C 212 -4.66 -32.66 6.90
C GLN C 212 -3.99 -33.72 6.03
N ALA C 213 -2.93 -33.34 5.31
CA ALA C 213 -2.25 -34.32 4.46
C ALA C 213 -1.68 -35.47 5.27
N ALA C 214 -1.15 -35.18 6.46
CA ALA C 214 -0.57 -36.23 7.31
C ALA C 214 -1.63 -37.20 7.81
N LYS C 215 -2.84 -36.74 8.11
CA LYS C 215 -3.89 -37.65 8.58
C LYS C 215 -4.24 -38.66 7.50
N ILE C 216 -4.28 -38.22 6.25
CA ILE C 216 -4.52 -39.10 5.13
C ILE C 216 -3.41 -40.15 5.00
N VAL C 217 -2.15 -39.73 5.17
CA VAL C 217 -1.06 -40.67 5.10
C VAL C 217 -1.18 -41.69 6.21
N GLU C 218 -1.55 -41.24 7.41
CA GLU C 218 -1.68 -42.15 8.52
C GLU C 218 -2.78 -43.16 8.28
N TYR C 219 -3.85 -42.75 7.60
CA TYR C 219 -4.96 -43.68 7.34
C TYR C 219 -4.48 -44.94 6.63
N PHE C 220 -3.47 -44.82 5.76
CA PHE C 220 -2.89 -45.95 5.08
C PHE C 220 -1.77 -46.62 5.88
N GLY C 221 -1.69 -46.32 7.18
CA GLY C 221 -0.71 -46.91 8.08
C GLY C 221 0.72 -46.54 7.77
N ILE C 222 0.95 -45.38 7.18
CA ILE C 222 2.29 -44.93 6.83
C ILE C 222 2.68 -43.76 7.71
N GLU C 223 3.96 -43.71 8.07
CA GLU C 223 4.49 -42.59 8.83
C GLU C 223 4.58 -41.36 7.93
N PRO C 224 3.87 -40.29 8.24
CA PRO C 224 3.99 -39.08 7.42
C PRO C 224 5.29 -38.36 7.76
N ARG C 225 5.98 -37.92 6.71
CA ARG C 225 7.21 -37.14 6.80
C ARG C 225 7.03 -35.93 5.89
N VAL C 226 6.96 -34.75 6.48
CA VAL C 226 6.39 -33.58 5.82
C VAL C 226 7.49 -32.60 5.48
N ALA C 227 7.53 -32.18 4.22
CA ALA C 227 8.44 -31.17 3.73
C ALA C 227 7.66 -29.92 3.31
N MET C 228 8.04 -28.77 3.86
CA MET C 228 7.49 -27.47 3.44
C MET C 228 8.38 -26.95 2.33
N LEU C 229 7.86 -26.90 1.11
CA LEU C 229 8.68 -26.67 -0.08
C LEU C 229 8.88 -25.19 -0.37
N SER C 230 10.04 -24.88 -0.94
CA SER C 230 10.43 -23.53 -1.32
C SER C 230 11.39 -23.67 -2.50
N TYR C 231 11.89 -22.54 -3.00
CA TYR C 231 13.02 -22.54 -3.92
C TYR C 231 14.36 -22.49 -3.18
N SER C 232 14.33 -22.56 -1.85
CA SER C 232 15.50 -22.36 -1.01
C SER C 232 15.68 -23.57 -0.09
N ASN C 233 16.92 -23.82 0.29
CA ASN C 233 17.25 -24.82 1.30
C ASN C 233 17.63 -24.12 2.61
N PHE C 234 16.73 -24.17 3.59
CA PHE C 234 17.01 -23.74 4.95
C PHE C 234 17.65 -22.35 5.00
N SER C 235 17.04 -21.41 4.28
CA SER C 235 17.50 -20.02 4.28
C SER C 235 16.69 -19.13 5.20
N GLY C 236 15.38 -19.37 5.30
CA GLY C 236 14.50 -18.56 6.13
C GLY C 236 14.38 -17.09 5.72
N ALA C 237 14.84 -16.73 4.52
CA ALA C 237 14.78 -15.35 4.05
C ALA C 237 13.33 -14.89 3.88
N GLU C 238 13.19 -13.56 3.75
CA GLU C 238 11.90 -12.91 3.63
C GLU C 238 11.10 -13.49 2.47
N GLY C 239 9.79 -13.62 2.66
CA GLY C 239 8.91 -14.16 1.65
C GLY C 239 8.64 -15.65 1.82
N THR C 240 8.68 -16.41 0.73
CA THR C 240 8.25 -17.79 0.96
C THR C 240 9.24 -18.62 1.77
N PRO C 241 10.57 -18.46 1.66
CA PRO C 241 11.45 -19.25 2.56
C PRO C 241 11.07 -19.11 4.03
N ARG C 242 10.86 -17.87 4.48
CA ARG C 242 10.40 -17.63 5.85
C ARG C 242 9.01 -18.21 6.10
N LYS C 243 8.11 -18.10 5.13
CA LYS C 243 6.76 -18.66 5.31
C LYS C 243 6.82 -20.17 5.50
N MET C 244 7.58 -20.85 4.65
CA MET C 244 7.66 -22.30 4.72
C MET C 244 8.44 -22.76 5.94
N LYS C 245 9.40 -21.95 6.40
CA LYS C 245 10.09 -22.26 7.64
C LYS C 245 9.14 -22.10 8.83
N LYS C 246 8.35 -21.03 8.86
CA LYS C 246 7.38 -20.83 9.94
C LYS C 246 6.28 -21.89 9.92
N ALA C 247 5.84 -22.28 8.72
CA ALA C 247 4.81 -23.32 8.62
C ALA C 247 5.29 -24.60 9.27
N ALA C 248 6.53 -25.01 8.98
CA ALA C 248 7.08 -26.20 9.63
C ALA C 248 7.06 -26.07 11.16
N GLU C 249 7.45 -24.90 11.68
CA GLU C 249 7.47 -24.70 13.13
C GLU C 249 6.06 -24.80 13.72
N ILE C 250 5.08 -24.15 13.10
CA ILE C 250 3.71 -24.20 13.62
C ILE C 250 3.21 -25.63 13.64
N ALA C 251 3.43 -26.37 12.54
CA ALA C 251 3.00 -27.76 12.47
C ALA C 251 3.68 -28.61 13.53
N ARG C 252 4.98 -28.38 13.77
CA ARG C 252 5.69 -29.17 14.76
C ARG C 252 5.12 -28.93 16.15
N SER C 253 4.72 -27.69 16.45
CA SER C 253 4.14 -27.40 17.76
C SER C 253 2.75 -28.03 17.90
N LEU C 254 1.99 -28.12 16.81
CA LEU C 254 0.67 -28.74 16.84
C LEU C 254 0.74 -30.26 16.71
N ARG C 255 1.91 -30.81 16.47
CA ARG C 255 2.02 -32.24 16.24
C ARG C 255 3.45 -32.68 16.50
N PRO C 256 3.89 -32.68 17.77
CA PRO C 256 5.31 -32.87 18.06
C PRO C 256 5.84 -34.27 17.76
N ASP C 257 5.00 -35.20 17.31
CA ASP C 257 5.46 -36.55 17.01
C ASP C 257 5.87 -36.73 15.55
N LEU C 258 5.62 -35.74 14.70
CA LEU C 258 5.83 -35.87 13.27
C LEU C 258 7.15 -35.23 12.85
N MET C 259 7.85 -35.90 11.91
CA MET C 259 8.95 -35.25 11.22
C MET C 259 8.38 -34.25 10.24
N ILE C 260 8.58 -32.96 10.54
CA ILE C 260 8.11 -31.86 9.70
C ILE C 260 9.27 -30.87 9.58
N GLU C 261 9.58 -30.47 8.34
CA GLU C 261 10.79 -29.70 8.12
C GLU C 261 10.58 -28.75 6.93
N GLY C 262 11.34 -27.65 6.95
CA GLY C 262 11.35 -26.65 5.89
C GLY C 262 12.05 -25.42 6.44
N ASP C 263 12.36 -24.48 5.55
CA ASP C 263 12.11 -24.50 4.12
C ASP C 263 13.12 -25.34 3.36
N MET C 264 12.71 -26.06 2.32
CA MET C 264 13.69 -26.81 1.54
C MET C 264 13.26 -26.94 0.09
N GLN C 265 14.24 -27.20 -0.78
CA GLN C 265 13.94 -27.41 -2.18
C GLN C 265 13.32 -28.79 -2.37
N ALA C 266 12.71 -29.00 -3.54
CA ALA C 266 11.96 -30.24 -3.75
C ALA C 266 12.88 -31.46 -3.84
N ASP C 267 14.02 -31.36 -4.52
CA ASP C 267 14.90 -32.52 -4.59
C ASP C 267 15.49 -32.85 -3.22
N THR C 268 15.86 -31.80 -2.45
CA THR C 268 16.24 -31.98 -1.04
C THR C 268 15.16 -32.75 -0.28
N ALA C 269 13.90 -32.42 -0.54
CA ALA C 269 12.77 -33.01 0.18
C ALA C 269 12.60 -34.51 -0.11
N VAL C 270 12.66 -34.90 -1.37
CA VAL C 270 12.28 -36.27 -1.71
C VAL C 270 13.45 -37.24 -1.62
N ASN C 271 14.68 -36.77 -1.82
CA ASN C 271 15.87 -37.62 -1.91
C ASN C 271 16.59 -37.71 -0.55
N PRO C 272 16.58 -38.87 0.12
CA PRO C 272 17.20 -38.93 1.46
C PRO C 272 18.71 -38.78 1.49
N GLU C 273 19.39 -39.24 0.44
CA GLU C 273 20.83 -39.09 0.34
C GLU C 273 21.23 -37.65 0.10
N ILE C 274 20.42 -36.90 -0.66
CA ILE C 274 20.69 -35.48 -0.80
C ILE C 274 20.57 -34.79 0.56
N MET C 275 19.49 -35.07 1.30
CA MET C 275 19.28 -34.45 2.60
C MET C 275 20.41 -34.74 3.58
N GLU C 276 20.77 -36.03 3.74
CA GLU C 276 21.78 -36.40 4.73
C GLU C 276 23.14 -35.78 4.41
N ARG C 277 23.50 -35.75 3.13
CA ARG C 277 24.79 -35.21 2.73
C ARG C 277 24.84 -33.69 2.86
N LEU C 278 23.75 -32.98 2.54
CA LEU C 278 23.87 -31.52 2.51
C LEU C 278 23.32 -30.82 3.75
N PHE C 279 22.39 -31.42 4.48
CA PHE C 279 21.71 -30.78 5.61
C PHE C 279 21.53 -31.75 6.74
N PRO C 280 22.62 -32.31 7.31
CA PRO C 280 22.48 -33.39 8.31
C PRO C 280 21.78 -32.97 9.61
N PHE C 281 21.74 -31.67 9.93
CA PHE C 281 21.04 -31.18 11.12
C PHE C 281 19.54 -31.35 11.00
N SER C 282 19.04 -31.58 9.79
CA SER C 282 17.61 -31.59 9.55
C SER C 282 16.94 -32.73 10.29
N GLY C 283 15.72 -32.48 10.75
CA GLY C 283 14.89 -33.44 11.46
C GLY C 283 14.08 -34.38 10.59
N LEU C 284 14.22 -34.30 9.27
CA LEU C 284 13.46 -35.14 8.35
C LEU C 284 14.45 -36.08 7.68
N LYS C 285 14.37 -37.35 8.06
CA LYS C 285 15.20 -38.42 7.50
C LYS C 285 14.35 -39.42 6.74
N GLY C 286 14.96 -40.06 5.73
CA GLY C 286 14.28 -41.08 4.97
C GLY C 286 13.45 -40.57 3.81
N GLY C 287 13.48 -39.28 3.52
CA GLY C 287 12.72 -38.73 2.42
C GLY C 287 11.29 -38.37 2.77
N ALA C 288 10.83 -37.24 2.25
CA ALA C 288 9.48 -36.79 2.50
C ALA C 288 8.47 -37.60 1.68
N ASN C 289 7.32 -37.90 2.28
CA ASN C 289 6.21 -38.44 1.52
C ASN C 289 5.01 -37.49 1.53
N VAL C 290 5.14 -36.34 2.16
CA VAL C 290 4.15 -35.26 2.14
C VAL C 290 4.85 -33.98 1.71
N LEU C 291 4.42 -33.42 0.57
CA LEU C 291 5.01 -32.22 -0.02
C LEU C 291 3.98 -31.10 0.00
N VAL C 292 4.21 -30.08 0.83
CA VAL C 292 3.31 -28.94 0.95
C VAL C 292 3.87 -27.76 0.15
N PHE C 293 3.04 -27.18 -0.66
CA PHE C 293 3.54 -26.20 -1.60
C PHE C 293 3.24 -24.80 -1.11
N PRO C 294 4.07 -23.83 -1.53
CA PRO C 294 3.89 -22.46 -1.04
C PRO C 294 2.80 -21.67 -1.76
N ASN C 295 2.41 -22.05 -2.97
CA ASN C 295 1.37 -21.29 -3.66
C ASN C 295 0.74 -22.20 -4.71
N LEU C 296 -0.40 -21.74 -5.25
CA LEU C 296 -1.17 -22.59 -6.14
C LEU C 296 -0.46 -22.75 -7.48
N GLU C 297 0.29 -21.74 -7.94
CA GLU C 297 1.04 -21.92 -9.18
C GLU C 297 1.95 -23.15 -9.07
N SER C 298 2.65 -23.29 -7.96
CA SER C 298 3.66 -24.34 -7.86
C SER C 298 3.02 -25.71 -7.70
N SER C 299 2.03 -25.81 -6.81
CA SER C 299 1.36 -27.09 -6.62
C SER C 299 0.63 -27.52 -7.89
N ASN C 300 -0.12 -26.59 -8.50
CA ASN C 300 -0.96 -26.96 -9.64
C ASN C 300 -0.12 -27.31 -10.85
N ILE C 301 0.95 -26.55 -11.13
CA ILE C 301 1.81 -26.91 -12.26
C ILE C 301 2.58 -28.20 -11.97
N ALA C 302 3.00 -28.41 -10.72
CA ALA C 302 3.86 -29.56 -10.43
C ALA C 302 3.11 -30.87 -10.66
N TYR C 303 1.95 -31.02 -10.05
CA TYR C 303 1.27 -32.31 -10.17
C TYR C 303 0.88 -32.57 -11.62
N LYS C 304 0.54 -31.51 -12.36
CA LYS C 304 0.18 -31.71 -13.76
C LYS C 304 1.40 -32.05 -14.61
N LEU C 305 2.56 -31.47 -14.34
CA LEU C 305 3.74 -31.83 -15.11
C LEU C 305 4.20 -33.26 -14.80
N ILE C 306 4.18 -33.66 -13.54
CA ILE C 306 4.50 -35.03 -13.19
C ILE C 306 3.54 -36.00 -13.89
N GLN C 307 2.24 -35.67 -13.91
CA GLN C 307 1.24 -36.54 -14.52
C GLN C 307 1.45 -36.68 -16.03
N GLN C 308 1.85 -35.60 -16.70
CA GLN C 308 1.97 -35.64 -18.14
C GLN C 308 3.32 -36.15 -18.62
N ILE C 309 4.43 -35.80 -17.97
CA ILE C 309 5.72 -36.16 -18.53
C ILE C 309 6.49 -37.21 -17.73
N GLY C 310 6.21 -37.29 -16.45
CA GLY C 310 6.83 -38.32 -15.66
C GLY C 310 6.12 -39.61 -15.93
N LYS C 311 6.71 -40.72 -15.53
CA LYS C 311 6.08 -42.03 -15.79
C LYS C 311 5.22 -42.41 -14.59
N ALA C 312 5.01 -41.51 -13.65
CA ALA C 312 4.26 -41.83 -12.44
C ALA C 312 2.80 -41.50 -12.64
N GLU C 313 1.94 -42.42 -12.25
CA GLU C 313 0.53 -42.14 -12.11
C GLU C 313 0.28 -41.34 -10.83
N VAL C 314 -0.53 -40.30 -11.04
CA VAL C 314 -0.96 -39.34 -10.05
C VAL C 314 -2.45 -39.51 -10.02
N ILE C 315 -3.02 -39.70 -8.83
CA ILE C 315 -4.46 -39.81 -8.67
C ILE C 315 -4.89 -38.60 -7.86
N GLY C 316 -6.09 -38.11 -8.15
CA GLY C 316 -6.63 -36.93 -7.54
C GLY C 316 -6.88 -35.88 -8.60
N PRO C 317 -7.16 -34.64 -8.17
CA PRO C 317 -7.08 -34.19 -6.78
C PRO C 317 -8.28 -34.63 -5.93
N PHE C 318 -8.07 -34.74 -4.63
CA PHE C 318 -9.12 -35.03 -3.66
C PHE C 318 -9.25 -33.84 -2.72
N LEU C 319 -10.49 -33.45 -2.42
CA LEU C 319 -10.75 -32.28 -1.60
C LEU C 319 -10.71 -32.65 -0.12
N THR C 320 -9.70 -32.16 0.60
CA THR C 320 -9.61 -32.33 2.04
C THR C 320 -10.20 -31.11 2.74
N GLY C 321 -10.50 -31.25 4.02
CA GLY C 321 -10.96 -30.13 4.81
C GLY C 321 -12.46 -29.90 4.87
N VAL C 322 -13.29 -30.72 4.22
CA VAL C 322 -14.73 -30.48 4.16
C VAL C 322 -15.43 -31.46 5.10
N ARG C 323 -16.59 -31.02 5.60
CA ARG C 323 -17.30 -31.73 6.66
C ARG C 323 -17.81 -33.10 6.22
N ARG C 324 -18.15 -33.25 4.94
CA ARG C 324 -18.64 -34.50 4.41
C ARG C 324 -17.88 -34.81 3.13
N SER C 325 -18.06 -36.04 2.64
CA SER C 325 -17.26 -36.51 1.51
C SER C 325 -17.72 -35.86 0.21
N ALA C 326 -16.85 -35.08 -0.43
CA ALA C 326 -17.20 -34.42 -1.68
C ALA C 326 -15.92 -34.13 -2.45
N ASN C 327 -15.82 -34.65 -3.66
CA ASN C 327 -14.64 -34.44 -4.48
C ASN C 327 -15.02 -33.84 -5.83
N VAL C 328 -14.13 -33.01 -6.34
CA VAL C 328 -14.33 -32.40 -7.64
C VAL C 328 -13.37 -33.07 -8.60
N LEU C 329 -13.91 -33.63 -9.68
CA LEU C 329 -13.02 -34.21 -10.66
C LEU C 329 -12.26 -33.11 -11.35
N GLN C 330 -10.97 -33.34 -11.58
CA GLN C 330 -10.27 -32.37 -12.40
C GLN C 330 -10.88 -32.46 -13.78
N ARG C 331 -10.90 -31.32 -14.42
CA ARG C 331 -11.69 -31.12 -15.62
C ARG C 331 -11.21 -32.00 -16.77
N THR C 332 -9.92 -32.33 -16.77
CA THR C 332 -9.18 -33.16 -17.71
C THR C 332 -9.27 -34.67 -17.46
N THR C 333 -10.01 -35.14 -16.45
CA THR C 333 -9.90 -36.54 -16.05
C THR C 333 -10.44 -37.51 -17.10
N THR C 334 -9.95 -38.75 -17.01
CA THR C 334 -10.34 -39.90 -17.80
C THR C 334 -11.40 -40.73 -17.06
N VAL C 335 -11.86 -41.80 -17.72
CA VAL C 335 -12.77 -42.75 -17.09
C VAL C 335 -12.08 -43.45 -15.92
N ASP C 336 -10.77 -43.73 -16.05
CA ASP C 336 -10.01 -44.29 -14.93
C ASP C 336 -9.97 -43.32 -13.75
N GLY C 337 -9.77 -42.03 -14.04
CA GLY C 337 -9.81 -41.02 -12.99
C GLY C 337 -11.08 -41.02 -12.17
N ILE C 338 -12.23 -41.05 -12.85
CA ILE C 338 -13.51 -41.00 -12.14
C ILE C 338 -13.66 -42.21 -11.21
N VAL C 339 -13.28 -43.39 -11.69
CA VAL C 339 -13.37 -44.57 -10.82
C VAL C 339 -12.51 -44.40 -9.60
N ASN C 340 -11.26 -43.99 -9.78
CA ASN C 340 -10.38 -43.69 -8.65
C ASN C 340 -11.01 -42.68 -7.71
N SER C 341 -11.62 -41.64 -8.26
CA SER C 341 -12.15 -40.58 -7.41
C SER C 341 -13.34 -41.08 -6.59
N VAL C 342 -14.21 -41.91 -7.19
CA VAL C 342 -15.36 -42.45 -6.46
C VAL C 342 -14.89 -43.40 -5.36
N VAL C 343 -13.89 -44.23 -5.66
CA VAL C 343 -13.37 -45.17 -4.66
C VAL C 343 -12.95 -44.41 -3.40
N PHE C 344 -12.22 -43.31 -3.58
CA PHE C 344 -11.76 -42.55 -2.43
C PHE C 344 -12.87 -41.72 -1.82
N THR C 345 -13.86 -41.31 -2.61
CA THR C 345 -15.05 -40.69 -2.03
C THR C 345 -15.81 -41.67 -1.15
N ALA C 346 -15.90 -42.94 -1.57
CA ALA C 346 -16.54 -43.98 -0.76
C ALA C 346 -15.76 -44.22 0.53
N LEU C 347 -14.44 -44.39 0.41
CA LEU C 347 -13.60 -44.58 1.59
C LEU C 347 -13.75 -43.44 2.57
N GLU C 348 -13.71 -42.20 2.07
CA GLU C 348 -13.86 -41.04 2.93
C GLU C 348 -15.23 -41.02 3.60
N ALA C 349 -16.29 -41.30 2.83
CA ALA C 349 -17.63 -41.35 3.42
C ALA C 349 -17.72 -42.37 4.54
N GLN C 350 -17.15 -43.57 4.32
CA GLN C 350 -17.12 -44.59 5.37
C GLN C 350 -16.28 -44.14 6.56
N TYR C 351 -15.12 -43.55 6.31
CA TYR C 351 -14.32 -43.06 7.43
C TYR C 351 -15.10 -42.00 8.22
N ILE C 352 -15.73 -41.04 7.52
CA ILE C 352 -16.47 -39.97 8.21
C ILE C 352 -17.65 -40.53 9.00
N LYS C 353 -18.26 -41.64 8.53
CA LYS C 353 -19.45 -42.23 9.15
C LYS C 353 -19.08 -43.01 10.41
N GLU C 354 -17.84 -43.51 10.52
CA GLU C 354 -17.39 -44.12 11.77
C GLU C 354 -16.91 -43.10 12.78
N VAL C 355 -16.26 -42.03 12.33
CA VAL C 355 -15.90 -40.97 13.25
C VAL C 355 -17.13 -40.36 13.89
N LEU C 356 -18.19 -40.16 13.08
CA LEU C 356 -19.37 -39.43 13.55
C LEU C 356 -20.08 -40.10 14.72
N LYS C 357 -19.94 -41.42 14.88
CA LYS C 357 -20.66 -42.05 15.99
C LYS C 357 -19.88 -42.00 17.29
N SER C 358 -18.57 -42.19 17.25
CA SER C 358 -17.75 -41.85 18.41
C SER C 358 -16.92 -40.62 18.12
N SER D 21 -45.53 19.48 10.24
CA SER D 21 -44.20 20.09 10.13
C SER D 21 -44.08 21.29 11.08
N LYS D 22 -45.09 22.16 11.07
CA LYS D 22 -45.13 23.25 12.05
C LYS D 22 -45.54 22.72 13.42
N VAL D 23 -46.11 21.52 13.46
CA VAL D 23 -46.46 20.88 14.71
C VAL D 23 -45.21 20.45 15.46
N PHE D 24 -44.24 19.86 14.75
CA PHE D 24 -43.06 19.33 15.41
C PHE D 24 -42.26 20.44 16.07
N ILE D 25 -42.15 21.60 15.43
CA ILE D 25 -41.37 22.69 15.98
C ILE D 25 -42.12 23.40 17.11
N ARG D 26 -43.44 23.55 16.98
CA ARG D 26 -44.22 24.18 18.05
C ARG D 26 -44.20 23.32 19.30
N SER D 27 -44.28 21.99 19.12
CA SER D 27 -44.10 21.08 20.25
C SER D 27 -42.74 21.30 20.88
N ALA D 28 -41.71 21.46 20.06
CA ALA D 28 -40.37 21.72 20.57
C ALA D 28 -40.30 23.04 21.33
N ILE D 29 -40.94 24.09 20.79
CA ILE D 29 -40.97 25.39 21.48
C ILE D 29 -41.64 25.26 22.84
N ASN D 30 -42.74 24.52 22.92
CA ASN D 30 -43.44 24.38 24.20
C ASN D 30 -42.60 23.59 25.21
N ARG D 31 -41.92 22.52 24.76
CA ARG D 31 -41.09 21.75 25.68
C ARG D 31 -39.94 22.60 26.25
N VAL D 32 -39.48 23.59 25.49
CA VAL D 32 -38.51 24.53 26.03
C VAL D 32 -39.12 25.31 27.18
N HIS D 33 -40.37 25.78 27.00
CA HIS D 33 -41.03 26.57 28.04
C HIS D 33 -41.33 25.74 29.30
N GLN D 34 -41.84 24.50 29.16
CA GLN D 34 -41.95 23.65 30.36
C GLN D 34 -40.64 23.35 31.06
N ASN D 35 -39.57 23.10 30.35
CA ASN D 35 -38.35 22.79 31.06
C ASN D 35 -37.81 24.02 31.80
N SER D 36 -37.86 25.18 31.16
CA SER D 36 -37.43 26.41 31.81
C SER D 36 -38.31 26.72 33.03
N ALA D 37 -39.64 26.68 32.85
CA ALA D 37 -40.57 26.91 33.95
C ALA D 37 -40.39 25.95 35.13
N ALA D 38 -39.82 24.76 34.89
CA ALA D 38 -39.56 23.77 35.92
C ALA D 38 -38.23 24.01 36.60
N ASN D 39 -37.62 25.14 36.30
CA ASN D 39 -36.21 25.43 36.51
C ASN D 39 -36.05 26.91 36.84
N GLY D 40 -37.07 27.44 37.54
CA GLY D 40 -37.17 28.86 37.82
C GLY D 40 -37.73 29.49 36.57
N GLY D 41 -37.19 30.60 36.11
CA GLY D 41 -37.68 31.20 34.87
C GLY D 41 -36.58 31.37 33.84
N GLU D 42 -35.39 30.86 34.17
CA GLU D 42 -34.22 30.99 33.30
C GLU D 42 -34.36 30.17 32.03
N LEU D 43 -33.90 30.75 30.95
CA LEU D 43 -33.74 30.24 29.60
C LEU D 43 -32.26 30.14 29.26
N PRO D 44 -31.86 29.18 28.41
CA PRO D 44 -30.44 29.01 28.08
C PRO D 44 -29.81 30.23 27.42
N ARG D 45 -28.58 30.54 27.84
CA ARG D 45 -27.77 31.56 27.18
C ARG D 45 -27.11 30.94 25.95
N ILE D 46 -27.46 31.45 24.76
CA ILE D 46 -26.93 30.95 23.50
C ILE D 46 -26.10 32.06 22.87
N VAL D 47 -24.81 31.78 22.66
CA VAL D 47 -23.88 32.75 22.09
C VAL D 47 -23.82 32.56 20.58
N PHE D 48 -23.83 33.68 19.85
CA PHE D 48 -23.75 33.71 18.39
C PHE D 48 -22.47 34.39 17.94
N PRO D 49 -21.47 33.66 17.49
CA PRO D 49 -20.22 34.32 17.07
C PRO D 49 -20.42 35.31 15.95
N GLU D 50 -21.41 35.10 15.07
CA GLU D 50 -21.61 35.92 13.88
C GLU D 50 -22.58 37.07 14.18
N GLY D 51 -22.09 38.01 15.00
CA GLY D 51 -22.91 39.11 15.51
C GLY D 51 -23.44 40.06 14.45
N THR D 52 -22.80 40.15 13.30
CA THR D 52 -23.28 41.01 12.21
C THR D 52 -23.97 40.23 11.10
N SER D 53 -24.12 38.91 11.22
CA SER D 53 -24.77 38.12 10.18
C SER D 53 -26.24 38.53 10.03
N THR D 54 -26.62 38.93 8.81
CA THR D 54 -27.99 39.37 8.56
C THR D 54 -28.99 38.27 8.89
N LYS D 55 -28.74 37.06 8.39
CA LYS D 55 -29.68 35.96 8.64
C LYS D 55 -29.75 35.61 10.13
N VAL D 56 -28.63 35.67 10.85
CA VAL D 56 -28.69 35.39 12.27
C VAL D 56 -29.53 36.46 12.99
N LEU D 57 -29.38 37.73 12.61
CA LEU D 57 -30.14 38.77 13.29
C LEU D 57 -31.64 38.69 12.97
N LYS D 58 -31.99 38.43 11.70
CA LYS D 58 -33.41 38.32 11.35
C LYS D 58 -34.05 37.14 12.07
N ALA D 59 -33.32 36.03 12.19
CA ALA D 59 -33.83 34.88 12.93
C ALA D 59 -34.01 35.20 14.41
N LEU D 60 -33.10 35.99 14.99
CA LEU D 60 -33.22 36.31 16.41
C LEU D 60 -34.43 37.18 16.71
N ALA D 61 -34.86 38.02 15.76
CA ALA D 61 -36.11 38.76 15.94
C ALA D 61 -37.27 37.80 16.20
N THR D 62 -37.41 36.76 15.35
CA THR D 62 -38.45 35.75 15.56
C THR D 62 -38.31 35.04 16.90
N LEU D 63 -37.08 34.73 17.32
CA LEU D 63 -36.87 33.84 18.46
C LEU D 63 -37.00 34.51 19.82
N VAL D 64 -36.74 35.82 19.93
CA VAL D 64 -36.93 36.47 21.23
C VAL D 64 -38.39 36.72 21.47
N GLU D 65 -39.16 36.97 20.41
CA GLU D 65 -40.59 36.76 20.55
C GLU D 65 -40.95 35.40 21.09
N GLU D 66 -40.31 34.35 20.65
CA GLU D 66 -40.82 33.09 21.15
C GLU D 66 -40.32 32.72 22.55
N LYS D 67 -39.46 33.56 23.16
CA LYS D 67 -38.89 33.40 24.52
C LYS D 67 -38.27 31.99 24.65
N ILE D 68 -37.33 31.76 23.73
CA ILE D 68 -36.58 30.50 23.61
C ILE D 68 -35.22 30.57 24.30
N CYS D 69 -34.49 31.67 24.12
CA CYS D 69 -33.11 31.70 24.58
C CYS D 69 -32.74 33.12 24.95
N GLN D 70 -31.73 33.23 25.82
CA GLN D 70 -31.08 34.49 26.13
C GLN D 70 -29.95 34.64 25.11
N PRO D 71 -30.11 35.40 24.03
CA PRO D 71 -29.06 35.48 23.02
C PRO D 71 -27.90 36.39 23.41
N ILE D 72 -26.68 35.92 23.12
CA ILE D 72 -25.47 36.73 23.26
C ILE D 72 -24.81 36.85 21.89
N LEU D 73 -24.74 38.07 21.37
CA LEU D 73 -24.09 38.34 20.10
C LEU D 73 -22.64 38.77 20.36
N LEU D 74 -21.71 38.27 19.54
CA LEU D 74 -20.29 38.63 19.61
C LEU D 74 -19.87 39.56 18.47
N GLY D 75 -19.06 40.56 18.80
CA GLY D 75 -18.60 41.54 17.83
C GLY D 75 -18.34 42.86 18.50
N TYR D 76 -17.90 43.83 17.70
CA TYR D 76 -17.82 45.22 18.18
C TYR D 76 -19.24 45.76 18.41
N PRO D 77 -19.60 46.14 19.64
CA PRO D 77 -20.97 46.66 19.87
C PRO D 77 -21.44 47.75 18.90
N GLU D 78 -20.66 48.80 18.57
CA GLU D 78 -21.22 49.74 17.60
C GLU D 78 -21.43 49.09 16.23
N ARG D 79 -20.50 48.27 15.75
CA ARG D 79 -20.72 47.65 14.46
C ARG D 79 -22.00 46.82 14.45
N VAL D 80 -22.26 46.09 15.52
CA VAL D 80 -23.45 45.25 15.59
C VAL D 80 -24.70 46.11 15.67
N LYS D 81 -24.66 47.17 16.47
CA LYS D 81 -25.86 47.98 16.66
C LYS D 81 -26.28 48.68 15.37
N GLU D 82 -25.32 49.22 14.62
CA GLU D 82 -25.76 49.85 13.38
C GLU D 82 -26.21 48.82 12.35
N LYS D 83 -25.72 47.58 12.39
CA LYS D 83 -26.31 46.55 11.51
C LYS D 83 -27.77 46.31 11.90
N ILE D 84 -28.05 46.23 13.20
CA ILE D 84 -29.41 45.99 13.68
C ILE D 84 -30.32 47.14 13.30
N LYS D 85 -29.85 48.38 13.45
CA LYS D 85 -30.72 49.52 13.19
C LYS D 85 -30.91 49.74 11.70
N ALA D 86 -29.87 49.51 10.91
CA ALA D 86 -29.99 49.58 9.46
C ALA D 86 -31.04 48.62 8.94
N LEU D 87 -31.06 47.39 9.45
CA LEU D 87 -32.04 46.44 8.98
C LEU D 87 -33.40 46.65 9.64
N ASP D 88 -33.50 47.53 10.66
CA ASP D 88 -34.76 47.78 11.36
C ASP D 88 -35.40 46.51 11.93
N ILE D 89 -34.70 45.96 12.90
CA ILE D 89 -35.10 44.81 13.70
C ILE D 89 -35.26 45.36 15.11
N PRO D 90 -36.44 45.86 15.49
CA PRO D 90 -36.54 46.57 16.77
C PRO D 90 -36.45 45.66 17.96
N LEU D 91 -36.79 44.38 17.83
CA LEU D 91 -36.86 43.65 19.08
C LEU D 91 -35.48 43.29 19.64
N LEU D 92 -34.40 43.70 18.99
CA LEU D 92 -33.04 43.39 19.44
C LEU D 92 -32.30 44.56 20.13
N ASN D 93 -32.99 45.65 20.52
CA ASN D 93 -32.22 46.75 21.12
C ASN D 93 -31.66 46.46 22.52
N ASP D 94 -31.87 45.28 23.09
CA ASP D 94 -31.43 44.91 24.44
C ASP D 94 -30.77 43.53 24.55
N VAL D 95 -30.60 42.82 23.42
CA VAL D 95 -29.82 41.58 23.39
C VAL D 95 -28.37 41.88 23.78
N SER D 96 -27.75 40.95 24.52
CA SER D 96 -26.38 41.15 24.99
C SER D 96 -25.38 41.12 23.83
N ILE D 97 -24.40 42.05 23.85
CA ILE D 97 -23.38 42.12 22.81
C ILE D 97 -22.01 42.15 23.47
N VAL D 98 -21.12 41.25 23.06
CA VAL D 98 -19.83 41.05 23.70
C VAL D 98 -18.72 41.07 22.66
N HIS D 99 -17.69 41.89 22.91
CA HIS D 99 -16.47 41.93 22.13
C HIS D 99 -15.42 41.04 22.79
N PRO D 100 -15.05 39.89 22.19
CA PRO D 100 -14.20 38.90 22.88
C PRO D 100 -12.94 39.43 23.56
N SER D 101 -12.10 40.19 22.86
CA SER D 101 -10.84 40.63 23.47
C SER D 101 -11.03 41.76 24.49
N SER D 102 -12.23 42.32 24.61
CA SER D 102 -12.54 43.29 25.67
C SER D 102 -13.17 42.64 26.89
N HIS D 103 -13.62 41.40 26.77
CA HIS D 103 -14.33 40.74 27.86
C HIS D 103 -13.39 40.50 29.05
N PRO D 104 -13.90 40.57 30.27
CA PRO D 104 -13.02 40.39 31.44
C PRO D 104 -12.32 39.05 31.49
N LYS D 105 -12.92 38.00 30.95
CA LYS D 105 -12.38 36.66 31.04
C LYS D 105 -11.44 36.32 29.89
N TYR D 106 -11.14 37.28 29.03
CA TYR D 106 -10.37 37.01 27.81
C TYR D 106 -9.05 36.30 28.11
N PHE D 107 -8.22 36.91 28.96
CA PHE D 107 -6.89 36.37 29.22
C PHE D 107 -6.96 35.02 29.91
N SER D 108 -7.93 34.84 30.82
CA SER D 108 -8.07 33.51 31.39
C SER D 108 -8.48 32.50 30.31
N PHE D 109 -9.32 32.94 29.36
CA PHE D 109 -9.68 32.06 28.25
C PHE D 109 -8.46 31.72 27.40
N VAL D 110 -7.62 32.72 27.12
CA VAL D 110 -6.39 32.48 26.37
C VAL D 110 -5.54 31.45 27.08
N GLU D 111 -5.40 31.60 28.40
CA GLU D 111 -4.58 30.65 29.13
C GLU D 111 -5.17 29.25 29.07
N LYS D 112 -6.49 29.12 29.11
CA LYS D 112 -7.09 27.80 29.07
C LYS D 112 -6.86 27.15 27.70
N LEU D 113 -6.99 27.93 26.61
CA LEU D 113 -6.73 27.37 25.30
C LEU D 113 -5.25 27.05 25.14
N TYR D 114 -4.37 27.91 25.65
CA TYR D 114 -2.94 27.62 25.58
C TYR D 114 -2.64 26.26 26.22
N SER D 115 -3.23 25.99 27.39
CA SER D 115 -3.02 24.71 28.06
C SER D 115 -3.53 23.54 27.22
N LEU D 116 -4.62 23.72 26.50
CA LEU D 116 -5.20 22.61 25.74
C LEU D 116 -4.40 22.31 24.49
N ALA D 117 -3.73 23.31 23.94
CA ALA D 117 -3.19 23.19 22.60
C ALA D 117 -1.68 23.37 22.53
N GLN D 118 -1.01 23.55 23.68
CA GLN D 118 0.40 23.91 23.62
C GLN D 118 1.28 22.78 23.12
N ARG D 119 0.80 21.53 23.18
CA ARG D 119 1.52 20.41 22.59
C ARG D 119 0.90 20.00 21.27
N LYS D 120 0.02 20.84 20.73
CA LYS D 120 -0.54 20.67 19.40
C LYS D 120 -0.13 21.81 18.48
N GLY D 121 0.97 22.49 18.80
CA GLY D 121 1.56 23.48 17.90
C GLY D 121 1.01 24.88 18.04
N ILE D 122 0.50 25.25 19.20
CA ILE D 122 -0.16 26.54 19.40
C ILE D 122 0.60 27.24 20.52
N ASN D 123 1.31 28.32 20.20
CA ASN D 123 2.00 29.06 21.22
C ASN D 123 1.06 30.10 21.84
N LEU D 124 1.54 30.79 22.87
CA LEU D 124 0.67 31.70 23.63
C LEU D 124 0.13 32.82 22.75
N GLY D 125 0.98 33.40 21.89
CA GLY D 125 0.49 34.41 20.97
C GLY D 125 -0.58 33.88 20.03
N GLU D 126 -0.44 32.62 19.58
CA GLU D 126 -1.45 32.03 18.71
C GLU D 126 -2.75 31.81 19.49
N ALA D 127 -2.66 31.38 20.75
CA ALA D 127 -3.84 31.22 21.60
C ALA D 127 -4.55 32.56 21.81
N GLU D 128 -3.81 33.65 21.99
CA GLU D 128 -4.45 34.96 22.14
C GLU D 128 -5.21 35.32 20.87
N ARG D 129 -4.59 35.08 19.73
CA ARG D 129 -5.15 35.48 18.46
C ARG D 129 -6.37 34.64 18.13
N LEU D 130 -6.32 33.34 18.44
CA LEU D 130 -7.45 32.45 18.21
C LEU D 130 -8.60 32.82 19.11
N MET D 131 -8.30 33.17 20.36
CA MET D 131 -9.33 33.51 21.33
C MET D 131 -10.01 34.86 21.02
N ALA D 132 -9.36 35.72 20.21
CA ALA D 132 -10.03 36.92 19.71
C ALA D 132 -11.00 36.61 18.60
N ASP D 133 -10.90 35.42 17.99
CA ASP D 133 -11.90 34.96 17.02
C ASP D 133 -13.17 34.57 17.76
N PRO D 134 -14.33 35.12 17.39
CA PRO D 134 -15.57 34.81 18.09
C PRO D 134 -15.88 33.32 18.15
N ASN D 135 -15.55 32.55 17.10
CA ASN D 135 -15.83 31.12 17.14
C ASN D 135 -15.08 30.42 18.29
N TYR D 136 -13.80 30.75 18.47
CA TYR D 136 -13.06 30.20 19.61
C TYR D 136 -13.57 30.76 20.92
N PHE D 137 -13.83 32.07 20.99
CA PHE D 137 -14.35 32.66 22.21
C PHE D 137 -15.69 32.03 22.59
N ALA D 138 -16.59 31.88 21.61
CA ALA D 138 -17.90 31.29 21.88
C ALA D 138 -17.75 29.88 22.42
N ALA D 139 -16.88 29.07 21.79
CA ALA D 139 -16.66 27.71 22.27
C ALA D 139 -16.12 27.69 23.70
N MET D 140 -15.19 28.61 24.01
CA MET D 140 -14.67 28.68 25.37
C MET D 140 -15.75 29.13 26.36
N MET D 141 -16.62 30.07 25.93
CA MET D 141 -17.73 30.48 26.79
C MET D 141 -18.61 29.28 27.17
N VAL D 142 -18.94 28.44 26.18
CA VAL D 142 -19.79 27.27 26.43
C VAL D 142 -19.05 26.26 27.31
N ASN D 143 -17.77 26.02 27.03
CA ASN D 143 -16.95 25.12 27.84
C ASN D 143 -16.89 25.57 29.29
N GLN D 144 -16.70 26.87 29.52
CA GLN D 144 -16.50 27.41 30.86
C GLN D 144 -17.79 27.80 31.57
N GLY D 145 -18.95 27.51 30.97
CA GLY D 145 -20.22 27.80 31.60
C GLY D 145 -20.68 29.25 31.53
N GLU D 146 -19.94 30.13 30.85
CA GLU D 146 -20.42 31.48 30.60
C GLU D 146 -21.57 31.52 29.60
N ALA D 147 -21.84 30.42 28.91
CA ALA D 147 -23.04 30.29 28.09
C ALA D 147 -23.45 28.83 28.10
N ASP D 148 -24.70 28.59 27.71
CA ASP D 148 -25.25 27.24 27.74
C ASP D 148 -25.16 26.53 26.40
N GLY D 149 -24.99 27.28 25.32
CA GLY D 149 -24.86 26.69 24.01
C GLY D 149 -24.37 27.74 23.04
N MET D 150 -24.05 27.27 21.83
CA MET D 150 -23.65 28.19 20.77
C MET D 150 -24.23 27.73 19.46
N VAL D 151 -24.37 28.70 18.54
CA VAL D 151 -24.81 28.46 17.18
C VAL D 151 -23.92 29.29 16.26
N SER D 152 -23.23 28.62 15.33
CA SER D 152 -22.25 29.28 14.48
C SER D 152 -22.38 28.72 13.08
N GLY D 153 -21.63 29.31 12.15
CA GLY D 153 -21.41 28.74 10.83
C GLY D 153 -22.33 29.21 9.72
N SER D 154 -23.16 30.24 9.95
CA SER D 154 -23.96 30.81 8.87
C SER D 154 -23.08 31.42 7.79
N SER D 155 -21.90 31.90 8.14
CA SER D 155 -21.08 32.69 7.24
C SER D 155 -19.78 32.02 6.83
N ILE D 156 -19.37 30.93 7.47
CA ILE D 156 -18.14 30.24 7.12
C ILE D 156 -18.43 28.77 6.88
N ASN D 157 -17.50 28.09 6.22
CA ASN D 157 -17.75 26.70 5.89
C ASN D 157 -17.73 25.84 7.16
N TYR D 158 -18.33 24.65 7.03
CA TYR D 158 -18.63 23.84 8.20
C TYR D 158 -17.36 23.45 8.95
N ALA D 159 -16.29 23.07 8.22
CA ALA D 159 -15.09 22.56 8.89
C ALA D 159 -14.41 23.66 9.70
N ASP D 160 -14.40 24.88 9.19
CA ASP D 160 -13.81 25.99 9.93
C ASP D 160 -14.64 26.33 11.16
N ALA D 161 -15.96 26.20 11.05
CA ALA D 161 -16.82 26.47 12.21
C ALA D 161 -16.75 25.37 13.26
N VAL D 162 -16.57 24.10 12.86
CA VAL D 162 -16.62 23.03 13.84
C VAL D 162 -15.25 22.78 14.51
N ARG D 163 -14.15 23.19 13.87
CA ARG D 163 -12.82 23.00 14.47
C ARG D 163 -12.68 23.62 15.85
N PRO D 164 -13.01 24.91 16.09
CA PRO D 164 -12.94 25.44 17.48
C PRO D 164 -13.77 24.65 18.47
N ILE D 165 -14.95 24.17 18.03
CA ILE D 165 -15.80 23.39 18.92
C ILE D 165 -15.11 22.09 19.34
N LEU D 166 -14.54 21.37 18.37
CA LEU D 166 -13.92 20.10 18.70
C LEU D 166 -12.65 20.26 19.52
N GLN D 167 -11.89 21.33 19.25
CA GLN D 167 -10.66 21.58 19.96
C GLN D 167 -10.88 22.13 21.37
N THR D 168 -12.04 22.74 21.65
CA THR D 168 -12.31 23.38 22.93
C THR D 168 -13.32 22.63 23.79
N ILE D 169 -14.47 22.27 23.21
CA ILE D 169 -15.52 21.57 23.94
C ILE D 169 -15.26 20.07 23.94
N GLY D 170 -14.82 19.53 22.78
CA GLY D 170 -14.44 18.14 22.68
C GLY D 170 -15.61 17.17 22.67
N VAL D 171 -15.26 15.89 22.61
CA VAL D 171 -16.18 14.77 22.49
C VAL D 171 -16.39 14.15 23.87
N TYR D 172 -17.60 13.68 24.16
CA TYR D 172 -17.80 12.94 25.39
C TYR D 172 -17.27 11.51 25.27
N LYS D 173 -17.41 10.76 26.35
CA LYS D 173 -16.66 9.53 26.54
C LYS D 173 -17.15 8.52 25.52
N GLU D 174 -16.23 7.98 24.72
CA GLU D 174 -16.53 7.04 23.64
C GLU D 174 -17.45 7.64 22.55
N GLY D 175 -17.72 8.94 22.60
CA GLY D 175 -18.56 9.55 21.60
C GLY D 175 -17.83 9.80 20.29
N ILE D 176 -18.60 10.06 19.25
CA ILE D 176 -18.01 10.46 17.98
C ILE D 176 -18.75 11.69 17.48
N PRO D 177 -18.04 12.71 17.01
CA PRO D 177 -18.73 13.90 16.47
C PRO D 177 -19.42 13.54 15.17
N ALA D 178 -20.71 13.83 15.09
CA ALA D 178 -21.51 13.41 13.94
C ALA D 178 -22.68 14.37 13.72
N GLY D 179 -22.85 14.85 12.48
CA GLY D 179 -23.99 15.69 12.14
C GLY D 179 -25.27 14.87 11.98
N LEU D 180 -26.38 15.45 12.42
CA LEU D 180 -27.66 14.75 12.40
C LEU D 180 -28.76 15.67 11.86
N ASN D 181 -29.61 15.13 11.00
CA ASN D 181 -30.71 15.91 10.47
C ASN D 181 -32.02 15.16 10.67
N PHE D 182 -33.07 15.93 10.91
CA PHE D 182 -34.44 15.41 10.98
C PHE D 182 -35.10 15.65 9.64
N VAL D 183 -35.75 14.62 9.10
CA VAL D 183 -36.66 14.75 7.97
C VAL D 183 -38.07 14.56 8.50
N LEU D 184 -38.91 15.58 8.34
CA LEU D 184 -40.29 15.51 8.90
C LEU D 184 -41.29 15.18 7.81
N LEU D 185 -41.86 14.00 7.86
CA LEU D 185 -42.91 13.66 6.87
C LEU D 185 -44.28 13.85 7.53
N GLU D 186 -45.36 13.63 6.78
CA GLU D 186 -46.69 13.84 7.40
C GLU D 186 -46.89 12.93 8.61
N ASP D 187 -46.63 11.62 8.44
CA ASP D 187 -46.77 10.55 9.47
C ASP D 187 -45.71 10.55 10.56
N LYS D 188 -44.45 10.78 10.22
CA LYS D 188 -43.37 10.58 11.20
C LYS D 188 -42.15 11.41 10.87
N PHE D 189 -41.06 11.13 11.58
CA PHE D 189 -39.83 11.80 11.20
C PHE D 189 -38.73 10.77 11.06
N LEU D 190 -37.83 11.05 10.14
CA LEU D 190 -36.63 10.27 9.94
C LEU D 190 -35.44 11.05 10.46
N VAL D 191 -34.45 10.32 10.92
CA VAL D 191 -33.19 10.88 11.37
C VAL D 191 -32.10 10.38 10.43
N LEU D 192 -31.26 11.31 9.97
CA LEU D 192 -30.14 11.03 9.07
C LEU D 192 -28.82 11.37 9.77
N ALA D 193 -27.83 10.49 9.63
CA ALA D 193 -26.50 10.72 10.20
C ALA D 193 -25.51 9.78 9.54
N ASP D 194 -24.22 10.14 9.51
CA ASP D 194 -23.61 11.42 9.90
C ASP D 194 -23.54 12.33 8.69
N THR D 195 -24.20 13.48 8.75
CA THR D 195 -24.33 14.33 7.57
C THR D 195 -23.23 15.36 7.40
N THR D 196 -22.29 15.51 8.37
CA THR D 196 -21.38 16.66 8.26
C THR D 196 -19.90 16.40 8.56
N VAL D 197 -19.54 15.42 9.40
CA VAL D 197 -18.19 15.36 9.94
C VAL D 197 -17.29 14.28 9.31
N ASN D 198 -17.64 12.99 9.45
CA ASN D 198 -16.71 11.90 9.13
C ASN D 198 -16.79 11.50 7.67
N LEU D 199 -15.65 11.58 6.97
CA LEU D 199 -15.59 11.26 5.55
C LEU D 199 -16.05 9.83 5.26
N ASN D 200 -15.49 8.87 6.00
CA ASN D 200 -15.64 7.45 5.67
C ASN D 200 -15.57 6.64 7.00
N PRO D 201 -16.65 6.75 7.77
CA PRO D 201 -16.55 6.11 9.12
C PRO D 201 -16.44 4.60 9.02
N THR D 202 -15.67 4.03 9.93
CA THR D 202 -15.53 2.59 10.02
C THR D 202 -16.85 1.96 10.51
N ALA D 203 -16.89 0.62 10.46
CA ALA D 203 -18.05 -0.09 10.97
C ALA D 203 -18.29 0.24 12.44
N GLU D 204 -17.20 0.36 13.21
CA GLU D 204 -17.30 0.73 14.61
C GLU D 204 -17.90 2.11 14.77
N GLN D 205 -17.43 3.05 13.95
CA GLN D 205 -17.93 4.42 14.04
C GLN D 205 -19.40 4.51 13.63
N CYS D 206 -19.82 3.75 12.60
CA CYS D 206 -21.23 3.81 12.21
C CYS D 206 -22.13 3.29 13.30
N ALA D 207 -21.66 2.31 14.06
CA ALA D 207 -22.44 1.82 15.20
C ALA D 207 -22.59 2.92 16.23
N GLN D 208 -21.51 3.64 16.51
CA GLN D 208 -21.57 4.72 17.49
C GLN D 208 -22.50 5.84 17.03
N ILE D 209 -22.44 6.19 15.75
CA ILE D 209 -23.37 7.16 15.20
C ILE D 209 -24.80 6.66 15.36
N ALA D 210 -25.03 5.37 15.14
CA ALA D 210 -26.37 4.82 15.31
C ALA D 210 -26.86 4.95 16.75
N LEU D 211 -25.98 4.66 17.71
CA LEU D 211 -26.37 4.75 19.12
C LEU D 211 -26.70 6.18 19.50
N GLN D 212 -25.85 7.14 19.10
CA GLN D 212 -26.12 8.54 19.39
C GLN D 212 -27.44 8.99 18.76
N ALA D 213 -27.64 8.67 17.47
CA ALA D 213 -28.90 9.05 16.82
C ALA D 213 -30.09 8.39 17.49
N ALA D 214 -29.93 7.14 17.94
CA ALA D 214 -31.03 6.42 18.57
C ALA D 214 -31.48 7.11 19.85
N LYS D 215 -30.52 7.66 20.62
CA LYS D 215 -30.90 8.34 21.86
C LYS D 215 -31.72 9.59 21.56
N ILE D 216 -31.35 10.32 20.52
CA ILE D 216 -32.11 11.50 20.12
C ILE D 216 -33.54 11.14 19.72
N VAL D 217 -33.72 10.04 18.98
CA VAL D 217 -35.07 9.61 18.63
C VAL D 217 -35.84 9.21 19.89
N GLU D 218 -35.15 8.58 20.84
CA GLU D 218 -35.81 8.18 22.07
C GLU D 218 -36.26 9.41 22.87
N TYR D 219 -35.46 10.48 22.83
CA TYR D 219 -35.80 11.71 23.55
C TYR D 219 -37.19 12.22 23.19
N PHE D 220 -37.63 12.01 21.95
CA PHE D 220 -38.97 12.39 21.50
C PHE D 220 -40.00 11.28 21.73
N GLY D 221 -39.67 10.28 22.54
CA GLY D 221 -40.59 9.21 22.84
C GLY D 221 -40.97 8.35 21.65
N ILE D 222 -40.09 8.22 20.67
CA ILE D 222 -40.33 7.36 19.52
C ILE D 222 -39.36 6.19 19.58
N GLU D 223 -39.83 5.03 19.12
CA GLU D 223 -39.04 3.81 18.98
C GLU D 223 -38.02 3.93 17.89
N PRO D 224 -36.72 3.90 18.12
CA PRO D 224 -35.71 3.96 17.06
C PRO D 224 -35.60 2.61 16.32
N ARG D 225 -35.62 2.68 15.01
CA ARG D 225 -35.46 1.52 14.13
C ARG D 225 -34.40 1.89 13.10
N VAL D 226 -33.26 1.22 13.17
CA VAL D 226 -32.01 1.69 12.58
C VAL D 226 -31.67 0.88 11.32
N ALA D 227 -31.40 1.58 10.23
CA ALA D 227 -30.94 0.97 8.98
C ALA D 227 -29.52 1.43 8.65
N MET D 228 -28.62 0.47 8.44
CA MET D 228 -27.27 0.77 7.97
C MET D 228 -27.28 0.72 6.44
N LEU D 229 -27.16 1.88 5.82
CA LEU D 229 -27.49 2.02 4.41
C LEU D 229 -26.33 1.66 3.50
N SER D 230 -26.69 1.12 2.34
CA SER D 230 -25.73 0.74 1.33
C SER D 230 -26.40 0.88 -0.03
N TYR D 231 -25.64 0.60 -1.08
CA TYR D 231 -26.20 0.50 -2.41
C TYR D 231 -26.70 -0.91 -2.69
N SER D 232 -26.60 -1.79 -1.69
CA SER D 232 -26.85 -3.22 -1.79
C SER D 232 -27.90 -3.63 -0.78
N ASN D 233 -28.64 -4.68 -1.11
CA ASN D 233 -29.59 -5.31 -0.22
C ASN D 233 -28.98 -6.60 0.30
N PHE D 234 -28.56 -6.60 1.56
CA PHE D 234 -28.15 -7.79 2.28
C PHE D 234 -27.19 -8.66 1.47
N SER D 235 -26.15 -8.02 0.92
CA SER D 235 -25.17 -8.77 0.17
C SER D 235 -23.94 -9.12 0.99
N GLY D 236 -23.52 -8.24 1.91
CA GLY D 236 -22.33 -8.45 2.73
C GLY D 236 -21.02 -8.48 1.97
N ALA D 237 -21.04 -8.04 0.71
CA ALA D 237 -19.87 -8.03 -0.14
C ALA D 237 -18.80 -7.08 0.40
N GLU D 238 -17.59 -7.23 -0.12
CA GLU D 238 -16.47 -6.42 0.34
C GLU D 238 -16.74 -4.94 0.13
N GLY D 239 -16.24 -4.11 1.04
CA GLY D 239 -16.41 -2.67 0.95
C GLY D 239 -17.56 -2.20 1.82
N THR D 240 -18.39 -1.27 1.31
CA THR D 240 -19.41 -0.76 2.23
C THR D 240 -20.49 -1.79 2.55
N PRO D 241 -20.88 -2.71 1.65
CA PRO D 241 -21.85 -3.73 2.08
C PRO D 241 -21.43 -4.50 3.32
N ARG D 242 -20.18 -4.99 3.37
CA ARG D 242 -19.68 -5.67 4.56
C ARG D 242 -19.59 -4.70 5.74
N LYS D 243 -19.15 -3.48 5.48
CA LYS D 243 -19.02 -2.51 6.56
C LYS D 243 -20.38 -2.24 7.21
N MET D 244 -21.41 -2.04 6.40
CA MET D 244 -22.71 -1.73 6.99
C MET D 244 -23.36 -2.95 7.62
N LYS D 245 -23.07 -4.16 7.12
CA LYS D 245 -23.55 -5.36 7.79
C LYS D 245 -22.86 -5.55 9.14
N LYS D 246 -21.54 -5.31 9.21
CA LYS D 246 -20.82 -5.41 10.47
C LYS D 246 -21.24 -4.32 11.45
N ALA D 247 -21.48 -3.10 10.95
CA ALA D 247 -21.93 -1.99 11.79
C ALA D 247 -23.24 -2.33 12.49
N ALA D 248 -24.19 -2.91 11.73
CA ALA D 248 -25.44 -3.36 12.33
C ALA D 248 -25.20 -4.40 13.43
N GLU D 249 -24.28 -5.34 13.17
CA GLU D 249 -23.96 -6.35 14.19
C GLU D 249 -23.37 -5.72 15.44
N ILE D 250 -22.42 -4.80 15.28
CA ILE D 250 -21.81 -4.15 16.44
C ILE D 250 -22.86 -3.38 17.24
N ALA D 251 -23.71 -2.61 16.54
CA ALA D 251 -24.77 -1.86 17.20
C ALA D 251 -25.73 -2.77 17.95
N ARG D 252 -26.10 -3.91 17.33
CA ARG D 252 -27.04 -4.82 17.98
C ARG D 252 -26.48 -5.40 19.26
N SER D 253 -25.17 -5.68 19.30
CA SER D 253 -24.58 -6.25 20.51
C SER D 253 -24.52 -5.23 21.64
N LEU D 254 -24.31 -3.96 21.32
CA LEU D 254 -24.27 -2.93 22.35
C LEU D 254 -25.64 -2.41 22.74
N ARG D 255 -26.68 -2.86 22.06
CA ARG D 255 -28.03 -2.36 22.32
C ARG D 255 -29.04 -3.41 21.84
N PRO D 256 -29.11 -4.57 22.52
CA PRO D 256 -29.90 -5.69 21.99
C PRO D 256 -31.40 -5.48 21.95
N ASP D 257 -31.92 -4.37 22.44
CA ASP D 257 -33.36 -4.17 22.45
C ASP D 257 -33.89 -3.51 21.19
N LEU D 258 -33.01 -3.01 20.33
CA LEU D 258 -33.44 -2.21 19.19
C LEU D 258 -33.41 -3.01 17.90
N MET D 259 -34.36 -2.71 17.01
CA MET D 259 -34.28 -3.19 15.64
C MET D 259 -33.20 -2.41 14.90
N ILE D 260 -32.10 -3.09 14.58
CA ILE D 260 -30.98 -2.51 13.86
C ILE D 260 -30.62 -3.50 12.75
N GLU D 261 -30.54 -2.99 11.51
CA GLU D 261 -30.40 -3.89 10.37
C GLU D 261 -29.61 -3.21 9.25
N GLY D 262 -28.92 -4.03 8.47
CA GLY D 262 -28.13 -3.63 7.32
C GLY D 262 -27.27 -4.81 6.93
N ASP D 263 -26.64 -4.72 5.75
CA ASP D 263 -26.70 -3.60 4.81
C ASP D 263 -27.98 -3.63 3.98
N MET D 264 -28.53 -2.47 3.68
CA MET D 264 -29.71 -2.45 2.83
C MET D 264 -29.78 -1.15 2.04
N GLN D 265 -30.54 -1.19 0.94
CA GLN D 265 -30.77 -0.03 0.12
C GLN D 265 -31.74 0.94 0.80
N ALA D 266 -31.73 2.19 0.34
CA ALA D 266 -32.49 3.22 1.05
C ALA D 266 -33.99 2.99 0.92
N ASP D 267 -34.48 2.62 -0.27
CA ASP D 267 -35.92 2.41 -0.42
C ASP D 267 -36.37 1.19 0.37
N THR D 268 -35.55 0.14 0.36
CA THR D 268 -35.76 -0.99 1.26
C THR D 268 -35.87 -0.55 2.71
N ALA D 269 -35.02 0.39 3.14
CA ALA D 269 -34.97 0.79 4.54
C ALA D 269 -36.25 1.49 5.00
N VAL D 270 -36.76 2.45 4.23
CA VAL D 270 -37.89 3.26 4.71
C VAL D 270 -39.25 2.63 4.39
N ASN D 271 -39.36 1.84 3.32
CA ASN D 271 -40.64 1.34 2.87
C ASN D 271 -40.89 -0.03 3.50
N PRO D 272 -41.81 -0.16 4.46
CA PRO D 272 -41.98 -1.46 5.13
C PRO D 272 -42.54 -2.56 4.23
N GLU D 273 -43.32 -2.22 3.19
CA GLU D 273 -43.81 -3.26 2.29
C GLU D 273 -42.69 -3.88 1.48
N ILE D 274 -41.79 -3.03 0.95
CA ILE D 274 -40.67 -3.53 0.18
C ILE D 274 -39.85 -4.47 1.04
N MET D 275 -39.61 -4.08 2.29
CA MET D 275 -38.90 -4.93 3.22
C MET D 275 -39.61 -6.25 3.39
N GLU D 276 -40.90 -6.22 3.74
CA GLU D 276 -41.63 -7.45 4.02
C GLU D 276 -41.78 -8.31 2.78
N ARG D 277 -41.95 -7.71 1.61
CA ARG D 277 -42.18 -8.47 0.39
C ARG D 277 -40.91 -9.18 -0.09
N LEU D 278 -39.77 -8.50 -0.02
CA LEU D 278 -38.51 -8.97 -0.60
C LEU D 278 -37.51 -9.50 0.43
N PHE D 279 -37.57 -9.10 1.70
CA PHE D 279 -36.59 -9.51 2.71
C PHE D 279 -37.29 -9.82 4.03
N PRO D 280 -38.18 -10.82 4.07
CA PRO D 280 -38.95 -11.11 5.29
C PRO D 280 -38.11 -11.63 6.46
N PHE D 281 -36.93 -12.18 6.21
CA PHE D 281 -36.08 -12.63 7.29
C PHE D 281 -35.54 -11.49 8.15
N SER D 282 -35.64 -10.26 7.65
CA SER D 282 -35.02 -9.10 8.29
C SER D 282 -35.63 -8.83 9.65
N GLY D 283 -34.79 -8.39 10.59
CA GLY D 283 -35.19 -8.03 11.93
C GLY D 283 -35.70 -6.62 12.16
N LEU D 284 -35.81 -5.80 11.12
CA LEU D 284 -36.29 -4.42 11.25
C LEU D 284 -37.66 -4.34 10.60
N LYS D 285 -38.68 -4.18 11.42
CA LYS D 285 -39.98 -4.06 10.79
C LYS D 285 -40.73 -2.76 11.06
N GLY D 286 -41.58 -2.42 10.10
CA GLY D 286 -42.34 -1.20 10.14
C GLY D 286 -41.65 0.00 9.55
N GLY D 287 -40.48 -0.20 8.91
CA GLY D 287 -39.72 0.87 8.31
C GLY D 287 -38.74 1.54 9.24
N ALA D 288 -37.57 1.87 8.73
CA ALA D 288 -36.56 2.54 9.55
C ALA D 288 -36.91 4.01 9.75
N ASN D 289 -36.61 4.52 10.95
CA ASN D 289 -36.64 5.95 11.21
C ASN D 289 -35.27 6.51 11.59
N VAL D 290 -34.23 5.68 11.61
CA VAL D 290 -32.85 6.12 11.78
C VAL D 290 -32.04 5.56 10.62
N LEU D 291 -31.46 6.43 9.81
CA LEU D 291 -30.71 6.06 8.62
C LEU D 291 -29.26 6.49 8.80
N VAL D 292 -28.37 5.52 8.98
CA VAL D 292 -26.95 5.78 9.13
C VAL D 292 -26.27 5.55 7.79
N PHE D 293 -25.44 6.51 7.40
CA PHE D 293 -24.91 6.45 6.06
C PHE D 293 -23.50 5.91 6.05
N PRO D 294 -23.06 5.34 4.93
CA PRO D 294 -21.71 4.76 4.87
C PRO D 294 -20.62 5.78 4.63
N ASN D 295 -20.92 6.96 4.10
CA ASN D 295 -19.86 7.94 3.86
C ASN D 295 -20.50 9.32 3.79
N LEU D 296 -19.62 10.35 3.82
CA LEU D 296 -20.07 11.74 3.92
C LEU D 296 -20.69 12.23 2.61
N GLU D 297 -20.20 11.74 1.46
CA GLU D 297 -20.84 12.08 0.20
C GLU D 297 -22.32 11.72 0.22
N SER D 298 -22.64 10.53 0.71
CA SER D 298 -24.03 10.08 0.61
C SER D 298 -24.95 10.77 1.60
N SER D 299 -24.52 10.91 2.86
CA SER D 299 -25.36 11.57 3.85
C SER D 299 -25.58 13.04 3.49
N ASN D 300 -24.49 13.73 3.15
CA ASN D 300 -24.55 15.17 2.89
C ASN D 300 -25.37 15.47 1.64
N ILE D 301 -25.19 14.69 0.59
CA ILE D 301 -25.95 14.91 -0.63
C ILE D 301 -27.42 14.61 -0.40
N ALA D 302 -27.72 13.55 0.34
CA ALA D 302 -29.11 13.13 0.53
C ALA D 302 -29.92 14.19 1.24
N TYR D 303 -29.42 14.69 2.38
CA TYR D 303 -30.24 15.63 3.15
C TYR D 303 -30.42 16.94 2.40
N LYS D 304 -29.41 17.36 1.64
CA LYS D 304 -29.56 18.60 0.88
C LYS D 304 -30.51 18.43 -0.29
N LEU D 305 -30.49 17.26 -0.92
CA LEU D 305 -31.41 17.01 -2.01
C LEU D 305 -32.83 16.92 -1.51
N ILE D 306 -33.05 16.18 -0.42
CA ILE D 306 -34.38 16.12 0.16
C ILE D 306 -34.86 17.52 0.54
N GLN D 307 -34.00 18.31 1.16
CA GLN D 307 -34.40 19.63 1.62
C GLN D 307 -34.86 20.51 0.45
N GLN D 308 -34.22 20.38 -0.71
CA GLN D 308 -34.56 21.24 -1.84
C GLN D 308 -35.70 20.71 -2.69
N ILE D 309 -35.74 19.41 -2.97
CA ILE D 309 -36.71 18.88 -3.92
C ILE D 309 -37.74 17.93 -3.32
N GLY D 310 -37.48 17.34 -2.15
CA GLY D 310 -38.37 16.33 -1.56
C GLY D 310 -39.68 16.83 -0.98
N LYS D 311 -39.87 18.15 -0.88
CA LYS D 311 -41.09 18.73 -0.32
C LYS D 311 -41.38 18.19 1.08
N ALA D 312 -40.31 18.06 1.87
CA ALA D 312 -40.35 17.69 3.28
C ALA D 312 -39.53 18.72 4.04
N GLU D 313 -39.96 19.06 5.26
CA GLU D 313 -39.11 19.93 6.07
C GLU D 313 -37.96 19.11 6.62
N VAL D 314 -36.73 19.65 6.50
CA VAL D 314 -35.52 19.05 7.04
C VAL D 314 -34.91 20.04 8.02
N ILE D 315 -34.63 19.57 9.24
CA ILE D 315 -34.06 20.39 10.30
C ILE D 315 -32.66 19.90 10.61
N GLY D 316 -31.75 20.84 10.90
CA GLY D 316 -30.36 20.54 11.15
C GLY D 316 -29.39 21.16 10.17
N PRO D 317 -28.12 20.72 10.18
CA PRO D 317 -27.59 19.59 10.95
C PRO D 317 -27.32 19.92 12.41
N PHE D 318 -27.41 18.92 13.28
CA PHE D 318 -27.10 19.07 14.68
C PHE D 318 -25.87 18.24 15.01
N LEU D 319 -24.93 18.85 15.74
CA LEU D 319 -23.66 18.22 16.06
C LEU D 319 -23.83 17.31 17.29
N THR D 320 -23.80 15.99 17.07
CA THR D 320 -23.87 15.02 18.15
C THR D 320 -22.46 14.58 18.56
N GLY D 321 -22.37 13.98 19.74
CA GLY D 321 -21.13 13.44 20.25
C GLY D 321 -20.29 14.39 21.07
N VAL D 322 -20.71 15.64 21.24
CA VAL D 322 -19.88 16.66 21.86
C VAL D 322 -20.39 16.89 23.28
N ARG D 323 -19.47 17.32 24.15
CA ARG D 323 -19.74 17.40 25.59
C ARG D 323 -20.77 18.46 25.93
N ARG D 324 -20.83 19.56 25.17
CA ARG D 324 -21.78 20.62 25.45
C ARG D 324 -22.52 21.01 24.17
N SER D 325 -23.55 21.81 24.36
CA SER D 325 -24.48 22.14 23.28
C SER D 325 -23.79 23.11 22.33
N ALA D 326 -23.53 22.67 21.11
CA ALA D 326 -22.89 23.52 20.11
C ALA D 326 -23.29 22.99 18.75
N ASN D 327 -23.96 23.82 17.95
CA ASN D 327 -24.41 23.39 16.64
C ASN D 327 -23.88 24.35 15.57
N VAL D 328 -23.55 23.78 14.41
CA VAL D 328 -23.05 24.54 13.27
C VAL D 328 -24.13 24.54 12.21
N LEU D 329 -24.55 25.74 11.80
CA LEU D 329 -25.47 25.87 10.70
C LEU D 329 -24.79 25.53 9.39
N GLN D 330 -25.54 24.93 8.47
CA GLN D 330 -25.03 24.85 7.11
C GLN D 330 -24.98 26.25 6.51
N ARG D 331 -23.94 26.50 5.71
CA ARG D 331 -23.74 27.82 5.14
C ARG D 331 -24.88 28.23 4.20
N THR D 332 -25.57 27.26 3.60
CA THR D 332 -26.71 27.46 2.71
C THR D 332 -28.03 27.67 3.44
N THR D 333 -28.02 27.82 4.76
CA THR D 333 -29.24 27.86 5.56
C THR D 333 -30.09 29.07 5.19
N THR D 334 -31.39 28.97 5.45
CA THR D 334 -32.33 30.09 5.37
C THR D 334 -32.52 30.72 6.75
N VAL D 335 -33.31 31.80 6.81
CA VAL D 335 -33.61 32.40 8.11
C VAL D 335 -34.44 31.45 8.95
N ASP D 336 -35.44 30.80 8.33
CA ASP D 336 -36.24 29.82 9.05
C ASP D 336 -35.38 28.64 9.50
N GLY D 337 -34.45 28.19 8.65
CA GLY D 337 -33.51 27.16 9.07
C GLY D 337 -32.83 27.50 10.38
N ILE D 338 -32.32 28.74 10.48
CA ILE D 338 -31.65 29.19 11.69
C ILE D 338 -32.58 29.15 12.88
N VAL D 339 -33.84 29.57 12.68
CA VAL D 339 -34.81 29.61 13.77
C VAL D 339 -35.02 28.20 14.32
N ASN D 340 -35.23 27.24 13.42
CA ASN D 340 -35.38 25.85 13.83
C ASN D 340 -34.16 25.36 14.61
N SER D 341 -32.95 25.68 14.13
CA SER D 341 -31.75 25.17 14.77
C SER D 341 -31.57 25.74 16.17
N VAL D 342 -31.89 27.03 16.36
CA VAL D 342 -31.75 27.64 17.67
C VAL D 342 -32.72 27.03 18.66
N VAL D 343 -33.94 26.73 18.21
CA VAL D 343 -34.92 26.11 19.11
C VAL D 343 -34.38 24.79 19.65
N PHE D 344 -33.85 23.95 18.77
CA PHE D 344 -33.37 22.65 19.23
C PHE D 344 -32.05 22.76 19.97
N THR D 345 -31.23 23.77 19.63
CA THR D 345 -30.06 24.05 20.44
C THR D 345 -30.45 24.39 21.88
N ALA D 346 -31.55 25.11 22.06
CA ALA D 346 -32.03 25.42 23.40
C ALA D 346 -32.47 24.16 24.13
N LEU D 347 -33.24 23.32 23.46
CA LEU D 347 -33.64 22.03 24.03
C LEU D 347 -32.42 21.19 24.40
N GLU D 348 -31.45 21.11 23.49
CA GLU D 348 -30.22 20.37 23.79
C GLU D 348 -29.49 20.96 24.99
N ALA D 349 -29.39 22.29 25.06
CA ALA D 349 -28.75 22.94 26.20
C ALA D 349 -29.47 22.61 27.49
N GLN D 350 -30.81 22.65 27.46
CA GLN D 350 -31.59 22.32 28.65
C GLN D 350 -31.37 20.87 29.06
N TYR D 351 -31.39 19.97 28.08
CA TYR D 351 -31.16 18.56 28.37
C TYR D 351 -29.75 18.33 28.91
N ILE D 352 -28.74 18.92 28.29
CA ILE D 352 -27.39 18.74 28.83
C ILE D 352 -27.32 19.34 30.23
N LYS D 353 -28.16 20.32 30.57
CA LYS D 353 -27.99 20.75 31.95
C LYS D 353 -28.70 19.81 32.95
N GLU D 354 -29.62 18.95 32.51
CA GLU D 354 -30.09 17.92 33.44
C GLU D 354 -29.08 16.78 33.59
N VAL D 355 -28.36 16.44 32.55
CA VAL D 355 -27.34 15.41 32.73
C VAL D 355 -26.21 15.88 33.67
N LEU D 356 -25.73 17.11 33.49
CA LEU D 356 -24.65 17.63 34.33
C LEU D 356 -25.08 17.67 35.80
N LYS D 357 -26.39 17.60 36.03
CA LYS D 357 -27.09 17.56 37.30
C LYS D 357 -27.05 16.20 37.97
N SER D 358 -25.86 15.63 38.09
CA SER D 358 -25.65 14.43 38.89
C SER D 358 -24.60 14.62 40.01
N SER E 21 -44.64 13.26 -12.82
CA SER E 21 -45.61 13.71 -13.79
C SER E 21 -45.96 12.64 -14.82
N LYS E 22 -47.26 12.39 -15.00
CA LYS E 22 -47.72 11.62 -16.14
C LYS E 22 -47.78 12.47 -17.39
N VAL E 23 -47.59 13.78 -17.24
CA VAL E 23 -47.52 14.68 -18.39
C VAL E 23 -46.30 14.34 -19.24
N PHE E 24 -45.16 14.11 -18.55
CA PHE E 24 -43.89 13.80 -19.21
C PHE E 24 -43.92 12.44 -19.89
N ILE E 25 -44.53 11.46 -19.24
CA ILE E 25 -44.55 10.13 -19.81
C ILE E 25 -45.45 10.13 -21.03
N ARG E 26 -46.51 10.92 -21.00
CA ARG E 26 -47.41 10.85 -22.13
C ARG E 26 -46.77 11.49 -23.36
N SER E 27 -45.98 12.55 -23.15
CA SER E 27 -45.16 13.11 -24.22
C SER E 27 -44.21 12.07 -24.80
N ALA E 28 -43.63 11.21 -23.94
CA ALA E 28 -42.78 10.15 -24.44
C ALA E 28 -43.57 9.15 -25.29
N ILE E 29 -44.74 8.74 -24.81
CA ILE E 29 -45.58 7.80 -25.56
C ILE E 29 -45.93 8.36 -26.93
N ASN E 30 -46.26 9.65 -27.00
CA ASN E 30 -46.59 10.25 -28.29
C ASN E 30 -45.36 10.33 -29.19
N ARG E 31 -44.20 10.59 -28.60
CA ARG E 31 -42.97 10.59 -29.39
C ARG E 31 -42.65 9.22 -29.96
N VAL E 32 -43.01 8.13 -29.25
CA VAL E 32 -42.84 6.80 -29.81
C VAL E 32 -43.74 6.63 -31.04
N HIS E 33 -44.99 7.09 -30.94
CA HIS E 33 -45.93 7.00 -32.05
C HIS E 33 -45.48 7.84 -33.25
N GLN E 34 -44.97 9.05 -33.00
CA GLN E 34 -44.43 9.84 -34.10
C GLN E 34 -43.25 9.12 -34.76
N ASN E 35 -42.40 8.47 -33.97
CA ASN E 35 -41.29 7.73 -34.56
C ASN E 35 -41.78 6.52 -35.36
N SER E 36 -42.78 5.80 -34.82
CA SER E 36 -43.33 4.64 -35.51
C SER E 36 -44.01 5.02 -36.83
N ALA E 37 -44.91 6.00 -36.80
CA ALA E 37 -45.57 6.44 -38.02
C ALA E 37 -44.57 6.88 -39.07
N ALA E 38 -43.41 7.37 -38.66
CA ALA E 38 -42.37 7.83 -39.56
C ALA E 38 -41.42 6.70 -39.95
N ASN E 39 -41.73 5.47 -39.58
CA ASN E 39 -40.99 4.29 -40.02
C ASN E 39 -41.93 3.18 -40.48
N GLY E 40 -43.01 3.56 -41.16
CA GLY E 40 -43.94 2.57 -41.66
C GLY E 40 -44.88 1.98 -40.62
N GLY E 41 -44.84 2.47 -39.39
CA GLY E 41 -45.67 1.96 -38.32
C GLY E 41 -45.03 0.82 -37.54
N GLU E 42 -43.78 0.48 -37.84
CA GLU E 42 -43.11 -0.59 -37.13
C GLU E 42 -42.88 -0.21 -35.67
N LEU E 43 -43.06 -1.16 -34.79
CA LEU E 43 -42.81 -0.92 -33.38
C LEU E 43 -41.56 -1.65 -32.92
N PRO E 44 -40.82 -1.08 -31.98
CA PRO E 44 -39.60 -1.76 -31.51
C PRO E 44 -39.89 -3.15 -30.93
N ARG E 45 -39.08 -4.11 -31.35
CA ARG E 45 -39.04 -5.47 -30.83
C ARG E 45 -38.27 -5.47 -29.51
N ILE E 46 -38.97 -5.71 -28.38
CA ILE E 46 -38.40 -5.64 -27.03
C ILE E 46 -38.45 -7.02 -26.37
N VAL E 47 -37.28 -7.56 -25.99
CA VAL E 47 -37.21 -8.88 -25.36
C VAL E 47 -37.30 -8.76 -23.85
N PHE E 48 -38.08 -9.64 -23.25
CA PHE E 48 -38.22 -9.74 -21.80
C PHE E 48 -37.75 -11.11 -21.34
N PRO E 49 -36.55 -11.22 -20.76
CA PRO E 49 -36.10 -12.53 -20.27
C PRO E 49 -37.03 -13.13 -19.23
N GLU E 50 -37.69 -12.29 -18.45
CA GLU E 50 -38.55 -12.76 -17.36
C GLU E 50 -39.97 -12.95 -17.88
N GLY E 51 -40.12 -13.93 -18.77
CA GLY E 51 -41.38 -14.19 -19.44
C GLY E 51 -42.51 -14.60 -18.53
N THR E 52 -42.20 -15.14 -17.34
CA THR E 52 -43.25 -15.51 -16.41
C THR E 52 -43.45 -14.49 -15.30
N SER E 53 -42.72 -13.37 -15.31
CA SER E 53 -42.80 -12.38 -14.24
C SER E 53 -44.19 -11.74 -14.19
N THR E 54 -44.81 -11.83 -13.00
CA THR E 54 -46.14 -11.26 -12.81
C THR E 54 -46.17 -9.77 -13.11
N LYS E 55 -45.23 -9.02 -12.52
CA LYS E 55 -45.24 -7.58 -12.72
C LYS E 55 -44.96 -7.23 -14.19
N VAL E 56 -44.07 -7.99 -14.84
CA VAL E 56 -43.77 -7.73 -16.25
C VAL E 56 -45.00 -7.99 -17.11
N LEU E 57 -45.73 -9.07 -16.84
CA LEU E 57 -46.91 -9.35 -17.66
C LEU E 57 -48.01 -8.33 -17.41
N LYS E 58 -48.21 -7.93 -16.14
CA LYS E 58 -49.20 -6.90 -15.83
C LYS E 58 -48.83 -5.59 -16.51
N ALA E 59 -47.55 -5.27 -16.53
CA ALA E 59 -47.10 -4.06 -17.24
C ALA E 59 -47.40 -4.16 -18.73
N LEU E 60 -47.21 -5.33 -19.31
CA LEU E 60 -47.41 -5.51 -20.73
C LEU E 60 -48.87 -5.37 -21.14
N ALA E 61 -49.82 -5.71 -20.26
CA ALA E 61 -51.22 -5.43 -20.53
C ALA E 61 -51.41 -3.96 -20.88
N THR E 62 -50.88 -3.07 -20.02
CA THR E 62 -50.90 -1.63 -20.30
C THR E 62 -50.16 -1.27 -21.58
N LEU E 63 -49.01 -1.89 -21.84
CA LEU E 63 -48.14 -1.46 -22.93
C LEU E 63 -48.64 -1.91 -24.30
N VAL E 64 -49.51 -2.92 -24.36
CA VAL E 64 -50.03 -3.31 -25.67
C VAL E 64 -51.17 -2.39 -26.09
N GLU E 65 -52.02 -1.88 -25.16
CA GLU E 65 -52.85 -0.78 -25.67
C GLU E 65 -52.09 0.46 -26.11
N GLU E 66 -51.03 0.84 -25.44
CA GLU E 66 -50.45 2.10 -25.90
C GLU E 66 -49.69 1.93 -27.21
N LYS E 67 -49.61 0.70 -27.73
CA LYS E 67 -48.89 0.39 -28.95
C LYS E 67 -47.45 0.94 -28.85
N ILE E 68 -46.75 0.49 -27.81
CA ILE E 68 -45.38 0.95 -27.57
C ILE E 68 -44.35 0.03 -28.23
N CYS E 69 -44.58 -1.28 -28.20
CA CYS E 69 -43.58 -2.25 -28.67
C CYS E 69 -44.29 -3.53 -29.09
N GLN E 70 -43.60 -4.35 -29.91
CA GLN E 70 -43.91 -5.77 -29.97
C GLN E 70 -43.12 -6.50 -28.89
N PRO E 71 -43.76 -6.96 -27.82
CA PRO E 71 -43.02 -7.71 -26.79
C PRO E 71 -42.65 -9.10 -27.25
N ILE E 72 -41.44 -9.54 -26.90
CA ILE E 72 -41.04 -10.93 -27.05
C ILE E 72 -40.76 -11.47 -25.66
N LEU E 73 -41.53 -12.48 -25.25
CA LEU E 73 -41.32 -13.10 -23.95
C LEU E 73 -40.39 -14.29 -24.10
N LEU E 74 -39.49 -14.46 -23.16
CA LEU E 74 -38.62 -15.62 -23.10
C LEU E 74 -39.06 -16.55 -21.98
N GLY E 75 -39.09 -17.83 -22.29
CA GLY E 75 -39.50 -18.86 -21.35
C GLY E 75 -40.00 -20.05 -22.12
N TYR E 76 -40.29 -21.12 -21.38
CA TYR E 76 -40.96 -22.27 -22.00
C TYR E 76 -42.43 -21.95 -22.27
N PRO E 77 -42.92 -22.12 -23.49
CA PRO E 77 -44.29 -21.69 -23.82
C PRO E 77 -45.47 -22.05 -22.90
N GLU E 78 -45.81 -23.27 -22.41
CA GLU E 78 -46.99 -23.19 -21.53
C GLU E 78 -46.64 -22.49 -20.22
N ARG E 79 -45.43 -22.64 -19.66
CA ARG E 79 -45.20 -21.90 -18.41
C ARG E 79 -45.58 -20.43 -18.57
N VAL E 80 -45.20 -19.83 -19.69
CA VAL E 80 -45.56 -18.45 -19.96
C VAL E 80 -47.07 -18.35 -20.25
N LYS E 81 -47.60 -19.27 -21.06
CA LYS E 81 -49.04 -19.24 -21.38
C LYS E 81 -49.91 -19.55 -20.16
N GLU E 82 -49.50 -20.55 -19.34
CA GLU E 82 -50.23 -20.97 -18.15
C GLU E 82 -50.29 -19.82 -17.16
N LYS E 83 -49.19 -19.06 -17.10
CA LYS E 83 -49.11 -17.87 -16.23
C LYS E 83 -50.01 -16.75 -16.73
N ILE E 84 -50.05 -16.53 -18.04
CA ILE E 84 -50.94 -15.50 -18.61
C ILE E 84 -52.39 -15.84 -18.34
N LYS E 85 -52.73 -17.14 -18.43
CA LYS E 85 -54.13 -17.52 -18.19
C LYS E 85 -54.45 -17.49 -16.71
N ALA E 86 -53.48 -17.80 -15.85
CA ALA E 86 -53.66 -17.65 -14.40
C ALA E 86 -53.97 -16.22 -14.01
N LEU E 87 -53.22 -15.25 -14.56
CA LEU E 87 -53.48 -13.86 -14.24
C LEU E 87 -54.65 -13.28 -15.03
N ASP E 88 -55.18 -14.04 -15.99
CA ASP E 88 -56.30 -13.63 -16.84
C ASP E 88 -56.03 -12.27 -17.48
N ILE E 89 -55.03 -12.26 -18.36
CA ILE E 89 -54.67 -11.06 -19.10
C ILE E 89 -54.97 -11.33 -20.56
N PRO E 90 -56.17 -11.02 -21.03
CA PRO E 90 -56.57 -11.48 -22.37
C PRO E 90 -55.76 -10.87 -23.50
N LEU E 91 -55.17 -9.68 -23.31
CA LEU E 91 -54.52 -9.00 -24.42
C LEU E 91 -53.14 -9.56 -24.78
N LEU E 92 -52.64 -10.49 -23.98
CA LEU E 92 -51.28 -11.03 -24.25
C LEU E 92 -51.38 -12.43 -24.83
N ASN E 93 -52.55 -12.81 -25.30
CA ASN E 93 -52.79 -14.18 -25.83
C ASN E 93 -51.95 -14.46 -27.07
N ASP E 94 -51.61 -13.45 -27.86
CA ASP E 94 -50.82 -13.68 -29.10
C ASP E 94 -49.43 -13.04 -29.08
N VAL E 95 -48.86 -12.65 -27.93
CA VAL E 95 -47.53 -12.07 -27.85
C VAL E 95 -46.52 -13.19 -28.15
N SER E 96 -45.44 -12.87 -28.85
CA SER E 96 -44.47 -13.89 -29.23
C SER E 96 -43.72 -14.43 -28.01
N ILE E 97 -43.50 -15.75 -28.01
CA ILE E 97 -42.81 -16.42 -26.91
C ILE E 97 -41.71 -17.26 -27.51
N VAL E 98 -40.51 -17.13 -26.95
CA VAL E 98 -39.33 -17.81 -27.47
C VAL E 98 -38.65 -18.57 -26.34
N HIS E 99 -38.42 -19.87 -26.56
CA HIS E 99 -37.67 -20.72 -25.64
C HIS E 99 -36.24 -20.75 -26.15
N PRO E 100 -35.29 -20.13 -25.45
CA PRO E 100 -33.93 -19.95 -26.00
C PRO E 100 -33.29 -21.18 -26.63
N SER E 101 -33.25 -22.31 -25.92
CA SER E 101 -32.51 -23.45 -26.45
C SER E 101 -33.23 -24.17 -27.59
N SER E 102 -34.52 -23.87 -27.83
CA SER E 102 -35.25 -24.40 -28.98
C SER E 102 -35.20 -23.50 -30.20
N HIS E 103 -34.70 -22.28 -30.04
CA HIS E 103 -34.70 -21.30 -31.11
C HIS E 103 -33.73 -21.69 -32.22
N PRO E 104 -34.06 -21.43 -33.48
CA PRO E 104 -33.15 -21.84 -34.57
C PRO E 104 -31.77 -21.19 -34.49
N LYS E 105 -31.65 -20.01 -33.89
CA LYS E 105 -30.38 -19.30 -33.86
C LYS E 105 -29.50 -19.71 -32.68
N TYR E 106 -30.00 -20.62 -31.83
CA TYR E 106 -29.35 -20.95 -30.57
C TYR E 106 -27.89 -21.32 -30.75
N PHE E 107 -27.60 -22.29 -31.62
CA PHE E 107 -26.22 -22.73 -31.79
C PHE E 107 -25.33 -21.62 -32.36
N SER E 108 -25.89 -20.80 -33.23
CA SER E 108 -25.16 -19.65 -33.75
C SER E 108 -24.84 -18.65 -32.62
N PHE E 109 -25.78 -18.47 -31.69
CA PHE E 109 -25.56 -17.59 -30.57
C PHE E 109 -24.46 -18.12 -29.66
N VAL E 110 -24.45 -19.43 -29.40
CA VAL E 110 -23.42 -20.04 -28.57
C VAL E 110 -22.05 -19.80 -29.17
N GLU E 111 -21.91 -20.05 -30.47
CA GLU E 111 -20.59 -19.86 -31.08
C GLU E 111 -20.14 -18.42 -30.97
N LYS E 112 -21.06 -17.47 -31.09
CA LYS E 112 -20.70 -16.07 -30.96
C LYS E 112 -20.32 -15.72 -29.52
N LEU E 113 -21.07 -16.23 -28.53
CA LEU E 113 -20.73 -15.96 -27.15
C LEU E 113 -19.41 -16.65 -26.77
N TYR E 114 -19.21 -17.88 -27.23
CA TYR E 114 -17.97 -18.60 -26.97
C TYR E 114 -16.79 -17.82 -27.52
N SER E 115 -16.89 -17.34 -28.76
CA SER E 115 -15.77 -16.58 -29.31
C SER E 115 -15.51 -15.31 -28.51
N LEU E 116 -16.56 -14.70 -27.93
CA LEU E 116 -16.36 -13.48 -27.16
C LEU E 116 -15.70 -13.76 -25.81
N ALA E 117 -15.88 -14.95 -25.24
CA ALA E 117 -15.56 -15.18 -23.85
C ALA E 117 -14.57 -16.31 -23.61
N GLN E 118 -14.04 -16.93 -24.67
CA GLN E 118 -13.24 -18.13 -24.51
C GLN E 118 -11.88 -17.85 -23.84
N ARG E 119 -11.45 -16.60 -23.77
CA ARG E 119 -10.28 -16.18 -23.03
C ARG E 119 -10.65 -15.46 -21.74
N LYS E 120 -11.91 -15.58 -21.33
CA LYS E 120 -12.40 -15.10 -20.04
C LYS E 120 -12.87 -16.26 -19.19
N GLY E 121 -12.41 -17.47 -19.48
CA GLY E 121 -12.67 -18.60 -18.62
C GLY E 121 -13.97 -19.31 -18.91
N ILE E 122 -14.45 -19.24 -20.15
CA ILE E 122 -15.75 -19.78 -20.55
C ILE E 122 -15.50 -20.82 -21.63
N ASN E 123 -15.73 -22.09 -21.32
CA ASN E 123 -15.59 -23.13 -22.33
C ASN E 123 -16.88 -23.24 -23.14
N LEU E 124 -16.83 -24.09 -24.17
CA LEU E 124 -17.96 -24.17 -25.09
C LEU E 124 -19.22 -24.66 -24.38
N GLY E 125 -19.09 -25.67 -23.52
CA GLY E 125 -20.23 -26.16 -22.77
C GLY E 125 -20.83 -25.10 -21.85
N GLU E 126 -19.97 -24.28 -21.25
CA GLU E 126 -20.47 -23.20 -20.42
C GLU E 126 -21.13 -22.12 -21.27
N ALA E 127 -20.59 -21.88 -22.47
CA ALA E 127 -21.25 -20.97 -23.38
C ALA E 127 -22.65 -21.48 -23.72
N GLU E 128 -22.82 -22.79 -23.85
CA GLU E 128 -24.14 -23.38 -24.06
C GLU E 128 -25.07 -23.15 -22.88
N ARG E 129 -24.59 -23.37 -21.66
CA ARG E 129 -25.53 -23.16 -20.55
C ARG E 129 -25.91 -21.70 -20.42
N LEU E 130 -24.96 -20.82 -20.65
CA LEU E 130 -25.22 -19.39 -20.51
C LEU E 130 -26.24 -18.94 -21.55
N MET E 131 -26.11 -19.43 -22.79
CA MET E 131 -27.03 -19.03 -23.83
C MET E 131 -28.41 -19.61 -23.61
N ALA E 132 -28.54 -20.68 -22.82
CA ALA E 132 -29.88 -21.13 -22.47
C ALA E 132 -30.50 -20.28 -21.38
N ASP E 133 -29.71 -19.51 -20.66
CA ASP E 133 -30.26 -18.55 -19.73
C ASP E 133 -30.90 -17.40 -20.50
N PRO E 134 -32.15 -17.05 -20.20
CA PRO E 134 -32.82 -15.97 -20.95
C PRO E 134 -32.08 -14.64 -20.96
N ASN E 135 -31.39 -14.26 -19.87
CA ASN E 135 -30.70 -12.97 -19.85
C ASN E 135 -29.61 -12.90 -20.92
N TYR E 136 -28.85 -13.99 -21.08
CA TYR E 136 -27.84 -14.00 -22.14
C TYR E 136 -28.47 -14.06 -23.51
N PHE E 137 -29.47 -14.92 -23.69
CA PHE E 137 -30.16 -15.03 -24.97
C PHE E 137 -30.79 -13.70 -25.37
N ALA E 138 -31.46 -13.03 -24.42
CA ALA E 138 -32.01 -11.71 -24.71
C ALA E 138 -30.91 -10.74 -25.13
N ALA E 139 -29.77 -10.72 -24.40
CA ALA E 139 -28.69 -9.82 -24.77
C ALA E 139 -28.16 -10.13 -26.18
N MET E 140 -28.00 -11.42 -26.49
CA MET E 140 -27.51 -11.79 -27.83
C MET E 140 -28.56 -11.51 -28.91
N MET E 141 -29.86 -11.67 -28.59
CA MET E 141 -30.91 -11.28 -29.56
C MET E 141 -30.76 -9.81 -29.94
N VAL E 142 -30.56 -8.95 -28.94
CA VAL E 142 -30.40 -7.53 -29.20
C VAL E 142 -29.09 -7.27 -29.95
N ASN E 143 -28.02 -7.94 -29.52
CA ASN E 143 -26.73 -7.73 -30.17
C ASN E 143 -26.76 -8.09 -31.65
N GLN E 144 -27.46 -9.17 -32.00
CA GLN E 144 -27.50 -9.68 -33.37
C GLN E 144 -28.67 -9.13 -34.18
N GLY E 145 -29.43 -8.18 -33.65
CA GLY E 145 -30.51 -7.57 -34.41
C GLY E 145 -31.79 -8.38 -34.49
N GLU E 146 -31.90 -9.52 -33.78
CA GLU E 146 -33.18 -10.22 -33.71
C GLU E 146 -34.21 -9.49 -32.86
N ALA E 147 -33.79 -8.47 -32.10
CA ALA E 147 -34.71 -7.58 -31.41
C ALA E 147 -34.04 -6.22 -31.30
N ASP E 148 -34.84 -5.21 -30.98
CA ASP E 148 -34.35 -3.85 -30.91
C ASP E 148 -33.94 -3.44 -29.51
N GLY E 149 -34.42 -4.13 -28.49
CA GLY E 149 -34.04 -3.81 -27.12
C GLY E 149 -34.47 -4.91 -26.18
N MET E 150 -34.05 -4.76 -24.92
CA MET E 150 -34.43 -5.70 -23.89
C MET E 150 -34.67 -4.97 -22.58
N VAL E 151 -35.48 -5.60 -21.74
CA VAL E 151 -35.79 -5.09 -20.42
C VAL E 151 -35.74 -6.28 -19.48
N SER E 152 -34.89 -6.22 -18.47
CA SER E 152 -34.71 -7.34 -17.57
C SER E 152 -34.56 -6.84 -16.14
N GLY E 153 -34.50 -7.78 -15.20
CA GLY E 153 -34.07 -7.51 -13.85
C GLY E 153 -35.15 -7.28 -12.83
N SER E 154 -36.43 -7.51 -13.17
CA SER E 154 -37.50 -7.42 -12.18
C SER E 154 -37.32 -8.44 -11.07
N SER E 155 -36.69 -9.58 -11.37
CA SER E 155 -36.62 -10.72 -10.46
C SER E 155 -35.22 -11.04 -9.95
N ILE E 156 -34.15 -10.46 -10.51
CA ILE E 156 -32.79 -10.73 -10.06
C ILE E 156 -32.07 -9.42 -9.73
N ASN E 157 -30.97 -9.55 -8.99
CA ASN E 157 -30.26 -8.35 -8.55
C ASN E 157 -29.57 -7.69 -9.74
N TYR E 158 -29.26 -6.39 -9.55
CA TYR E 158 -28.85 -5.55 -10.68
C TYR E 158 -27.58 -6.05 -11.33
N ALA E 159 -26.58 -6.41 -10.53
CA ALA E 159 -25.31 -6.82 -11.11
C ALA E 159 -25.46 -8.12 -11.93
N ASP E 160 -26.33 -9.03 -11.48
CA ASP E 160 -26.53 -10.26 -12.25
C ASP E 160 -27.28 -9.98 -13.55
N ALA E 161 -28.23 -9.04 -13.54
CA ALA E 161 -28.96 -8.69 -14.75
C ALA E 161 -28.09 -7.91 -15.73
N VAL E 162 -27.12 -7.14 -15.24
CA VAL E 162 -26.36 -6.28 -16.13
C VAL E 162 -25.13 -6.98 -16.71
N ARG E 163 -24.63 -8.02 -16.05
CA ARG E 163 -23.43 -8.70 -16.56
C ARG E 163 -23.63 -9.23 -17.98
N PRO E 164 -24.67 -10.04 -18.29
CA PRO E 164 -24.86 -10.47 -19.69
C PRO E 164 -24.90 -9.29 -20.66
N ILE E 165 -25.53 -8.18 -20.27
CA ILE E 165 -25.57 -7.01 -21.16
C ILE E 165 -24.17 -6.46 -21.40
N LEU E 166 -23.38 -6.32 -20.33
CA LEU E 166 -22.06 -5.73 -20.52
C LEU E 166 -21.15 -6.66 -21.31
N GLN E 167 -21.29 -7.97 -21.12
CA GLN E 167 -20.43 -8.92 -21.80
C GLN E 167 -20.80 -9.14 -23.25
N THR E 168 -22.05 -8.90 -23.61
CA THR E 168 -22.55 -9.24 -24.94
C THR E 168 -22.73 -8.02 -25.82
N ILE E 169 -23.44 -7.01 -25.33
CA ILE E 169 -23.67 -5.81 -26.13
C ILE E 169 -22.48 -4.88 -26.02
N GLY E 170 -21.94 -4.72 -24.82
CA GLY E 170 -20.76 -3.91 -24.61
C GLY E 170 -21.07 -2.42 -24.68
N VAL E 171 -20.02 -1.62 -24.47
CA VAL E 171 -20.11 -0.17 -24.44
C VAL E 171 -19.59 0.37 -25.75
N TYR E 172 -20.12 1.52 -26.17
CA TYR E 172 -19.58 2.18 -27.35
C TYR E 172 -18.28 2.90 -27.02
N LYS E 173 -17.63 3.43 -28.08
CA LYS E 173 -16.30 4.01 -27.95
C LYS E 173 -16.27 5.07 -26.87
N GLU E 174 -15.30 4.93 -25.96
CA GLU E 174 -15.11 5.83 -24.82
C GLU E 174 -16.32 5.94 -23.91
N GLY E 175 -17.32 5.08 -24.14
CA GLY E 175 -18.47 5.06 -23.27
C GLY E 175 -18.17 4.34 -21.98
N ILE E 176 -19.01 4.60 -20.98
CA ILE E 176 -18.92 3.92 -19.71
C ILE E 176 -20.34 3.54 -19.31
N PRO E 177 -20.59 2.31 -18.85
CA PRO E 177 -21.96 1.96 -18.44
C PRO E 177 -22.31 2.69 -17.16
N ALA E 178 -23.46 3.35 -17.15
CA ALA E 178 -23.86 4.17 -15.98
C ALA E 178 -25.38 4.28 -15.94
N GLY E 179 -25.96 3.98 -14.79
CA GLY E 179 -27.40 4.16 -14.62
C GLY E 179 -27.77 5.62 -14.47
N LEU E 180 -28.92 5.98 -15.03
CA LEU E 180 -29.38 7.35 -15.03
C LEU E 180 -30.84 7.37 -14.63
N ASN E 181 -31.22 8.31 -13.77
CA ASN E 181 -32.59 8.41 -13.30
C ASN E 181 -33.13 9.80 -13.56
N PHE E 182 -34.42 9.87 -13.91
CA PHE E 182 -35.14 11.12 -14.07
C PHE E 182 -35.91 11.37 -12.79
N VAL E 183 -35.77 12.57 -12.25
CA VAL E 183 -36.60 13.07 -11.18
C VAL E 183 -37.51 14.12 -11.82
N LEU E 184 -38.82 13.90 -11.78
CA LEU E 184 -39.75 14.79 -12.46
C LEU E 184 -40.43 15.68 -11.42
N LEU E 185 -40.06 16.95 -11.41
CA LEU E 185 -40.69 17.95 -10.58
C LEU E 185 -41.69 18.73 -11.42
N GLU E 186 -42.61 19.45 -10.77
CA GLU E 186 -43.48 20.37 -11.52
C GLU E 186 -42.90 21.21 -12.66
N ASP E 187 -41.84 22.01 -12.40
CA ASP E 187 -41.28 22.81 -13.47
C ASP E 187 -40.51 21.90 -14.40
N LYS E 188 -39.59 21.17 -13.78
CA LYS E 188 -38.38 20.72 -14.40
C LYS E 188 -38.25 19.23 -14.18
N PHE E 189 -37.31 18.61 -14.89
CA PHE E 189 -36.84 17.32 -14.46
C PHE E 189 -35.35 17.40 -14.16
N LEU E 190 -34.92 16.56 -13.23
CA LEU E 190 -33.52 16.37 -12.94
C LEU E 190 -33.09 15.00 -13.43
N VAL E 191 -31.83 14.92 -13.82
CA VAL E 191 -31.18 13.68 -14.20
C VAL E 191 -30.12 13.40 -13.14
N LEU E 192 -30.09 12.15 -12.66
CA LEU E 192 -29.12 11.69 -11.69
C LEU E 192 -28.29 10.58 -12.33
N ALA E 193 -26.99 10.62 -12.13
CA ALA E 193 -26.11 9.55 -12.64
C ALA E 193 -24.82 9.62 -11.86
N ASP E 194 -24.08 8.51 -11.74
CA ASP E 194 -24.38 7.12 -12.11
C ASP E 194 -25.00 6.43 -10.91
N THR E 195 -26.24 5.98 -11.06
CA THR E 195 -27.01 5.48 -9.92
C THR E 195 -26.87 3.98 -9.68
N THR E 196 -26.19 3.23 -10.55
CA THR E 196 -26.24 1.77 -10.38
C THR E 196 -24.93 1.04 -10.64
N VAL E 197 -24.00 1.54 -11.44
CA VAL E 197 -22.91 0.69 -11.93
C VAL E 197 -21.58 0.92 -11.19
N ASN E 198 -21.02 2.13 -11.30
CA ASN E 198 -19.63 2.35 -10.89
C ASN E 198 -19.53 2.73 -9.40
N LEU E 199 -18.75 1.94 -8.64
CA LEU E 199 -18.58 2.20 -7.21
C LEU E 199 -17.97 3.57 -6.95
N ASN E 200 -16.90 3.90 -7.64
CA ASN E 200 -16.06 5.05 -7.30
C ASN E 200 -15.44 5.57 -8.54
N PRO E 201 -16.19 6.25 -9.41
CA PRO E 201 -15.66 6.66 -10.70
C PRO E 201 -14.54 7.68 -10.53
N THR E 202 -13.53 7.58 -11.40
CA THR E 202 -12.49 8.59 -11.42
C THR E 202 -13.06 9.90 -11.97
N ALA E 203 -12.24 10.96 -11.91
CA ALA E 203 -12.65 12.22 -12.53
C ALA E 203 -12.92 12.04 -14.03
N GLU E 204 -12.10 11.23 -14.70
CA GLU E 204 -12.30 10.94 -16.12
C GLU E 204 -13.64 10.26 -16.35
N GLN E 205 -13.96 9.27 -15.53
CA GLN E 205 -15.22 8.55 -15.66
C GLN E 205 -16.40 9.43 -15.32
N CYS E 206 -16.25 10.27 -14.29
CA CYS E 206 -17.34 11.15 -13.90
C CYS E 206 -17.66 12.13 -15.03
N ALA E 207 -16.62 12.60 -15.74
CA ALA E 207 -16.86 13.49 -16.88
C ALA E 207 -17.61 12.77 -17.99
N GLN E 208 -17.25 11.49 -18.25
CA GLN E 208 -17.94 10.72 -19.26
C GLN E 208 -19.41 10.50 -18.87
N ILE E 209 -19.66 10.21 -17.59
CA ILE E 209 -21.04 10.08 -17.13
C ILE E 209 -21.81 11.37 -17.38
N ALA E 210 -21.19 12.53 -17.12
CA ALA E 210 -21.88 13.80 -17.37
C ALA E 210 -22.21 13.97 -18.85
N LEU E 211 -21.24 13.66 -19.73
CA LEU E 211 -21.47 13.82 -21.16
C LEU E 211 -22.63 12.92 -21.63
N GLN E 212 -22.65 11.67 -21.14
CA GLN E 212 -23.76 10.78 -21.46
C GLN E 212 -25.09 11.33 -20.98
N ALA E 213 -25.14 11.82 -19.73
CA ALA E 213 -26.38 12.39 -19.19
C ALA E 213 -26.81 13.61 -20.00
N ALA E 214 -25.84 14.42 -20.44
CA ALA E 214 -26.16 15.65 -21.16
C ALA E 214 -26.83 15.36 -22.51
N LYS E 215 -26.36 14.33 -23.22
CA LYS E 215 -26.95 14.02 -24.52
C LYS E 215 -28.40 13.57 -24.36
N ILE E 216 -28.69 12.82 -23.29
CA ILE E 216 -30.07 12.41 -23.03
C ILE E 216 -30.95 13.63 -22.76
N VAL E 217 -30.47 14.58 -21.96
CA VAL E 217 -31.24 15.78 -21.69
C VAL E 217 -31.47 16.57 -22.98
N GLU E 218 -30.46 16.62 -23.86
CA GLU E 218 -30.62 17.35 -25.12
C GLU E 218 -31.70 16.71 -25.98
N TYR E 219 -31.80 15.38 -25.93
CA TYR E 219 -32.80 14.68 -26.72
C TYR E 219 -34.20 15.19 -26.43
N PHE E 220 -34.47 15.64 -25.20
CA PHE E 220 -35.77 16.20 -24.88
C PHE E 220 -35.86 17.70 -25.14
N GLY E 221 -34.93 18.24 -25.93
CA GLY E 221 -34.90 19.65 -26.24
C GLY E 221 -34.62 20.55 -25.05
N ILE E 222 -33.90 20.06 -24.04
CA ILE E 222 -33.55 20.86 -22.88
C ILE E 222 -32.05 21.10 -22.86
N GLU E 223 -31.67 22.30 -22.42
CA GLU E 223 -30.26 22.65 -22.23
C GLU E 223 -29.73 21.95 -20.99
N PRO E 224 -28.71 21.09 -21.10
CA PRO E 224 -28.15 20.47 -19.90
C PRO E 224 -27.26 21.45 -19.13
N ARG E 225 -27.44 21.45 -17.81
CA ARG E 225 -26.62 22.25 -16.89
C ARG E 225 -26.12 21.31 -15.79
N VAL E 226 -24.81 21.09 -15.75
CA VAL E 226 -24.21 19.94 -15.06
C VAL E 226 -23.50 20.39 -13.79
N ALA E 227 -23.84 19.75 -12.67
CA ALA E 227 -23.17 19.92 -11.39
C ALA E 227 -22.48 18.62 -10.98
N MET E 228 -21.19 18.70 -10.66
CA MET E 228 -20.43 17.58 -10.09
C MET E 228 -20.51 17.62 -8.57
N LEU E 229 -21.24 16.68 -7.98
CA LEU E 229 -21.64 16.83 -6.59
C LEU E 229 -20.56 16.35 -5.61
N SER E 230 -20.55 17.01 -4.46
CA SER E 230 -19.61 16.74 -3.38
C SER E 230 -20.28 17.15 -2.07
N TYR E 231 -19.56 16.96 -0.98
CA TYR E 231 -19.99 17.48 0.31
C TYR E 231 -19.42 18.87 0.56
N SER E 232 -18.73 19.44 -0.44
CA SER E 232 -17.97 20.68 -0.32
C SER E 232 -18.42 21.64 -1.41
N ASN E 233 -18.30 22.95 -1.12
CA ASN E 233 -18.57 23.99 -2.12
C ASN E 233 -17.26 24.64 -2.56
N PHE E 234 -16.81 24.29 -3.76
CA PHE E 234 -15.67 24.93 -4.43
C PHE E 234 -14.45 24.98 -3.51
N SER E 235 -14.11 23.83 -2.93
CA SER E 235 -12.93 23.70 -2.10
C SER E 235 -11.76 23.05 -2.82
N GLY E 236 -12.02 22.05 -3.66
CA GLY E 236 -10.96 21.32 -4.35
C GLY E 236 -10.00 20.56 -3.45
N ALA E 237 -10.35 20.30 -2.19
CA ALA E 237 -9.48 19.57 -1.27
C ALA E 237 -9.27 18.12 -1.71
N GLU E 238 -8.28 17.49 -1.10
CA GLU E 238 -7.90 16.12 -1.42
C GLU E 238 -9.10 15.17 -1.31
N GLY E 239 -9.19 14.24 -2.25
CA GLY E 239 -10.26 13.25 -2.24
C GLY E 239 -11.42 13.67 -3.15
N THR E 240 -12.65 13.56 -2.62
CA THR E 240 -13.82 13.78 -3.48
C THR E 240 -13.92 15.21 -4.00
N PRO E 241 -13.64 16.26 -3.18
CA PRO E 241 -13.67 17.63 -3.73
C PRO E 241 -12.76 17.84 -4.92
N ARG E 242 -11.51 17.38 -4.83
CA ARG E 242 -10.60 17.47 -5.96
C ARG E 242 -11.10 16.63 -7.14
N LYS E 243 -11.66 15.45 -6.86
CA LYS E 243 -12.13 14.61 -7.97
C LYS E 243 -13.22 15.30 -8.77
N MET E 244 -14.22 15.85 -8.06
CA MET E 244 -15.34 16.47 -8.76
C MET E 244 -14.96 17.79 -9.41
N LYS E 245 -13.96 18.49 -8.86
CA LYS E 245 -13.48 19.69 -9.53
C LYS E 245 -12.78 19.35 -10.83
N LYS E 246 -11.93 18.32 -10.85
CA LYS E 246 -11.29 17.94 -12.10
C LYS E 246 -12.30 17.38 -13.08
N ALA E 247 -13.30 16.64 -12.60
CA ALA E 247 -14.33 16.11 -13.49
C ALA E 247 -15.03 17.25 -14.23
N ALA E 248 -15.40 18.30 -13.51
CA ALA E 248 -16.01 19.46 -14.16
C ALA E 248 -15.07 20.02 -15.23
N GLU E 249 -13.78 20.12 -14.91
CA GLU E 249 -12.80 20.65 -15.85
C GLU E 249 -12.67 19.79 -17.11
N ILE E 250 -12.59 18.46 -16.93
CA ILE E 250 -12.48 17.57 -18.09
C ILE E 250 -13.72 17.70 -18.97
N ALA E 251 -14.90 17.64 -18.35
CA ALA E 251 -16.15 17.73 -19.11
C ALA E 251 -16.24 19.05 -19.87
N ARG E 252 -15.81 20.15 -19.25
CA ARG E 252 -15.87 21.44 -19.93
C ARG E 252 -14.98 21.48 -21.17
N SER E 253 -13.83 20.80 -21.11
CA SER E 253 -12.95 20.77 -22.28
C SER E 253 -13.50 19.87 -23.39
N LEU E 254 -14.22 18.82 -23.02
CA LEU E 254 -14.83 17.90 -23.98
C LEU E 254 -16.15 18.41 -24.50
N ARG E 255 -16.65 19.52 -23.98
CA ARG E 255 -17.96 20.00 -24.35
C ARG E 255 -18.08 21.48 -23.97
N PRO E 256 -17.35 22.36 -24.66
CA PRO E 256 -17.22 23.76 -24.21
C PRO E 256 -18.50 24.57 -24.31
N ASP E 257 -19.60 24.00 -24.81
CA ASP E 257 -20.84 24.77 -24.96
C ASP E 257 -21.76 24.65 -23.75
N LEU E 258 -21.44 23.79 -22.79
CA LEU E 258 -22.29 23.49 -21.65
C LEU E 258 -21.85 24.21 -20.38
N MET E 259 -22.84 24.57 -19.57
CA MET E 259 -22.59 24.95 -18.19
C MET E 259 -22.30 23.68 -17.40
N ILE E 260 -21.05 23.52 -16.96
CA ILE E 260 -20.61 22.40 -16.13
C ILE E 260 -19.77 22.92 -14.99
N GLU E 261 -20.09 22.52 -13.76
CA GLU E 261 -19.46 23.13 -12.60
C GLU E 261 -19.31 22.13 -11.46
N GLY E 262 -18.30 22.38 -10.62
CA GLY E 262 -18.01 21.59 -9.44
C GLY E 262 -16.65 21.94 -8.89
N ASP E 263 -16.37 21.47 -7.67
CA ASP E 263 -17.24 20.68 -6.81
C ASP E 263 -18.28 21.53 -6.10
N MET E 264 -19.48 21.00 -5.89
CA MET E 264 -20.47 21.76 -5.12
C MET E 264 -21.41 20.82 -4.38
N GLN E 265 -22.04 21.37 -3.34
CA GLN E 265 -23.04 20.62 -2.59
C GLN E 265 -24.35 20.57 -3.38
N ALA E 266 -25.23 19.62 -2.99
CA ALA E 266 -26.44 19.32 -3.77
C ALA E 266 -27.44 20.48 -3.75
N ASP E 267 -27.61 21.14 -2.60
CA ASP E 267 -28.54 22.27 -2.57
C ASP E 267 -28.00 23.47 -3.35
N THR E 268 -26.69 23.73 -3.26
CA THR E 268 -26.04 24.71 -4.12
C THR E 268 -26.31 24.42 -5.58
N ALA E 269 -26.24 23.15 -5.97
CA ALA E 269 -26.36 22.74 -7.36
C ALA E 269 -27.75 23.03 -7.92
N VAL E 270 -28.78 22.70 -7.16
CA VAL E 270 -30.13 22.74 -7.69
C VAL E 270 -30.79 24.10 -7.49
N ASN E 271 -30.37 24.84 -6.46
CA ASN E 271 -31.02 26.09 -6.12
C ASN E 271 -30.29 27.28 -6.78
N PRO E 272 -30.87 27.93 -7.76
CA PRO E 272 -30.13 29.04 -8.41
C PRO E 272 -29.91 30.22 -7.50
N GLU E 273 -30.80 30.47 -6.54
CA GLU E 273 -30.63 31.62 -5.66
C GLU E 273 -29.45 31.40 -4.71
N ILE E 274 -29.29 30.17 -4.23
CA ILE E 274 -28.13 29.87 -3.41
C ILE E 274 -26.86 30.08 -4.23
N MET E 275 -26.86 29.60 -5.48
CA MET E 275 -25.68 29.79 -6.33
C MET E 275 -25.35 31.27 -6.50
N GLU E 276 -26.34 32.07 -6.84
CA GLU E 276 -26.07 33.46 -7.18
C GLU E 276 -25.50 34.19 -5.97
N ARG E 277 -26.09 33.95 -4.79
CA ARG E 277 -25.74 34.65 -3.56
C ARG E 277 -24.38 34.22 -3.00
N LEU E 278 -24.07 32.92 -3.05
CA LEU E 278 -22.88 32.45 -2.34
C LEU E 278 -21.68 32.24 -3.23
N PHE E 279 -21.88 31.94 -4.51
CA PHE E 279 -20.79 31.62 -5.43
C PHE E 279 -21.06 32.28 -6.78
N PRO E 280 -21.06 33.62 -6.83
CA PRO E 280 -21.40 34.32 -8.08
C PRO E 280 -20.39 34.10 -9.21
N PHE E 281 -19.15 33.77 -8.90
CA PHE E 281 -18.15 33.43 -9.91
C PHE E 281 -18.49 32.12 -10.65
N SER E 282 -19.43 31.33 -10.14
CA SER E 282 -19.67 30.01 -10.70
C SER E 282 -20.18 30.10 -12.14
N GLY E 283 -19.78 29.12 -12.95
CA GLY E 283 -20.22 29.09 -14.33
C GLY E 283 -21.59 28.50 -14.54
N LEU E 284 -22.31 28.12 -13.49
CA LEU E 284 -23.61 27.48 -13.61
C LEU E 284 -24.69 28.42 -13.11
N LYS E 285 -25.52 28.91 -14.03
CA LYS E 285 -26.66 29.75 -13.69
C LYS E 285 -27.96 29.03 -13.98
N GLY E 286 -28.99 29.34 -13.19
CA GLY E 286 -30.30 28.78 -13.40
C GLY E 286 -30.57 27.43 -12.78
N GLY E 287 -29.63 26.89 -11.99
CA GLY E 287 -29.82 25.60 -11.36
C GLY E 287 -29.43 24.43 -12.24
N ALA E 288 -28.78 23.43 -11.67
CA ALA E 288 -28.39 22.26 -12.41
C ALA E 288 -29.59 21.33 -12.65
N ASN E 289 -29.68 20.78 -13.85
CA ASN E 289 -30.63 19.71 -14.15
C ASN E 289 -29.95 18.39 -14.47
N VAL E 290 -28.61 18.32 -14.36
CA VAL E 290 -27.85 17.08 -14.44
C VAL E 290 -26.97 17.01 -13.19
N LEU E 291 -27.19 15.98 -12.37
CA LEU E 291 -26.46 15.82 -11.12
C LEU E 291 -25.61 14.55 -11.21
N VAL E 292 -24.28 14.73 -11.23
CA VAL E 292 -23.32 13.64 -11.29
C VAL E 292 -22.79 13.36 -9.90
N PHE E 293 -22.79 12.11 -9.51
CA PHE E 293 -22.46 11.79 -8.13
C PHE E 293 -21.03 11.28 -8.02
N PRO E 294 -20.40 11.41 -6.84
CA PRO E 294 -18.99 10.98 -6.72
C PRO E 294 -18.81 9.50 -6.45
N ASN E 295 -19.82 8.78 -5.97
CA ASN E 295 -19.67 7.36 -5.71
C ASN E 295 -21.06 6.71 -5.70
N LEU E 296 -21.08 5.37 -5.72
CA LEU E 296 -22.34 4.66 -5.91
C LEU E 296 -23.25 4.77 -4.68
N GLU E 297 -22.68 4.81 -3.47
CA GLU E 297 -23.47 5.02 -2.26
C GLU E 297 -24.30 6.31 -2.36
N SER E 298 -23.69 7.40 -2.82
CA SER E 298 -24.43 8.66 -2.76
C SER E 298 -25.52 8.69 -3.83
N SER E 299 -25.18 8.25 -5.04
CA SER E 299 -26.16 8.21 -6.13
C SER E 299 -27.29 7.23 -5.82
N ASN E 300 -26.94 6.02 -5.35
CA ASN E 300 -27.96 5.00 -5.19
C ASN E 300 -28.92 5.37 -4.05
N ILE E 301 -28.38 5.84 -2.93
CA ILE E 301 -29.25 6.23 -1.81
C ILE E 301 -30.10 7.44 -2.17
N ALA E 302 -29.53 8.41 -2.91
CA ALA E 302 -30.27 9.64 -3.18
C ALA E 302 -31.52 9.35 -3.99
N TYR E 303 -31.37 8.67 -5.12
CA TYR E 303 -32.52 8.47 -5.98
C TYR E 303 -33.58 7.61 -5.29
N LYS E 304 -33.16 6.68 -4.45
CA LYS E 304 -34.13 5.87 -3.73
C LYS E 304 -34.83 6.67 -2.65
N LEU E 305 -34.12 7.59 -1.98
CA LEU E 305 -34.78 8.43 -0.98
C LEU E 305 -35.73 9.42 -1.63
N ILE E 306 -35.32 10.06 -2.73
CA ILE E 306 -36.22 10.97 -3.44
C ILE E 306 -37.47 10.23 -3.86
N GLN E 307 -37.31 9.03 -4.43
CA GLN E 307 -38.44 8.23 -4.91
C GLN E 307 -39.41 7.88 -3.77
N GLN E 308 -38.89 7.61 -2.57
CA GLN E 308 -39.75 7.17 -1.48
C GLN E 308 -40.35 8.31 -0.66
N ILE E 309 -39.59 9.32 -0.30
CA ILE E 309 -40.06 10.33 0.65
C ILE E 309 -40.32 11.68 0.01
N GLY E 310 -39.82 11.94 -1.19
CA GLY E 310 -40.22 13.15 -1.87
C GLY E 310 -41.57 12.90 -2.49
N LYS E 311 -42.00 13.86 -3.30
CA LYS E 311 -43.26 13.71 -4.04
C LYS E 311 -43.04 14.17 -5.47
N ALA E 312 -42.00 13.57 -6.04
CA ALA E 312 -41.62 13.66 -7.43
C ALA E 312 -41.58 12.23 -7.93
N GLU E 313 -42.04 12.01 -9.15
CA GLU E 313 -41.93 10.70 -9.76
C GLU E 313 -40.49 10.53 -10.24
N VAL E 314 -39.93 9.34 -10.01
CA VAL E 314 -38.58 9.01 -10.45
C VAL E 314 -38.66 7.82 -11.40
N ILE E 315 -38.13 8.01 -12.61
CA ILE E 315 -38.18 7.01 -13.66
C ILE E 315 -36.78 6.49 -13.94
N GLY E 316 -36.68 5.19 -14.19
CA GLY E 316 -35.40 4.56 -14.38
C GLY E 316 -35.17 3.58 -13.26
N PRO E 317 -33.93 3.07 -13.13
CA PRO E 317 -32.76 3.55 -13.87
C PRO E 317 -32.66 3.04 -15.30
N PHE E 318 -32.02 3.85 -16.14
CA PHE E 318 -31.75 3.53 -17.53
C PHE E 318 -30.24 3.40 -17.72
N LEU E 319 -29.83 2.35 -18.43
CA LEU E 319 -28.41 2.04 -18.64
C LEU E 319 -27.88 2.83 -19.83
N THR E 320 -27.02 3.81 -19.57
CA THR E 320 -26.38 4.60 -20.61
C THR E 320 -25.01 4.03 -20.92
N GLY E 321 -24.43 4.47 -22.06
CA GLY E 321 -23.10 4.10 -22.47
C GLY E 321 -22.98 2.81 -23.29
N VAL E 322 -24.07 2.08 -23.50
CA VAL E 322 -24.00 0.75 -24.11
C VAL E 322 -24.48 0.84 -25.56
N ARG E 323 -23.94 -0.07 -26.39
CA ARG E 323 -24.09 0.01 -27.85
C ARG E 323 -25.54 -0.15 -28.32
N ARG E 324 -26.37 -0.91 -27.60
CA ARG E 324 -27.76 -1.10 -27.98
C ARG E 324 -28.64 -0.92 -26.76
N SER E 325 -29.94 -0.82 -27.00
CA SER E 325 -30.90 -0.47 -25.95
C SER E 325 -31.13 -1.67 -25.02
N ALA E 326 -30.76 -1.52 -23.76
CA ALA E 326 -30.94 -2.58 -22.79
C ALA E 326 -31.04 -1.94 -21.42
N ASN E 327 -32.16 -2.09 -20.75
CA ASN E 327 -32.31 -1.47 -19.45
C ASN E 327 -32.66 -2.52 -18.41
N VAL E 328 -32.10 -2.34 -17.22
CA VAL E 328 -32.30 -3.23 -16.11
C VAL E 328 -33.17 -2.49 -15.11
N LEU E 329 -34.31 -3.08 -14.80
CA LEU E 329 -35.19 -2.56 -13.76
C LEU E 329 -34.56 -2.77 -12.40
N GLN E 330 -34.77 -1.81 -11.50
CA GLN E 330 -34.44 -2.03 -10.10
C GLN E 330 -35.38 -3.08 -9.53
N ARG E 331 -34.87 -3.93 -8.64
CA ARG E 331 -35.65 -5.06 -8.14
C ARG E 331 -36.89 -4.61 -7.39
N THR E 332 -36.84 -3.43 -6.81
CA THR E 332 -37.91 -2.82 -6.03
C THR E 332 -39.01 -2.19 -6.88
N THR E 333 -38.96 -2.33 -8.20
CA THR E 333 -39.83 -1.57 -9.08
C THR E 333 -41.29 -1.96 -8.89
N THR E 334 -42.17 -1.02 -9.22
CA THR E 334 -43.60 -1.26 -9.30
C THR E 334 -43.99 -1.56 -10.74
N VAL E 335 -45.28 -1.88 -10.97
CA VAL E 335 -45.75 -2.14 -12.32
C VAL E 335 -45.67 -0.87 -13.16
N ASP E 336 -45.97 0.28 -12.56
CA ASP E 336 -45.82 1.54 -13.27
C ASP E 336 -44.38 1.81 -13.66
N GLY E 337 -43.44 1.48 -12.76
CA GLY E 337 -42.03 1.59 -13.08
C GLY E 337 -41.65 0.87 -14.35
N ILE E 338 -42.10 -0.39 -14.48
CA ILE E 338 -41.80 -1.16 -15.67
C ILE E 338 -42.44 -0.51 -16.89
N VAL E 339 -43.68 -0.03 -16.77
CA VAL E 339 -44.32 0.64 -17.89
C VAL E 339 -43.50 1.87 -18.30
N ASN E 340 -43.12 2.70 -17.31
CA ASN E 340 -42.23 3.83 -17.58
C ASN E 340 -40.92 3.40 -18.23
N SER E 341 -40.33 2.30 -17.76
CA SER E 341 -39.04 1.86 -18.29
C SER E 341 -39.16 1.35 -19.72
N VAL E 342 -40.24 0.62 -20.02
CA VAL E 342 -40.42 0.11 -21.38
C VAL E 342 -40.65 1.27 -22.36
N VAL E 343 -41.42 2.28 -21.94
CA VAL E 343 -41.66 3.43 -22.81
C VAL E 343 -40.32 4.03 -23.23
N PHE E 344 -39.43 4.27 -22.27
CA PHE E 344 -38.16 4.88 -22.61
C PHE E 344 -37.18 3.88 -23.26
N THR E 345 -37.28 2.60 -22.93
CA THR E 345 -36.55 1.61 -23.72
C THR E 345 -37.01 1.62 -25.17
N ALA E 346 -38.32 1.81 -25.42
CA ALA E 346 -38.80 1.90 -26.79
C ALA E 346 -38.21 3.11 -27.50
N LEU E 347 -38.22 4.28 -26.83
CA LEU E 347 -37.63 5.49 -27.40
C LEU E 347 -36.15 5.32 -27.72
N GLU E 348 -35.39 4.76 -26.77
CA GLU E 348 -33.98 4.51 -27.00
C GLU E 348 -33.76 3.54 -28.17
N ALA E 349 -34.57 2.48 -28.25
CA ALA E 349 -34.45 1.55 -29.37
C ALA E 349 -34.71 2.26 -30.71
N GLN E 350 -35.75 3.11 -30.77
CA GLN E 350 -36.00 3.87 -31.99
C GLN E 350 -34.86 4.82 -32.31
N TYR E 351 -34.31 5.51 -31.30
CA TYR E 351 -33.18 6.42 -31.56
C TYR E 351 -31.96 5.63 -32.06
N ILE E 352 -31.63 4.54 -31.38
CA ILE E 352 -30.47 3.74 -31.81
C ILE E 352 -30.67 3.16 -33.23
N LYS E 353 -31.94 2.96 -33.68
CA LYS E 353 -32.13 2.56 -35.08
C LYS E 353 -31.80 3.69 -36.06
N GLU E 354 -31.93 4.96 -35.67
CA GLU E 354 -31.57 5.92 -36.70
C GLU E 354 -30.08 6.00 -36.85
N VAL E 355 -29.37 5.96 -35.75
CA VAL E 355 -27.91 5.99 -35.79
C VAL E 355 -27.38 4.81 -36.61
N LEU E 356 -27.93 3.61 -36.41
CA LEU E 356 -27.42 2.44 -37.13
C LEU E 356 -27.63 2.55 -38.65
N LYS E 357 -28.68 3.26 -39.07
CA LYS E 357 -28.99 3.42 -40.48
C LYS E 357 -28.25 4.58 -41.12
N SER E 358 -27.76 5.51 -40.32
CA SER E 358 -26.88 6.55 -40.88
C SER E 358 -25.44 6.28 -40.47
N SER F 21 18.11 -38.83 -25.05
CA SER F 21 18.48 -39.63 -23.88
C SER F 21 20.01 -39.37 -23.76
N LYS F 22 20.97 -40.31 -23.93
CA LYS F 22 22.34 -39.77 -23.99
C LYS F 22 22.64 -39.33 -25.42
N VAL F 23 21.65 -39.58 -26.31
CA VAL F 23 21.71 -39.18 -27.72
C VAL F 23 21.74 -37.66 -27.83
N PHE F 24 20.94 -36.97 -27.02
CA PHE F 24 20.95 -35.50 -27.03
C PHE F 24 22.31 -34.99 -26.58
N ILE F 25 22.92 -35.66 -25.60
CA ILE F 25 24.21 -35.22 -25.11
C ILE F 25 25.32 -35.57 -26.09
N ARG F 26 25.24 -36.74 -26.72
CA ARG F 26 26.27 -37.13 -27.69
C ARG F 26 26.23 -36.23 -28.92
N SER F 27 25.04 -35.82 -29.34
CA SER F 27 24.96 -34.83 -30.41
C SER F 27 25.62 -33.51 -30.01
N ALA F 28 25.42 -33.05 -28.78
CA ALA F 28 26.06 -31.81 -28.33
C ALA F 28 27.58 -31.94 -28.32
N ILE F 29 28.08 -33.07 -27.82
CA ILE F 29 29.53 -33.30 -27.84
C ILE F 29 30.03 -33.26 -29.27
N ASN F 30 29.30 -33.89 -30.18
CA ASN F 30 29.70 -33.82 -31.58
C ASN F 30 29.65 -32.38 -32.08
N ARG F 31 28.68 -31.57 -31.61
CA ARG F 31 28.74 -30.22 -32.13
C ARG F 31 29.93 -29.47 -31.59
N VAL F 32 30.29 -29.69 -30.33
CA VAL F 32 31.48 -29.01 -29.83
C VAL F 32 32.69 -29.33 -30.71
N HIS F 33 32.83 -30.60 -31.11
CA HIS F 33 33.92 -30.98 -32.02
C HIS F 33 33.75 -30.33 -33.40
N GLN F 34 32.54 -30.34 -33.94
CA GLN F 34 32.33 -29.68 -35.23
C GLN F 34 32.68 -28.20 -35.14
N ASN F 35 32.46 -27.58 -33.98
CA ASN F 35 32.77 -26.15 -33.79
C ASN F 35 34.28 -25.88 -33.72
N SER F 36 35.04 -26.75 -33.02
CA SER F 36 36.49 -26.56 -32.88
C SER F 36 37.16 -26.57 -34.24
N ALA F 37 37.02 -27.70 -34.95
CA ALA F 37 37.37 -27.76 -36.35
C ALA F 37 36.50 -26.73 -37.07
N ALA F 38 37.09 -26.03 -38.03
CA ALA F 38 36.54 -24.81 -38.66
C ALA F 38 36.88 -23.64 -37.74
N ASN F 39 37.64 -23.87 -36.67
CA ASN F 39 38.31 -22.83 -35.91
C ASN F 39 39.72 -23.29 -35.51
N GLY F 40 40.39 -24.04 -36.39
CA GLY F 40 41.72 -24.48 -36.08
C GLY F 40 41.83 -25.61 -35.08
N GLY F 41 40.78 -25.88 -34.34
CA GLY F 41 40.79 -26.97 -33.41
C GLY F 41 40.91 -26.55 -31.97
N GLU F 42 40.89 -25.24 -31.70
CA GLU F 42 41.00 -24.75 -30.34
C GLU F 42 39.76 -25.16 -29.56
N LEU F 43 39.94 -25.43 -28.31
CA LEU F 43 38.80 -25.73 -27.47
C LEU F 43 38.57 -24.60 -26.48
N PRO F 44 37.31 -24.32 -26.13
CA PRO F 44 37.03 -23.22 -25.21
C PRO F 44 37.71 -23.45 -23.86
N ARG F 45 38.30 -22.38 -23.33
CA ARG F 45 38.85 -22.41 -21.99
C ARG F 45 37.72 -22.21 -20.98
N ILE F 46 37.51 -23.18 -20.10
CA ILE F 46 36.45 -23.13 -19.09
C ILE F 46 37.10 -23.07 -17.72
N VAL F 47 36.84 -21.98 -16.98
CA VAL F 47 37.42 -21.85 -15.66
C VAL F 47 36.45 -22.38 -14.63
N PHE F 48 36.98 -23.14 -13.68
CA PHE F 48 36.20 -23.74 -12.59
C PHE F 48 36.68 -23.18 -11.25
N PRO F 49 35.93 -22.29 -10.62
CA PRO F 49 36.38 -21.70 -9.34
C PRO F 49 36.63 -22.71 -8.25
N GLU F 50 35.88 -23.80 -8.21
CA GLU F 50 35.98 -24.77 -7.13
C GLU F 50 37.00 -25.86 -7.50
N GLY F 51 38.27 -25.46 -7.53
CA GLY F 51 39.34 -26.33 -8.01
C GLY F 51 39.52 -27.60 -7.21
N THR F 52 39.06 -27.63 -5.96
CA THR F 52 39.17 -28.82 -5.13
C THR F 52 37.89 -29.60 -5.00
N SER F 53 36.81 -29.18 -5.68
CA SER F 53 35.53 -29.87 -5.56
C SER F 53 35.61 -31.30 -6.11
N THR F 54 35.28 -32.27 -5.28
CA THR F 54 35.34 -33.68 -5.70
C THR F 54 34.48 -33.93 -6.94
N LYS F 55 33.22 -33.48 -6.92
CA LYS F 55 32.35 -33.74 -8.06
C LYS F 55 32.85 -33.04 -9.31
N VAL F 56 33.41 -31.84 -9.17
CA VAL F 56 33.95 -31.15 -10.34
C VAL F 56 35.14 -31.93 -10.92
N LEU F 57 36.04 -32.41 -10.06
CA LEU F 57 37.22 -33.11 -10.56
C LEU F 57 36.85 -34.43 -11.21
N LYS F 58 35.89 -35.15 -10.62
CA LYS F 58 35.41 -36.41 -11.22
C LYS F 58 34.76 -36.16 -12.56
N ALA F 59 33.98 -35.08 -12.69
CA ALA F 59 33.36 -34.79 -13.97
C ALA F 59 34.39 -34.47 -15.05
N LEU F 60 35.45 -33.73 -14.68
CA LEU F 60 36.44 -33.35 -15.67
C LEU F 60 37.24 -34.53 -16.19
N ALA F 61 37.42 -35.58 -15.36
CA ALA F 61 38.04 -36.80 -15.85
C ALA F 61 37.31 -37.31 -17.09
N THR F 62 35.98 -37.41 -16.99
CA THR F 62 35.19 -37.76 -18.16
C THR F 62 35.36 -36.73 -19.27
N LEU F 63 35.36 -35.44 -18.94
CA LEU F 63 35.30 -34.41 -19.97
C LEU F 63 36.62 -34.19 -20.70
N VAL F 64 37.76 -34.61 -20.14
CA VAL F 64 39.00 -34.47 -20.90
C VAL F 64 39.14 -35.62 -21.87
N GLU F 65 38.63 -36.80 -21.51
CA GLU F 65 38.50 -37.91 -22.45
C GLU F 65 37.77 -37.48 -23.72
N GLU F 66 36.71 -36.69 -23.55
CA GLU F 66 35.88 -36.29 -24.68
C GLU F 66 36.37 -35.06 -25.42
N LYS F 67 37.43 -34.39 -24.96
CA LYS F 67 38.00 -33.23 -25.66
C LYS F 67 36.93 -32.13 -25.87
N ILE F 68 36.33 -31.72 -24.74
CA ILE F 68 35.26 -30.73 -24.71
C ILE F 68 35.80 -29.34 -24.43
N CYS F 69 36.76 -29.22 -23.51
CA CYS F 69 37.26 -27.93 -23.09
C CYS F 69 38.67 -28.07 -22.52
N GLN F 70 39.42 -26.95 -22.54
CA GLN F 70 40.60 -26.82 -21.70
C GLN F 70 40.22 -26.28 -20.32
N PRO F 71 40.19 -27.14 -19.29
CA PRO F 71 39.82 -26.66 -17.95
C PRO F 71 40.92 -25.86 -17.26
N ILE F 72 40.51 -24.77 -16.61
CA ILE F 72 41.36 -24.02 -15.70
C ILE F 72 40.75 -24.13 -14.31
N LEU F 73 41.48 -24.75 -13.38
CA LEU F 73 41.05 -24.84 -12.00
C LEU F 73 41.62 -23.69 -11.18
N LEU F 74 40.81 -23.15 -10.28
CA LEU F 74 41.26 -22.09 -9.40
C LEU F 74 41.45 -22.64 -7.99
N GLY F 75 42.53 -22.22 -7.35
CA GLY F 75 42.84 -22.65 -6.01
C GLY F 75 44.34 -22.55 -5.78
N TYR F 76 44.73 -22.86 -4.55
CA TYR F 76 46.16 -23.04 -4.27
C TYR F 76 46.63 -24.25 -5.05
N PRO F 77 47.59 -24.10 -5.97
CA PRO F 77 48.04 -25.26 -6.76
C PRO F 77 48.32 -26.51 -5.94
N GLU F 78 49.06 -26.39 -4.82
CA GLU F 78 49.38 -27.56 -4.01
C GLU F 78 48.14 -28.21 -3.43
N ARG F 79 47.19 -27.40 -2.92
CA ARG F 79 45.96 -27.97 -2.40
C ARG F 79 45.16 -28.66 -3.51
N VAL F 80 45.16 -28.10 -4.71
CA VAL F 80 44.42 -28.71 -5.80
C VAL F 80 45.09 -30.00 -6.23
N LYS F 81 46.42 -29.98 -6.37
CA LYS F 81 47.13 -31.17 -6.83
C LYS F 81 47.03 -32.30 -5.81
N GLU F 82 47.06 -31.98 -4.52
CA GLU F 82 46.89 -33.03 -3.52
C GLU F 82 45.48 -33.63 -3.59
N LYS F 83 44.46 -32.82 -3.88
CA LYS F 83 43.12 -33.37 -4.04
C LYS F 83 43.03 -34.29 -5.26
N ILE F 84 43.64 -33.88 -6.37
CA ILE F 84 43.63 -34.70 -7.58
C ILE F 84 44.34 -36.01 -7.32
N LYS F 85 45.43 -35.96 -6.53
CA LYS F 85 46.17 -37.18 -6.24
C LYS F 85 45.44 -38.06 -5.23
N ALA F 86 44.78 -37.46 -4.24
CA ALA F 86 43.94 -38.24 -3.32
C ALA F 86 42.84 -39.00 -4.06
N LEU F 87 42.17 -38.37 -5.03
CA LEU F 87 41.11 -39.07 -5.74
C LEU F 87 41.62 -40.04 -6.80
N ASP F 88 42.92 -40.06 -7.08
CA ASP F 88 43.52 -40.92 -8.10
C ASP F 88 42.82 -40.73 -9.46
N ILE F 89 42.95 -39.52 -9.98
CA ILE F 89 42.41 -39.14 -11.27
C ILE F 89 43.60 -38.77 -12.16
N PRO F 90 44.19 -39.73 -12.86
CA PRO F 90 45.47 -39.48 -13.53
C PRO F 90 45.33 -38.51 -14.69
N LEU F 91 44.14 -38.38 -15.28
CA LEU F 91 43.97 -37.59 -16.48
C LEU F 91 43.99 -36.09 -16.23
N LEU F 92 44.08 -35.66 -14.98
CA LEU F 92 44.12 -34.23 -14.72
C LEU F 92 45.52 -33.71 -14.43
N ASN F 93 46.54 -34.53 -14.61
CA ASN F 93 47.90 -34.06 -14.44
C ASN F 93 48.19 -33.05 -15.54
N ASP F 94 48.88 -31.97 -15.17
CA ASP F 94 49.23 -30.85 -16.05
C ASP F 94 48.06 -29.95 -16.43
N VAL F 95 46.84 -30.26 -16.02
CA VAL F 95 45.73 -29.34 -16.29
C VAL F 95 46.05 -28.03 -15.58
N SER F 96 45.70 -26.92 -16.23
CA SER F 96 46.11 -25.61 -15.73
C SER F 96 45.46 -25.30 -14.38
N ILE F 97 46.26 -24.77 -13.46
CA ILE F 97 45.82 -24.41 -12.11
C ILE F 97 46.29 -23.00 -11.82
N VAL F 98 45.37 -22.13 -11.40
CA VAL F 98 45.65 -20.71 -11.21
C VAL F 98 45.22 -20.31 -9.81
N HIS F 99 46.14 -19.66 -9.08
CA HIS F 99 45.82 -19.03 -7.80
C HIS F 99 45.52 -17.56 -8.02
N PRO F 100 44.26 -17.10 -7.83
CA PRO F 100 43.89 -15.72 -8.22
C PRO F 100 44.85 -14.60 -7.80
N SER F 101 45.17 -14.50 -6.52
CA SER F 101 45.98 -13.37 -6.08
C SER F 101 47.46 -13.48 -6.47
N SER F 102 47.92 -14.63 -6.99
CA SER F 102 49.27 -14.74 -7.54
C SER F 102 49.34 -14.52 -9.04
N HIS F 103 48.20 -14.46 -9.71
CA HIS F 103 48.18 -14.33 -11.16
C HIS F 103 48.71 -12.96 -11.57
N PRO F 104 49.41 -12.87 -12.71
CA PRO F 104 49.95 -11.56 -13.10
C PRO F 104 48.88 -10.51 -13.33
N LYS F 105 47.66 -10.88 -13.72
CA LYS F 105 46.64 -9.91 -14.05
C LYS F 105 45.78 -9.51 -12.84
N TYR F 106 46.09 -10.04 -11.66
CA TYR F 106 45.27 -9.80 -10.48
C TYR F 106 45.04 -8.31 -10.23
N PHE F 107 46.11 -7.53 -10.16
CA PHE F 107 45.95 -6.12 -9.83
C PHE F 107 45.17 -5.37 -10.90
N SER F 108 45.41 -5.68 -12.17
CA SER F 108 44.60 -5.08 -13.21
C SER F 108 43.13 -5.52 -13.08
N PHE F 109 42.90 -6.77 -12.67
CA PHE F 109 41.53 -7.24 -12.41
C PHE F 109 40.91 -6.50 -11.23
N VAL F 110 41.67 -6.30 -10.15
CA VAL F 110 41.18 -5.54 -9.01
C VAL F 110 40.76 -4.14 -9.45
N GLU F 111 41.59 -3.49 -10.28
CA GLU F 111 41.25 -2.15 -10.72
C GLU F 111 39.98 -2.13 -11.54
N LYS F 112 39.77 -3.13 -12.42
CA LYS F 112 38.52 -3.16 -13.17
C LYS F 112 37.32 -3.46 -12.29
N LEU F 113 37.45 -4.32 -11.29
CA LEU F 113 36.29 -4.51 -10.41
C LEU F 113 35.99 -3.23 -9.62
N TYR F 114 37.02 -2.57 -9.11
CA TYR F 114 36.83 -1.33 -8.36
C TYR F 114 36.09 -0.29 -9.21
N SER F 115 36.52 -0.12 -10.46
CA SER F 115 35.85 0.84 -11.33
C SER F 115 34.38 0.46 -11.56
N LEU F 116 34.06 -0.83 -11.61
CA LEU F 116 32.68 -1.25 -11.83
C LEU F 116 31.82 -1.02 -10.59
N ALA F 117 32.43 -1.06 -9.42
CA ALA F 117 31.68 -1.20 -8.17
C ALA F 117 31.92 -0.10 -7.16
N GLN F 118 32.76 0.90 -7.46
CA GLN F 118 33.13 1.86 -6.43
C GLN F 118 31.98 2.78 -6.05
N ARG F 119 30.94 2.87 -6.88
CA ARG F 119 29.71 3.58 -6.53
C ARG F 119 28.61 2.60 -6.17
N LYS F 120 28.95 1.33 -5.96
CA LYS F 120 28.03 0.33 -5.45
C LYS F 120 28.45 -0.14 -4.08
N GLY F 121 29.27 0.67 -3.40
CA GLY F 121 29.64 0.43 -2.02
C GLY F 121 30.85 -0.45 -1.82
N ILE F 122 31.76 -0.51 -2.79
CA ILE F 122 32.90 -1.42 -2.77
C ILE F 122 34.14 -0.54 -2.83
N ASN F 123 34.93 -0.50 -1.75
CA ASN F 123 36.17 0.25 -1.77
C ASN F 123 37.30 -0.63 -2.31
N LEU F 124 38.49 -0.04 -2.43
CA LEU F 124 39.60 -0.74 -3.06
C LEU F 124 40.01 -1.98 -2.29
N GLY F 125 40.09 -1.88 -0.96
CA GLY F 125 40.44 -3.05 -0.17
C GLY F 125 39.43 -4.17 -0.34
N GLU F 126 38.15 -3.80 -0.44
CA GLU F 126 37.12 -4.81 -0.65
C GLU F 126 37.18 -5.38 -2.06
N ALA F 127 37.50 -4.54 -3.05
CA ALA F 127 37.73 -5.05 -4.39
C ALA F 127 38.88 -6.05 -4.43
N GLU F 128 39.94 -5.80 -3.65
CA GLU F 128 41.04 -6.75 -3.58
C GLU F 128 40.62 -8.06 -2.93
N ARG F 129 39.82 -8.00 -1.86
CA ARG F 129 39.40 -9.24 -1.22
C ARG F 129 38.49 -10.04 -2.12
N LEU F 130 37.59 -9.35 -2.86
CA LEU F 130 36.69 -10.06 -3.75
C LEU F 130 37.43 -10.75 -4.88
N MET F 131 38.44 -10.07 -5.44
CA MET F 131 39.16 -10.62 -6.58
C MET F 131 40.04 -11.80 -6.19
N ALA F 132 40.40 -11.91 -4.91
CA ALA F 132 41.08 -13.11 -4.44
C ALA F 132 40.13 -14.29 -4.32
N ASP F 133 38.82 -14.02 -4.29
CA ASP F 133 37.83 -15.08 -4.29
C ASP F 133 37.72 -15.70 -5.67
N PRO F 134 37.82 -17.03 -5.79
CA PRO F 134 37.80 -17.67 -7.11
C PRO F 134 36.57 -17.34 -7.95
N ASN F 135 35.38 -17.21 -7.34
CA ASN F 135 34.18 -16.88 -8.13
C ASN F 135 34.30 -15.52 -8.83
N TYR F 136 34.80 -14.50 -8.13
CA TYR F 136 35.00 -13.20 -8.78
C TYR F 136 36.15 -13.26 -9.77
N PHE F 137 37.24 -13.92 -9.41
CA PHE F 137 38.35 -14.02 -10.34
C PHE F 137 37.94 -14.73 -11.62
N ALA F 138 37.20 -15.84 -11.49
CA ALA F 138 36.72 -16.54 -12.68
C ALA F 138 35.85 -15.63 -13.53
N ALA F 139 34.87 -14.96 -12.91
CA ALA F 139 33.98 -14.07 -13.68
C ALA F 139 34.78 -12.97 -14.38
N MET F 140 35.78 -12.40 -13.70
CA MET F 140 36.61 -11.39 -14.36
C MET F 140 37.42 -11.99 -15.51
N MET F 141 37.92 -13.22 -15.35
CA MET F 141 38.64 -13.89 -16.43
C MET F 141 37.78 -14.01 -17.67
N VAL F 142 36.54 -14.44 -17.51
CA VAL F 142 35.64 -14.57 -18.64
C VAL F 142 35.34 -13.20 -19.23
N ASN F 143 35.10 -12.22 -18.36
CA ASN F 143 34.82 -10.87 -18.83
C ASN F 143 35.97 -10.32 -19.67
N GLN F 144 37.21 -10.57 -19.27
CA GLN F 144 38.38 -10.00 -19.94
C GLN F 144 38.91 -10.87 -21.07
N GLY F 145 38.23 -11.96 -21.41
CA GLY F 145 38.69 -12.82 -22.48
C GLY F 145 39.85 -13.74 -22.11
N GLU F 146 40.28 -13.75 -20.86
CA GLU F 146 41.28 -14.72 -20.41
C GLU F 146 40.70 -16.14 -20.29
N ALA F 147 39.38 -16.28 -20.34
CA ALA F 147 38.73 -17.59 -20.45
C ALA F 147 37.44 -17.41 -21.23
N ASP F 148 36.95 -18.52 -21.78
CA ASP F 148 35.77 -18.50 -22.65
C ASP F 148 34.48 -18.80 -21.92
N GLY F 149 34.54 -19.41 -20.74
CA GLY F 149 33.35 -19.68 -19.97
C GLY F 149 33.72 -20.09 -18.56
N MET F 150 32.70 -20.18 -17.71
CA MET F 150 32.94 -20.64 -16.35
C MET F 150 31.79 -21.50 -15.89
N VAL F 151 32.11 -22.37 -14.94
CA VAL F 151 31.15 -23.25 -14.30
C VAL F 151 31.44 -23.23 -12.82
N SER F 152 30.47 -22.83 -12.02
CA SER F 152 30.64 -22.68 -10.58
C SER F 152 29.37 -23.18 -9.91
N GLY F 153 29.42 -23.22 -8.57
CA GLY F 153 28.24 -23.43 -7.77
C GLY F 153 28.01 -24.84 -7.30
N SER F 154 28.98 -25.75 -7.47
CA SER F 154 28.82 -27.07 -6.89
C SER F 154 28.81 -27.02 -5.36
N SER F 155 29.54 -26.08 -4.77
CA SER F 155 29.78 -26.08 -3.33
C SER F 155 29.11 -24.93 -2.57
N ILE F 156 28.58 -23.91 -3.26
CA ILE F 156 27.92 -22.79 -2.61
C ILE F 156 26.52 -22.63 -3.19
N ASN F 157 25.67 -21.92 -2.46
CA ASN F 157 24.30 -21.78 -2.91
C ASN F 157 24.24 -20.87 -4.13
N TYR F 158 23.12 -21.00 -4.84
CA TYR F 158 23.01 -20.43 -6.19
C TYR F 158 23.16 -18.92 -6.17
N ALA F 159 22.51 -18.26 -5.20
CA ALA F 159 22.54 -16.80 -5.14
C ALA F 159 23.97 -16.31 -4.95
N ASP F 160 24.73 -17.02 -4.11
CA ASP F 160 26.13 -16.62 -3.91
C ASP F 160 26.95 -16.89 -5.15
N ALA F 161 26.65 -17.97 -5.88
CA ALA F 161 27.44 -18.26 -7.06
C ALA F 161 27.13 -17.29 -8.19
N VAL F 162 25.89 -16.83 -8.31
CA VAL F 162 25.53 -16.03 -9.48
C VAL F 162 25.84 -14.54 -9.29
N ARG F 163 25.94 -14.07 -8.05
CA ARG F 163 26.23 -12.65 -7.80
C ARG F 163 27.50 -12.15 -8.47
N PRO F 164 28.67 -12.79 -8.31
CA PRO F 164 29.84 -12.33 -9.06
C PRO F 164 29.60 -12.29 -10.55
N ILE F 165 28.83 -13.25 -11.09
CA ILE F 165 28.57 -13.27 -12.53
C ILE F 165 27.78 -12.03 -12.97
N LEU F 166 26.69 -11.73 -12.25
CA LEU F 166 25.84 -10.59 -12.64
C LEU F 166 26.54 -9.26 -12.38
N GLN F 167 27.33 -9.16 -11.32
CA GLN F 167 28.02 -7.92 -11.02
C GLN F 167 29.20 -7.67 -11.92
N THR F 168 29.76 -8.71 -12.53
CA THR F 168 30.97 -8.59 -13.34
C THR F 168 30.69 -8.68 -14.82
N ILE F 169 29.96 -9.71 -15.23
CA ILE F 169 29.68 -9.91 -16.64
C ILE F 169 28.43 -9.14 -17.05
N GLY F 170 27.38 -9.20 -16.23
CA GLY F 170 26.17 -8.47 -16.50
C GLY F 170 25.36 -9.08 -17.62
N VAL F 171 24.24 -8.42 -17.92
CA VAL F 171 23.29 -8.89 -18.91
C VAL F 171 23.46 -8.08 -20.18
N TYR F 172 23.18 -8.73 -21.31
CA TYR F 172 23.18 -7.98 -22.55
C TYR F 172 21.93 -7.10 -22.61
N LYS F 173 21.90 -6.23 -23.62
CA LYS F 173 20.85 -5.21 -23.72
C LYS F 173 19.48 -5.85 -23.94
N GLU F 174 18.48 -5.43 -23.15
CA GLU F 174 17.12 -5.97 -23.05
C GLU F 174 17.06 -7.40 -22.50
N GLY F 175 18.19 -7.98 -22.09
CA GLY F 175 18.18 -9.31 -21.52
C GLY F 175 17.76 -9.32 -20.06
N ILE F 176 17.39 -10.50 -19.60
CA ILE F 176 17.07 -10.69 -18.19
C ILE F 176 17.79 -11.97 -17.74
N PRO F 177 18.47 -11.97 -16.60
CA PRO F 177 19.10 -13.23 -16.16
C PRO F 177 18.02 -14.23 -15.76
N ALA F 178 18.08 -15.42 -16.34
CA ALA F 178 17.04 -16.42 -16.11
C ALA F 178 17.64 -17.80 -16.33
N GLY F 179 17.43 -18.66 -15.33
CA GLY F 179 17.84 -20.04 -15.43
C GLY F 179 16.91 -20.85 -16.33
N LEU F 180 17.50 -21.79 -17.05
CA LEU F 180 16.79 -22.57 -18.05
C LEU F 180 17.20 -24.02 -17.90
N ASN F 181 16.21 -24.92 -17.98
CA ASN F 181 16.49 -26.35 -17.85
C ASN F 181 15.91 -27.10 -19.04
N PHE F 182 16.60 -28.14 -19.44
CA PHE F 182 16.15 -29.04 -20.50
C PHE F 182 15.52 -30.27 -19.86
N VAL F 183 14.33 -30.64 -20.33
CA VAL F 183 13.72 -31.91 -19.99
C VAL F 183 13.77 -32.80 -21.24
N LEU F 184 14.46 -33.95 -21.12
CA LEU F 184 14.70 -34.82 -22.27
C LEU F 184 13.79 -36.03 -22.16
N LEU F 185 12.80 -36.07 -23.04
CA LEU F 185 11.88 -37.19 -23.23
C LEU F 185 12.34 -38.02 -24.42
N GLU F 186 11.69 -39.16 -24.60
CA GLU F 186 11.93 -40.01 -25.76
C GLU F 186 11.88 -39.26 -27.11
N ASP F 187 10.79 -38.57 -27.45
CA ASP F 187 10.74 -37.94 -28.79
C ASP F 187 11.57 -36.66 -28.83
N LYS F 188 11.54 -35.94 -27.74
CA LYS F 188 11.19 -34.54 -27.65
C LYS F 188 11.87 -33.95 -26.43
N PHE F 189 12.27 -32.66 -26.49
CA PHE F 189 12.72 -31.99 -25.26
C PHE F 189 11.86 -30.76 -24.97
N LEU F 190 11.71 -30.49 -23.67
CA LEU F 190 11.09 -29.27 -23.17
C LEU F 190 12.17 -28.39 -22.58
N VAL F 191 11.95 -27.09 -22.60
CA VAL F 191 12.77 -26.13 -21.89
C VAL F 191 11.90 -25.48 -20.82
N LEU F 192 12.45 -25.35 -19.61
CA LEU F 192 11.78 -24.75 -18.47
C LEU F 192 12.55 -23.48 -18.10
N ALA F 193 11.82 -22.39 -17.87
CA ALA F 193 12.37 -21.10 -17.47
C ALA F 193 11.25 -20.28 -16.84
N ASP F 194 11.61 -19.35 -15.96
CA ASP F 194 12.94 -19.14 -15.38
C ASP F 194 13.06 -19.95 -14.09
N THR F 195 13.98 -20.94 -14.03
CA THR F 195 14.03 -21.86 -12.88
C THR F 195 14.91 -21.43 -11.70
N THR F 196 15.65 -20.31 -11.77
CA THR F 196 16.61 -20.03 -10.71
C THR F 196 16.68 -18.57 -10.22
N VAL F 197 16.29 -17.56 -10.99
CA VAL F 197 16.68 -16.17 -10.69
C VAL F 197 15.52 -15.31 -10.17
N ASN F 198 14.49 -15.09 -10.98
CA ASN F 198 13.50 -14.04 -10.69
C ASN F 198 12.37 -14.58 -9.81
N LEU F 199 12.13 -13.93 -8.68
CA LEU F 199 11.05 -14.39 -7.78
C LEU F 199 9.70 -14.37 -8.47
N ASN F 200 9.38 -13.25 -9.09
CA ASN F 200 8.01 -12.93 -9.50
C ASN F 200 8.09 -12.05 -10.69
N PRO F 201 8.47 -12.56 -11.86
CA PRO F 201 8.67 -11.72 -13.01
C PRO F 201 7.37 -11.06 -13.45
N THR F 202 7.48 -9.82 -13.92
CA THR F 202 6.34 -9.13 -14.50
C THR F 202 5.94 -9.78 -15.83
N ALA F 203 4.83 -9.33 -16.40
CA ALA F 203 4.44 -9.79 -17.73
C ALA F 203 5.51 -9.48 -18.77
N GLU F 204 6.10 -8.29 -18.68
CA GLU F 204 7.18 -7.91 -19.58
C GLU F 204 8.40 -8.82 -19.37
N GLN F 205 8.74 -9.12 -18.12
CA GLN F 205 9.88 -10.01 -17.86
C GLN F 205 9.61 -11.43 -18.35
N CYS F 206 8.38 -11.94 -18.19
CA CYS F 206 8.09 -13.30 -18.64
C CYS F 206 8.21 -13.40 -20.15
N ALA F 207 7.83 -12.32 -20.85
CA ALA F 207 7.94 -12.30 -22.30
C ALA F 207 9.39 -12.33 -22.72
N GLN F 208 10.24 -11.57 -22.03
CA GLN F 208 11.66 -11.57 -22.34
C GLN F 208 12.28 -12.94 -22.07
N ILE F 209 11.87 -13.59 -20.98
CA ILE F 209 12.30 -14.95 -20.69
C ILE F 209 11.88 -15.89 -21.79
N ALA F 210 10.66 -15.72 -22.31
CA ALA F 210 10.20 -16.60 -23.39
C ALA F 210 11.05 -16.44 -24.64
N LEU F 211 11.37 -15.20 -25.00
CA LEU F 211 12.17 -14.96 -26.19
C LEU F 211 13.57 -15.55 -26.03
N GLN F 212 14.16 -15.38 -24.84
CA GLN F 212 15.48 -15.96 -24.58
C GLN F 212 15.45 -17.48 -24.68
N ALA F 213 14.45 -18.12 -24.07
CA ALA F 213 14.31 -19.57 -24.17
C ALA F 213 14.06 -20.01 -25.61
N ALA F 214 13.27 -19.23 -26.35
CA ALA F 214 12.94 -19.58 -27.73
C ALA F 214 14.18 -19.58 -28.61
N LYS F 215 15.10 -18.64 -28.39
CA LYS F 215 16.33 -18.57 -29.18
C LYS F 215 17.19 -19.81 -28.99
N ILE F 216 17.26 -20.30 -27.74
CA ILE F 216 18.00 -21.53 -27.45
C ILE F 216 17.38 -22.73 -28.16
N VAL F 217 16.06 -22.85 -28.13
CA VAL F 217 15.42 -23.98 -28.80
C VAL F 217 15.69 -23.91 -30.30
N GLU F 218 15.70 -22.70 -30.85
CA GLU F 218 15.98 -22.54 -32.27
C GLU F 218 17.40 -22.99 -32.61
N TYR F 219 18.34 -22.75 -31.69
CA TYR F 219 19.73 -23.14 -31.93
C TYR F 219 19.85 -24.62 -32.26
N PHE F 220 19.01 -25.45 -31.66
CA PHE F 220 18.99 -26.87 -31.94
C PHE F 220 18.10 -27.24 -33.12
N GLY F 221 17.70 -26.25 -33.93
CA GLY F 221 16.89 -26.52 -35.11
C GLY F 221 15.50 -27.03 -34.82
N ILE F 222 14.92 -26.65 -33.69
CA ILE F 222 13.55 -27.01 -33.35
C ILE F 222 12.73 -25.74 -33.38
N GLU F 223 11.50 -25.84 -33.86
CA GLU F 223 10.56 -24.72 -33.82
C GLU F 223 10.11 -24.52 -32.38
N PRO F 224 10.34 -23.36 -31.78
CA PRO F 224 9.84 -23.14 -30.40
C PRO F 224 8.35 -22.88 -30.40
N ARG F 225 7.65 -23.54 -29.47
CA ARG F 225 6.23 -23.35 -29.25
C ARG F 225 6.05 -23.10 -27.76
N VAL F 226 5.63 -21.87 -27.41
CA VAL F 226 5.77 -21.31 -26.07
C VAL F 226 4.42 -21.24 -25.39
N ALA F 227 4.36 -21.74 -24.15
CA ALA F 227 3.20 -21.67 -23.28
C ALA F 227 3.51 -20.84 -22.05
N MET F 228 2.66 -19.87 -21.75
CA MET F 228 2.76 -19.14 -20.49
C MET F 228 1.90 -19.86 -19.44
N LEU F 229 2.55 -20.46 -18.45
CA LEU F 229 1.90 -21.38 -17.52
C LEU F 229 1.19 -20.66 -16.37
N SER F 230 0.12 -21.29 -15.90
CA SER F 230 -0.73 -20.79 -14.83
C SER F 230 -1.40 -21.98 -14.14
N TYR F 231 -2.19 -21.68 -13.11
CA TYR F 231 -3.08 -22.66 -12.53
C TYR F 231 -4.45 -22.63 -13.23
N SER F 232 -4.58 -21.80 -14.28
CA SER F 232 -5.83 -21.52 -14.98
C SER F 232 -5.70 -21.76 -16.48
N ASN F 233 -6.83 -22.12 -17.11
CA ASN F 233 -6.91 -22.25 -18.57
C ASN F 233 -7.68 -21.06 -19.13
N PHE F 234 -6.97 -20.14 -19.77
CA PHE F 234 -7.59 -19.08 -20.56
C PHE F 234 -8.71 -18.35 -19.81
N SER F 235 -8.39 -17.90 -18.60
CA SER F 235 -9.31 -17.13 -17.78
C SER F 235 -8.99 -15.63 -17.76
N GLY F 236 -7.71 -15.27 -17.80
CA GLY F 236 -7.34 -13.87 -17.76
C GLY F 236 -7.71 -13.16 -16.46
N ALA F 237 -8.06 -13.92 -15.42
CA ALA F 237 -8.47 -13.33 -14.16
C ALA F 237 -7.31 -12.56 -13.50
N GLU F 238 -7.66 -11.76 -12.51
CA GLU F 238 -6.69 -10.94 -11.80
C GLU F 238 -5.56 -11.81 -11.21
N GLY F 239 -4.35 -11.29 -11.28
CA GLY F 239 -3.17 -11.98 -10.77
C GLY F 239 -2.39 -12.72 -11.84
N THR F 240 -1.96 -13.95 -11.55
CA THR F 240 -1.07 -14.57 -12.54
C THR F 240 -1.81 -14.96 -13.83
N PRO F 241 -3.09 -15.38 -13.81
CA PRO F 241 -3.77 -15.64 -15.10
C PRO F 241 -3.66 -14.45 -16.03
N ARG F 242 -3.95 -13.25 -15.50
CA ARG F 242 -3.82 -12.03 -16.29
C ARG F 242 -2.36 -11.77 -16.69
N LYS F 243 -1.41 -11.98 -15.76
CA LYS F 243 -0.03 -11.73 -16.08
C LYS F 243 0.44 -12.61 -17.24
N MET F 244 0.15 -13.92 -17.18
CA MET F 244 0.62 -14.84 -18.21
C MET F 244 -0.10 -14.64 -19.54
N LYS F 245 -1.37 -14.21 -19.53
CA LYS F 245 -2.02 -13.83 -20.77
C LYS F 245 -1.37 -12.59 -21.37
N LYS F 246 -1.08 -11.60 -20.52
CA LYS F 246 -0.40 -10.42 -21.01
C LYS F 246 1.01 -10.75 -21.49
N ALA F 247 1.73 -11.65 -20.79
CA ALA F 247 3.06 -12.06 -21.25
C ALA F 247 2.99 -12.65 -22.65
N ALA F 248 2.03 -13.56 -22.88
CA ALA F 248 1.83 -14.14 -24.21
C ALA F 248 1.56 -13.06 -25.25
N GLU F 249 0.72 -12.07 -24.93
CA GLU F 249 0.44 -10.99 -25.88
C GLU F 249 1.71 -10.18 -26.20
N ILE F 250 2.47 -9.80 -25.17
CA ILE F 250 3.70 -9.05 -25.43
C ILE F 250 4.67 -9.89 -26.25
N ALA F 251 4.82 -11.17 -25.90
CA ALA F 251 5.71 -12.03 -26.66
C ALA F 251 5.29 -12.11 -28.13
N ARG F 252 3.98 -12.16 -28.39
CA ARG F 252 3.49 -12.28 -29.76
C ARG F 252 3.82 -11.03 -30.58
N SER F 253 3.88 -9.88 -29.91
CA SER F 253 4.17 -8.57 -30.53
C SER F 253 5.58 -8.51 -31.08
N LEU F 254 6.53 -9.00 -30.30
CA LEU F 254 7.93 -8.94 -30.63
C LEU F 254 8.41 -10.12 -31.48
N ARG F 255 7.57 -11.10 -31.72
CA ARG F 255 7.95 -12.25 -32.52
C ARG F 255 6.69 -12.90 -33.08
N PRO F 256 6.05 -12.26 -34.07
CA PRO F 256 4.76 -12.78 -34.57
C PRO F 256 4.86 -14.11 -35.29
N ASP F 257 6.06 -14.67 -35.47
CA ASP F 257 6.20 -15.92 -36.22
C ASP F 257 6.10 -17.16 -35.35
N LEU F 258 6.02 -17.01 -34.02
CA LEU F 258 6.02 -18.12 -33.08
C LEU F 258 4.63 -18.44 -32.55
N MET F 259 4.38 -19.72 -32.30
CA MET F 259 3.22 -20.14 -31.51
C MET F 259 3.50 -19.81 -30.05
N ILE F 260 2.77 -18.82 -29.52
CA ILE F 260 2.91 -18.39 -28.12
C ILE F 260 1.52 -18.21 -27.52
N GLU F 261 1.27 -18.83 -26.37
CA GLU F 261 -0.10 -18.87 -25.86
C GLU F 261 -0.12 -18.89 -24.32
N GLY F 262 -1.22 -18.39 -23.77
CA GLY F 262 -1.46 -18.38 -22.33
C GLY F 262 -2.63 -17.46 -22.03
N ASP F 263 -3.11 -17.52 -20.78
CA ASP F 263 -2.66 -18.41 -19.68
C ASP F 263 -3.19 -19.82 -19.82
N MET F 264 -2.41 -20.83 -19.44
CA MET F 264 -2.93 -22.20 -19.48
C MET F 264 -2.28 -23.08 -18.42
N GLN F 265 -2.96 -24.17 -18.08
CA GLN F 265 -2.39 -25.14 -17.16
C GLN F 265 -1.31 -25.94 -17.86
N ALA F 266 -0.47 -26.60 -17.05
CA ALA F 266 0.69 -27.32 -17.58
C ALA F 266 0.28 -28.54 -18.41
N ASP F 267 -0.74 -29.28 -17.99
CA ASP F 267 -1.12 -30.43 -18.84
C ASP F 267 -1.71 -29.96 -20.17
N THR F 268 -2.51 -28.89 -20.15
CA THR F 268 -2.97 -28.28 -21.40
C THR F 268 -1.80 -27.92 -22.31
N ALA F 269 -0.73 -27.37 -21.71
CA ALA F 269 0.41 -26.87 -22.50
C ALA F 269 1.14 -27.98 -23.24
N VAL F 270 1.46 -29.09 -22.55
CA VAL F 270 2.31 -30.13 -23.15
C VAL F 270 1.52 -31.15 -23.95
N ASN F 271 0.24 -31.35 -23.64
CA ASN F 271 -0.57 -32.39 -24.25
C ASN F 271 -1.36 -31.83 -25.44
N PRO F 272 -1.02 -32.21 -26.68
CA PRO F 272 -1.76 -31.63 -27.83
C PRO F 272 -3.21 -32.07 -27.88
N GLU F 273 -3.51 -33.27 -27.37
CA GLU F 273 -4.90 -33.72 -27.28
C GLU F 273 -5.77 -32.90 -26.37
N ILE F 274 -5.27 -32.55 -25.18
CA ILE F 274 -6.10 -31.77 -24.28
C ILE F 274 -6.40 -30.41 -24.90
N MET F 275 -5.39 -29.80 -25.50
CA MET F 275 -5.56 -28.49 -26.11
C MET F 275 -6.60 -28.52 -27.22
N GLU F 276 -6.45 -29.42 -28.19
CA GLU F 276 -7.37 -29.43 -29.33
C GLU F 276 -8.79 -29.76 -28.90
N ARG F 277 -8.94 -30.65 -27.92
CA ARG F 277 -10.26 -31.05 -27.47
C ARG F 277 -10.94 -29.95 -26.66
N LEU F 278 -10.19 -29.27 -25.79
CA LEU F 278 -10.80 -28.35 -24.85
C LEU F 278 -10.68 -26.87 -25.24
N PHE F 279 -9.66 -26.50 -26.02
CA PHE F 279 -9.40 -25.09 -26.36
C PHE F 279 -8.99 -24.98 -27.80
N PRO F 280 -9.87 -25.35 -28.74
CA PRO F 280 -9.48 -25.38 -30.16
C PRO F 280 -9.16 -24.01 -30.74
N PHE F 281 -9.63 -22.94 -30.10
CA PHE F 281 -9.31 -21.59 -30.53
C PHE F 281 -7.85 -21.24 -30.29
N SER F 282 -7.13 -22.01 -29.49
CA SER F 282 -5.79 -21.66 -29.10
C SER F 282 -4.83 -21.65 -30.29
N GLY F 283 -3.89 -20.70 -30.27
CA GLY F 283 -2.89 -20.58 -31.31
C GLY F 283 -1.71 -21.51 -31.18
N LEU F 284 -1.70 -22.38 -30.17
CA LEU F 284 -0.61 -23.32 -29.93
C LEU F 284 -1.11 -24.72 -30.23
N LYS F 285 -0.66 -25.30 -31.34
CA LYS F 285 -1.00 -26.68 -31.68
C LYS F 285 0.25 -27.56 -31.69
N GLY F 286 0.05 -28.83 -31.37
CA GLY F 286 1.13 -29.78 -31.39
C GLY F 286 1.92 -29.89 -30.10
N GLY F 287 1.49 -29.22 -29.03
CA GLY F 287 2.15 -29.27 -27.74
C GLY F 287 3.30 -28.29 -27.55
N ALA F 288 3.39 -27.67 -26.39
CA ALA F 288 4.46 -26.71 -26.12
C ALA F 288 5.79 -27.42 -25.88
N ASN F 289 6.88 -26.82 -26.37
CA ASN F 289 8.21 -27.25 -25.97
C ASN F 289 8.97 -26.16 -25.21
N VAL F 290 8.33 -25.02 -24.95
CA VAL F 290 8.86 -23.97 -24.10
C VAL F 290 7.81 -23.64 -23.04
N LEU F 291 8.16 -23.84 -21.77
CA LEU F 291 7.27 -23.62 -20.62
C LEU F 291 7.81 -22.49 -19.77
N VAL F 292 7.11 -21.36 -19.75
CA VAL F 292 7.51 -20.19 -18.99
C VAL F 292 6.69 -20.14 -17.71
N PHE F 293 7.36 -19.96 -16.61
CA PHE F 293 6.67 -20.12 -15.33
C PHE F 293 6.31 -18.76 -14.72
N PRO F 294 5.29 -18.72 -13.87
CA PRO F 294 4.84 -17.40 -13.37
C PRO F 294 5.62 -16.87 -12.19
N ASN F 295 6.29 -17.75 -11.44
CA ASN F 295 7.08 -17.35 -10.27
C ASN F 295 8.12 -18.42 -9.99
N LEU F 296 9.07 -18.09 -9.11
CA LEU F 296 10.22 -18.96 -8.92
C LEU F 296 9.86 -20.23 -8.19
N GLU F 297 8.91 -20.18 -7.25
CA GLU F 297 8.47 -21.39 -6.55
C GLU F 297 8.04 -22.45 -7.55
N SER F 298 7.24 -22.06 -8.54
CA SER F 298 6.67 -23.05 -9.43
C SER F 298 7.75 -23.60 -10.37
N SER F 299 8.58 -22.71 -10.92
CA SER F 299 9.64 -23.17 -11.82
C SER F 299 10.66 -24.05 -11.09
N ASN F 300 11.08 -23.62 -9.90
CA ASN F 300 12.16 -24.32 -9.20
C ASN F 300 11.71 -25.66 -8.66
N ILE F 301 10.52 -25.71 -8.06
CA ILE F 301 10.01 -26.97 -7.54
C ILE F 301 9.78 -27.97 -8.68
N ALA F 302 9.29 -27.48 -9.82
CA ALA F 302 8.90 -28.39 -10.90
C ALA F 302 10.09 -29.15 -11.47
N TYR F 303 11.13 -28.44 -11.87
CA TYR F 303 12.22 -29.16 -12.52
C TYR F 303 12.89 -30.12 -11.53
N LYS F 304 12.95 -29.76 -10.23
CA LYS F 304 13.58 -30.67 -9.27
C LYS F 304 12.69 -31.88 -9.01
N LEU F 305 11.38 -31.70 -9.01
CA LEU F 305 10.49 -32.85 -8.87
C LEU F 305 10.54 -33.73 -10.12
N ILE F 306 10.52 -33.13 -11.32
CA ILE F 306 10.69 -33.93 -12.54
C ILE F 306 12.01 -34.68 -12.48
N GLN F 307 13.08 -34.02 -12.04
CA GLN F 307 14.39 -34.65 -12.03
C GLN F 307 14.42 -35.84 -11.08
N GLN F 308 13.74 -35.74 -9.93
CA GLN F 308 13.84 -36.79 -8.92
C GLN F 308 12.87 -37.95 -9.20
N ILE F 309 11.63 -37.64 -9.58
CA ILE F 309 10.60 -38.65 -9.79
C ILE F 309 10.19 -38.63 -11.27
N GLY F 310 9.94 -39.80 -11.81
CA GLY F 310 9.72 -39.91 -13.25
C GLY F 310 11.03 -40.16 -13.97
N LYS F 311 10.96 -40.86 -15.10
CA LYS F 311 12.31 -41.06 -15.62
C LYS F 311 12.61 -40.27 -16.89
N ALA F 312 12.76 -38.97 -16.69
CA ALA F 312 13.20 -38.05 -17.73
C ALA F 312 14.50 -37.44 -17.23
N GLU F 313 15.48 -37.29 -18.12
CA GLU F 313 16.70 -36.58 -17.75
C GLU F 313 16.41 -35.08 -17.80
N VAL F 314 16.90 -34.37 -16.80
CA VAL F 314 16.84 -32.92 -16.77
C VAL F 314 18.26 -32.39 -16.73
N ILE F 315 18.58 -31.49 -17.65
CA ILE F 315 19.90 -30.89 -17.75
C ILE F 315 19.77 -29.41 -17.43
N GLY F 316 20.77 -28.87 -16.73
CA GLY F 316 20.74 -27.49 -16.32
C GLY F 316 20.76 -27.40 -14.82
N PRO F 317 20.52 -26.20 -14.27
CA PRO F 317 20.09 -25.00 -15.01
C PRO F 317 21.24 -24.26 -15.69
N PHE F 318 20.93 -23.57 -16.77
CA PHE F 318 21.83 -22.70 -17.53
C PHE F 318 21.36 -21.26 -17.40
N LEU F 319 22.31 -20.36 -17.18
CA LEU F 319 22.04 -18.94 -16.97
C LEU F 319 21.94 -18.26 -18.34
N THR F 320 20.75 -17.81 -18.70
CA THR F 320 20.55 -17.07 -19.94
C THR F 320 20.48 -15.58 -19.66
N GLY F 321 20.65 -14.78 -20.71
CA GLY F 321 20.55 -13.35 -20.60
C GLY F 321 21.86 -12.62 -20.27
N VAL F 322 22.97 -13.34 -20.10
CA VAL F 322 24.22 -12.75 -19.63
C VAL F 322 25.16 -12.60 -20.81
N ARG F 323 26.03 -11.59 -20.73
CA ARG F 323 26.89 -11.17 -21.85
C ARG F 323 27.89 -12.24 -22.26
N ARG F 324 28.35 -13.07 -21.31
CA ARG F 324 29.35 -14.10 -21.56
C ARG F 324 28.91 -15.41 -20.97
N SER F 325 29.57 -16.48 -21.38
CA SER F 325 29.16 -17.83 -21.01
C SER F 325 29.56 -18.11 -19.56
N ALA F 326 28.56 -18.27 -18.70
CA ALA F 326 28.81 -18.50 -17.28
C ALA F 326 27.62 -19.25 -16.75
N ASN F 327 27.81 -20.48 -16.24
CA ASN F 327 26.70 -21.26 -15.76
C ASN F 327 26.91 -21.70 -14.34
N VAL F 328 25.83 -21.72 -13.56
CA VAL F 328 25.87 -22.07 -12.15
C VAL F 328 25.14 -23.40 -11.96
N LEU F 329 25.86 -24.36 -11.42
CA LEU F 329 25.33 -25.66 -11.07
C LEU F 329 24.42 -25.56 -9.85
N GLN F 330 23.37 -26.36 -9.85
CA GLN F 330 22.60 -26.50 -8.62
C GLN F 330 23.44 -27.27 -7.62
N ARG F 331 23.31 -26.86 -6.36
CA ARG F 331 24.12 -27.40 -5.29
C ARG F 331 23.87 -28.90 -5.08
N THR F 332 22.68 -29.36 -5.43
CA THR F 332 22.22 -30.74 -5.34
C THR F 332 22.73 -31.61 -6.49
N THR F 333 23.61 -31.11 -7.34
CA THR F 333 23.97 -31.78 -8.58
C THR F 333 24.72 -33.09 -8.33
N THR F 334 24.65 -33.98 -9.32
CA THR F 334 25.47 -35.17 -9.40
C THR F 334 26.67 -34.91 -10.31
N VAL F 335 27.55 -35.91 -10.40
CA VAL F 335 28.72 -35.84 -11.28
C VAL F 335 28.31 -35.83 -12.76
N ASP F 336 27.34 -36.68 -13.15
CA ASP F 336 26.86 -36.63 -14.53
C ASP F 336 26.18 -35.30 -14.82
N GLY F 337 25.42 -34.77 -13.86
CA GLY F 337 24.86 -33.44 -14.00
C GLY F 337 25.91 -32.42 -14.39
N ILE F 338 27.06 -32.43 -13.70
CA ILE F 338 28.15 -31.50 -14.02
C ILE F 338 28.68 -31.75 -15.42
N VAL F 339 28.85 -33.02 -15.81
CA VAL F 339 29.36 -33.31 -17.14
C VAL F 339 28.43 -32.70 -18.20
N ASN F 340 27.12 -32.91 -18.05
CA ASN F 340 26.15 -32.34 -18.98
C ASN F 340 26.27 -30.82 -19.04
N SER F 341 26.39 -30.18 -17.87
CA SER F 341 26.41 -28.73 -17.84
C SER F 341 27.65 -28.17 -18.53
N VAL F 342 28.78 -28.85 -18.38
CA VAL F 342 30.02 -28.40 -19.02
C VAL F 342 29.94 -28.53 -20.54
N VAL F 343 29.32 -29.60 -21.03
CA VAL F 343 29.15 -29.78 -22.47
C VAL F 343 28.40 -28.59 -23.05
N PHE F 344 27.30 -28.20 -22.42
CA PHE F 344 26.50 -27.12 -22.97
C PHE F 344 27.12 -25.76 -22.69
N THR F 345 27.88 -25.63 -21.59
CA THR F 345 28.66 -24.41 -21.39
C THR F 345 29.70 -24.25 -22.49
N ALA F 346 30.32 -25.35 -22.93
CA ALA F 346 31.29 -25.27 -24.03
C ALA F 346 30.62 -24.85 -25.32
N LEU F 347 29.43 -25.38 -25.61
CA LEU F 347 28.67 -24.95 -26.77
C LEU F 347 28.35 -23.46 -26.69
N GLU F 348 27.84 -23.03 -25.53
CA GLU F 348 27.53 -21.63 -25.32
C GLU F 348 28.76 -20.74 -25.46
N ALA F 349 29.91 -21.17 -24.89
CA ALA F 349 31.15 -20.42 -25.05
C ALA F 349 31.55 -20.30 -26.51
N GLN F 350 31.44 -21.38 -27.26
CA GLN F 350 31.79 -21.33 -28.69
C GLN F 350 30.88 -20.39 -29.46
N TYR F 351 29.58 -20.42 -29.17
CA TYR F 351 28.62 -19.52 -29.83
C TYR F 351 28.89 -18.06 -29.46
N ILE F 352 29.06 -17.76 -28.17
CA ILE F 352 29.29 -16.38 -27.76
C ILE F 352 30.61 -15.85 -28.34
N LYS F 353 31.57 -16.74 -28.60
CA LYS F 353 32.82 -16.27 -29.17
C LYS F 353 32.69 -15.95 -30.65
N GLU F 354 31.70 -16.55 -31.33
CA GLU F 354 31.43 -16.14 -32.71
C GLU F 354 30.71 -14.81 -32.74
N VAL F 355 29.79 -14.59 -31.79
CA VAL F 355 29.11 -13.31 -31.72
C VAL F 355 30.11 -12.19 -31.42
N LEU F 356 31.01 -12.42 -30.46
CA LEU F 356 31.97 -11.39 -30.08
C LEU F 356 32.90 -11.04 -31.23
N LYS F 357 33.13 -11.98 -32.15
CA LYS F 357 33.99 -11.66 -33.28
C LYS F 357 33.25 -10.82 -34.31
N SER F 358 32.03 -11.25 -34.69
CA SER F 358 31.19 -10.43 -35.56
C SER F 358 31.09 -8.98 -35.08
N ARG F 359 31.16 -8.75 -33.77
CA ARG F 359 30.99 -7.39 -33.26
C ARG F 359 32.34 -6.68 -33.00
#